data_7EZP
#
_entry.id   7EZP
#
_cell.length_a   67.100
_cell.length_b   143.000
_cell.length_c   73.600
_cell.angle_alpha   90.000
_cell.angle_beta   107.740
_cell.angle_gamma   90.000
#
_symmetry.space_group_name_H-M   'P 1 21 1'
#
loop_
_entity.id
_entity.type
_entity.pdbx_description
1 polymer 'Fructose-1,6-bisphosphatase 1'
2 non-polymer 1,6-di-O-phosphono-beta-D-fructofuranose
3 non-polymer '3-(3-hydroxy-3-oxopropyl)-5-(2-methylpropyl)-7-nitro-1H-indole-2-carboxylic acid'
4 water water
#
_entity_poly.entity_id   1
_entity_poly.type   'polypeptide(L)'
_entity_poly.pdbx_seq_one_letter_code
;MADQAPFDTDVNTLTRFVMEEGRKARGTGELTQLLNSLCTAVKAISSAVRKAGIAHLYGIAGSTNVTGDQVKKLDVLSND
LVMNMLKSSFATCVLVSEEDKHAIIVEPEKRGKYVVCFDPLDGSSNIDCLVSVGTIFGIYRKKSTDEPSEKDALQPGRNL
VAAGYALYGSATMLVLAMDCGVNCFMLDPAIGEFILVDKDVKIKKKGKIYSLNEGYARDFDPAVTEYIQRKKFPPDNSAP
YGARYVGSMVADVHRTLVYGGIFLYPANKKSPNGKLRLLYECNPMAYVMEKAGGMATTGKEAVLDVIPTDIHQRAPVILG
SPDDVLEFLKVYEKHSAQ
;
_entity_poly.pdbx_strand_id   A,B,C,D
#
loop_
_chem_comp.id
_chem_comp.type
_chem_comp.name
_chem_comp.formula
0GI non-polymer '3-(3-hydroxy-3-oxopropyl)-5-(2-methylpropyl)-7-nitro-1H-indole-2-carboxylic acid' 'C16 H18 N2 O6'
FBP D-saccharide, beta linking 1,6-di-O-phosphono-beta-D-fructofuranose 'C6 H14 O12 P2'
#
# COMPACT_ATOMS: atom_id res chain seq x y z
N THR A 9 6.33 -8.69 -25.67
CA THR A 9 7.25 -7.63 -25.23
C THR A 9 7.64 -7.86 -23.76
N ASP A 10 8.91 -7.61 -23.46
CA ASP A 10 9.38 -7.70 -22.06
C ASP A 10 8.71 -6.64 -21.20
N VAL A 11 8.73 -6.86 -19.90
CA VAL A 11 8.32 -5.81 -18.95
C VAL A 11 9.47 -4.83 -18.79
N ASN A 12 9.15 -3.59 -18.47
CA ASN A 12 10.18 -2.58 -18.18
C ASN A 12 9.71 -1.67 -17.06
N THR A 13 10.68 -1.13 -16.33
CA THR A 13 10.45 -0.13 -15.28
C THR A 13 11.01 1.21 -15.73
N LEU A 14 10.61 2.27 -15.06
CA LEU A 14 11.23 3.59 -15.28
C LEU A 14 12.72 3.52 -14.94
N THR A 15 13.05 2.88 -13.83
CA THR A 15 14.45 2.79 -13.38
C THR A 15 15.30 2.04 -14.41
N ARG A 16 14.83 0.89 -14.87
CA ARG A 16 15.61 0.07 -15.81
C ARG A 16 15.74 0.77 -17.16
N PHE A 17 14.66 1.37 -17.64
CA PHE A 17 14.69 2.23 -18.84
C PHE A 17 15.81 3.27 -18.71
N VAL A 18 15.80 4.01 -17.61
CA VAL A 18 16.73 5.15 -17.42
C VAL A 18 18.16 4.63 -17.30
N MET A 19 18.35 3.48 -16.67
CA MET A 19 19.70 2.88 -16.57
C MET A 19 20.18 2.39 -17.94
N GLU A 20 19.29 1.94 -18.82
CA GLU A 20 19.75 1.37 -20.10
C GLU A 20 20.11 2.50 -21.06
N GLU A 21 19.34 3.58 -21.06
CA GLU A 21 19.60 4.70 -21.97
C GLU A 21 20.94 5.34 -21.63
N GLY A 22 21.30 5.39 -20.35
CA GLY A 22 22.58 5.97 -19.91
C GLY A 22 23.74 5.03 -20.15
N ARG A 23 23.50 3.72 -20.11
CA ARG A 23 24.55 2.73 -20.44
C ARG A 23 24.95 2.92 -21.90
N LYS A 24 24.00 3.35 -22.74
CA LYS A 24 24.26 3.54 -24.19
C LYS A 24 25.06 4.83 -24.37
N ALA A 25 24.82 5.81 -23.52
CA ALA A 25 25.48 7.13 -23.62
C ALA A 25 26.91 7.03 -23.11
N ARG A 26 27.25 5.92 -22.44
CA ARG A 26 28.61 5.69 -21.89
C ARG A 26 29.09 6.98 -21.23
N GLY A 27 28.38 7.44 -20.20
CA GLY A 27 28.65 8.78 -19.65
C GLY A 27 28.96 8.80 -18.16
N THR A 28 28.87 9.99 -17.58
CA THR A 28 29.17 10.25 -16.16
C THR A 28 28.27 9.42 -15.25
N GLY A 29 26.96 9.40 -15.52
CA GLY A 29 25.99 8.78 -14.62
C GLY A 29 25.14 9.79 -13.87
N GLU A 30 25.32 11.07 -14.12
CA GLU A 30 24.60 12.11 -13.35
C GLU A 30 23.13 12.17 -13.77
N LEU A 31 22.83 12.08 -15.05
CA LEU A 31 21.43 12.18 -15.50
C LEU A 31 20.63 10.95 -15.06
N THR A 32 21.26 9.78 -15.07
CA THR A 32 20.56 8.57 -14.60
C THR A 32 20.21 8.72 -13.12
N GLN A 33 21.16 9.16 -12.31
CA GLN A 33 20.88 9.37 -10.87
C GLN A 33 19.86 10.49 -10.69
N LEU A 34 19.94 11.54 -11.51
CA LEU A 34 18.96 12.64 -11.43
C LEU A 34 17.56 12.09 -11.64
N LEU A 35 17.37 11.27 -12.66
CA LEU A 35 16.00 10.78 -13.00
C LEU A 35 15.51 9.83 -11.92
N ASN A 36 16.37 8.95 -11.43
CA ASN A 36 16.04 8.09 -10.27
C ASN A 36 15.68 8.90 -9.03
N SER A 37 16.27 10.08 -8.82
CA SER A 37 15.90 10.87 -7.63
C SER A 37 14.51 11.47 -7.84
N LEU A 38 14.25 11.99 -9.03
CA LEU A 38 12.92 12.55 -9.36
C LEU A 38 11.86 11.45 -9.25
N CYS A 39 12.14 10.29 -9.83
CA CYS A 39 11.30 9.08 -9.66
C CYS A 39 10.94 8.88 -8.19
N THR A 40 11.95 8.74 -7.34
CA THR A 40 11.72 8.48 -5.90
C THR A 40 10.91 9.60 -5.28
N ALA A 41 11.21 10.85 -5.62
CA ALA A 41 10.51 12.00 -5.02
C ALA A 41 9.03 11.96 -5.41
N VAL A 42 8.72 11.52 -6.63
CA VAL A 42 7.33 11.51 -7.11
C VAL A 42 6.53 10.46 -6.35
N LYS A 43 7.09 9.28 -6.17
CA LYS A 43 6.40 8.21 -5.42
C LYS A 43 6.12 8.67 -3.99
N ALA A 44 7.01 9.47 -3.42
CA ALA A 44 6.78 10.07 -2.09
C ALA A 44 5.64 11.08 -2.16
N ILE A 45 5.67 11.96 -3.14
CA ILE A 45 4.60 12.96 -3.31
C ILE A 45 3.26 12.23 -3.51
N SER A 46 3.26 11.20 -4.33
CA SER A 46 2.03 10.42 -4.60
C SER A 46 1.45 9.90 -3.29
N SER A 47 2.30 9.38 -2.41
CA SER A 47 1.82 8.80 -1.14
C SER A 47 1.22 9.89 -0.25
N ALA A 48 1.83 11.07 -0.23
CA ALA A 48 1.35 12.18 0.63
C ALA A 48 0.12 12.83 0.03
N VAL A 49 -0.03 12.81 -1.29
CA VAL A 49 -1.23 13.38 -1.93
C VAL A 49 -2.41 12.43 -1.75
N ARG A 50 -2.17 11.13 -1.77
CA ARG A 50 -3.21 10.12 -1.50
C ARG A 50 -3.51 10.01 0.00
N LYS A 51 -2.87 10.82 0.84
CA LYS A 51 -3.25 11.03 2.26
C LYS A 51 -2.93 9.79 3.10
N ALA A 52 -1.82 9.13 2.82
CA ALA A 52 -1.33 8.04 3.68
C ALA A 52 -0.84 8.63 5.00
N GLY A 53 -1.45 8.23 6.10
CA GLY A 53 -1.07 8.73 7.43
C GLY A 53 -1.95 9.86 7.94
N ILE A 54 -2.97 10.26 7.20
CA ILE A 54 -3.87 11.34 7.65
C ILE A 54 -4.56 10.92 8.95
N ALA A 55 -4.68 9.62 9.20
CA ALA A 55 -5.31 9.13 10.45
C ALA A 55 -4.47 9.57 11.65
N HIS A 56 -3.17 9.76 11.47
CA HIS A 56 -2.30 10.22 12.57
C HIS A 56 -2.60 11.67 12.93
N LEU A 57 -3.13 12.46 12.00
CA LEU A 57 -3.49 13.86 12.29
C LEU A 57 -4.86 13.95 12.96
N TYR A 58 -5.62 12.87 13.00
CA TYR A 58 -6.98 12.89 13.60
C TYR A 58 -7.08 11.92 14.76
N GLY A 59 -5.95 11.53 15.35
CA GLY A 59 -5.92 10.86 16.65
C GLY A 59 -5.91 9.34 16.60
N ILE A 60 -5.13 8.76 15.70
CA ILE A 60 -5.03 7.28 15.67
C ILE A 60 -4.15 6.82 16.83
N ALA A 61 -3.10 7.58 17.14
CA ALA A 61 -2.21 7.28 18.28
C ALA A 61 -2.33 8.33 19.37
N GLY A 62 -2.56 9.59 19.00
CA GLY A 62 -2.58 10.70 19.98
C GLY A 62 -1.17 11.06 20.40
N SER A 63 -0.41 10.09 20.90
CA SER A 63 1.02 10.28 21.23
C SER A 63 1.20 11.44 22.21
N LYS A 73 0.71 22.27 3.54
CA LYS A 73 1.94 21.46 3.59
C LYS A 73 2.24 20.84 2.24
N LEU A 74 1.20 20.37 1.57
CA LEU A 74 1.37 19.36 0.51
C LEU A 74 2.15 19.95 -0.66
N ASP A 75 1.90 21.20 -1.01
CA ASP A 75 2.71 21.87 -2.06
C ASP A 75 4.09 22.23 -1.52
N VAL A 76 4.18 22.59 -0.25
CA VAL A 76 5.48 22.91 0.36
C VAL A 76 6.28 21.62 0.54
N LEU A 77 5.62 20.54 0.96
CA LEU A 77 6.30 19.25 1.13
C LEU A 77 6.73 18.68 -0.22
N SER A 78 5.98 18.98 -1.27
CA SER A 78 6.38 18.56 -2.64
C SER A 78 7.68 19.26 -3.03
N ASN A 79 7.79 20.54 -2.70
CA ASN A 79 9.02 21.30 -3.01
C ASN A 79 10.19 20.74 -2.21
N ASP A 80 9.99 20.53 -0.92
CA ASP A 80 11.07 20.02 -0.04
C ASP A 80 11.59 18.68 -0.56
N LEU A 81 10.70 17.83 -1.07
CA LEU A 81 11.10 16.47 -1.50
C LEU A 81 11.91 16.52 -2.79
N VAL A 82 11.41 17.25 -3.78
CA VAL A 82 12.11 17.33 -5.09
C VAL A 82 13.43 18.08 -4.93
N MET A 83 13.43 19.13 -4.12
CA MET A 83 14.68 19.88 -3.84
C MET A 83 15.70 18.96 -3.17
N ASN A 84 15.33 18.32 -2.08
CA ASN A 84 16.24 17.43 -1.34
C ASN A 84 16.73 16.29 -2.25
N MET A 85 15.81 15.69 -3.00
CA MET A 85 16.15 14.49 -3.78
C MET A 85 17.09 14.84 -4.94
N LEU A 86 16.93 16.01 -5.56
CA LEU A 86 17.84 16.40 -6.65
C LEU A 86 19.20 16.81 -6.09
N LYS A 87 19.24 17.40 -4.91
CA LYS A 87 20.53 17.72 -4.28
C LYS A 87 21.28 16.44 -3.90
N SER A 88 20.57 15.42 -3.44
CA SER A 88 21.24 14.14 -3.07
C SER A 88 21.73 13.40 -4.31
N SER A 89 21.29 13.79 -5.50
CA SER A 89 21.66 13.08 -6.74
C SER A 89 23.09 13.43 -7.16
N PHE A 90 23.62 14.54 -6.66
CA PHE A 90 24.96 15.03 -7.05
C PHE A 90 25.03 15.31 -8.55
N ALA A 91 23.88 15.65 -9.13
CA ALA A 91 23.78 15.87 -10.59
C ALA A 91 23.29 17.27 -10.93
N THR A 92 22.93 18.08 -9.93
CA THR A 92 22.33 19.40 -10.19
C THR A 92 23.25 20.49 -9.70
N CYS A 93 23.21 21.63 -10.39
CA CYS A 93 23.89 22.87 -9.93
C CYS A 93 22.89 23.99 -9.69
N VAL A 94 21.90 24.14 -10.56
CA VAL A 94 20.90 25.22 -10.44
C VAL A 94 19.51 24.59 -10.46
N LEU A 95 18.66 25.05 -9.55
CA LEU A 95 17.28 24.54 -9.42
C LEU A 95 16.32 25.72 -9.35
N VAL A 96 15.26 25.65 -10.16
CA VAL A 96 14.20 26.68 -10.18
C VAL A 96 12.88 25.99 -9.86
N SER A 97 12.13 26.58 -8.95
CA SER A 97 10.81 26.04 -8.53
C SER A 97 9.76 27.15 -8.60
N GLU A 98 8.52 26.76 -8.80
CA GLU A 98 7.39 27.72 -8.71
C GLU A 98 7.36 28.36 -7.32
N GLU A 99 7.84 27.66 -6.32
CA GLU A 99 7.67 28.05 -4.90
C GLU A 99 8.74 29.04 -4.45
N ASP A 100 9.91 29.02 -5.06
CA ASP A 100 11.06 29.87 -4.63
C ASP A 100 11.20 31.03 -5.60
N LYS A 101 11.26 32.25 -5.07
CA LYS A 101 11.32 33.44 -5.95
C LYS A 101 12.62 33.44 -6.76
N HIS A 102 13.74 33.12 -6.11
CA HIS A 102 15.04 33.06 -6.81
C HIS A 102 15.45 31.61 -7.02
N ALA A 103 16.39 31.40 -7.92
CA ALA A 103 16.96 30.07 -8.16
C ALA A 103 17.67 29.57 -6.89
N ILE A 104 17.84 28.26 -6.81
CA ILE A 104 18.59 27.59 -5.73
C ILE A 104 19.92 27.14 -6.30
N ILE A 105 21.00 27.79 -5.90
CA ILE A 105 22.36 27.39 -6.33
C ILE A 105 22.87 26.33 -5.37
N VAL A 106 23.14 25.14 -5.89
CA VAL A 106 23.43 23.95 -5.06
C VAL A 106 24.76 24.11 -4.34
N GLU A 107 24.87 23.43 -3.21
CA GLU A 107 26.13 23.42 -2.43
C GLU A 107 27.23 22.78 -3.26
N PRO A 108 28.47 23.30 -3.20
CA PRO A 108 29.53 22.80 -4.07
C PRO A 108 29.86 21.31 -3.89
N GLU A 109 29.70 20.78 -2.69
CA GLU A 109 30.06 19.37 -2.44
C GLU A 109 29.04 18.41 -3.05
N LYS A 110 27.85 18.90 -3.40
CA LYS A 110 26.80 18.06 -4.01
C LYS A 110 26.51 18.50 -5.45
N ARG A 111 27.43 19.21 -6.08
CA ARG A 111 27.14 19.95 -7.32
C ARG A 111 27.41 19.10 -8.56
N GLY A 112 26.58 19.31 -9.56
CA GLY A 112 26.68 18.60 -10.85
C GLY A 112 26.43 19.50 -12.03
N LYS A 113 26.19 18.92 -13.21
CA LYS A 113 26.21 19.70 -14.46
C LYS A 113 24.80 20.01 -14.99
N TYR A 114 23.75 19.68 -14.26
CA TYR A 114 22.37 19.81 -14.79
C TYR A 114 21.59 20.90 -14.09
N VAL A 115 20.78 21.61 -14.86
CA VAL A 115 19.83 22.61 -14.36
C VAL A 115 18.42 22.03 -14.48
N VAL A 116 17.68 22.06 -13.39
CA VAL A 116 16.30 21.51 -13.37
C VAL A 116 15.34 22.63 -13.00
N CYS A 117 14.27 22.75 -13.78
CA CYS A 117 13.17 23.69 -13.51
C CYS A 117 11.90 22.87 -13.32
N PHE A 118 11.16 23.12 -12.26
CA PHE A 118 10.00 22.26 -11.98
C PHE A 118 8.92 23.01 -11.22
N ASP A 119 7.69 22.56 -11.45
CA ASP A 119 6.51 22.92 -10.64
C ASP A 119 6.23 21.74 -9.73
N PRO A 120 6.48 21.84 -8.42
CA PRO A 120 6.45 20.65 -7.57
C PRO A 120 5.04 20.05 -7.41
N LEU A 121 4.02 20.89 -7.28
CA LEU A 121 2.63 20.43 -7.22
C LEU A 121 1.76 21.42 -7.99
N ASP A 122 1.63 21.16 -9.29
CA ASP A 122 0.87 22.05 -10.18
C ASP A 122 -0.63 21.82 -9.99
N GLY A 123 -1.38 22.90 -9.85
CA GLY A 123 -2.85 22.84 -9.71
C GLY A 123 -3.33 22.72 -8.29
N SER A 124 -2.44 22.68 -7.30
CA SER A 124 -2.81 22.44 -5.89
C SER A 124 -3.31 23.71 -5.20
N SER A 125 -3.56 24.80 -5.94
CA SER A 125 -4.34 25.92 -5.38
C SER A 125 -5.82 25.54 -5.30
N ASN A 126 -6.22 24.46 -5.98
CA ASN A 126 -7.59 23.90 -5.90
C ASN A 126 -7.57 22.51 -5.26
N ILE A 127 -6.47 22.13 -4.62
CA ILE A 127 -6.30 20.74 -4.13
C ILE A 127 -7.37 20.39 -3.10
N ASP A 128 -8.02 21.37 -2.49
CA ASP A 128 -9.05 21.07 -1.46
C ASP A 128 -10.21 20.29 -2.07
N CYS A 129 -10.52 20.50 -3.34
CA CYS A 129 -11.58 19.74 -4.01
C CYS A 129 -11.04 18.42 -4.58
N LEU A 130 -9.78 18.09 -4.30
CA LEU A 130 -9.14 16.81 -4.70
C LEU A 130 -9.02 16.70 -6.22
N VAL A 131 -8.91 17.84 -6.87
CA VAL A 131 -8.67 17.87 -8.33
C VAL A 131 -7.31 17.23 -8.64
N SER A 132 -7.20 16.64 -9.83
CA SER A 132 -5.92 16.06 -10.31
C SER A 132 -4.82 17.12 -10.23
N VAL A 133 -3.67 16.71 -9.72
CA VAL A 133 -2.50 17.61 -9.60
C VAL A 133 -1.28 16.86 -10.13
N GLY A 134 -0.20 17.59 -10.31
CA GLY A 134 0.99 17.00 -10.92
C GLY A 134 2.28 17.70 -10.57
N THR A 135 3.37 17.04 -10.96
CA THR A 135 4.73 17.58 -10.88
C THR A 135 5.27 17.71 -12.30
N ILE A 136 5.65 18.91 -12.68
CA ILE A 136 6.19 19.18 -14.04
C ILE A 136 7.69 19.44 -13.90
N PHE A 137 8.47 18.85 -14.79
CA PHE A 137 9.94 19.05 -14.74
C PHE A 137 10.51 19.23 -16.13
N GLY A 138 11.65 19.90 -16.18
CA GLY A 138 12.40 20.14 -17.42
C GLY A 138 13.86 20.26 -17.11
N ILE A 139 14.69 19.34 -17.59
CA ILE A 139 16.14 19.29 -17.23
C ILE A 139 17.00 19.85 -18.37
N TYR A 140 17.88 20.80 -18.05
CA TYR A 140 18.85 21.38 -19.01
C TYR A 140 20.27 21.05 -18.53
N ARG A 141 21.26 21.27 -19.38
CA ARG A 141 22.69 21.11 -19.00
C ARG A 141 23.35 22.47 -18.91
N LYS A 142 24.07 22.76 -17.83
CA LYS A 142 24.84 24.02 -17.74
C LYS A 142 25.68 24.15 -19.02
N LYS A 143 25.32 25.10 -19.87
CA LYS A 143 26.01 25.32 -21.15
C LYS A 143 27.16 26.31 -20.95
N SER A 144 27.22 26.94 -19.77
CA SER A 144 28.18 28.03 -19.48
C SER A 144 29.42 27.51 -18.75
N THR A 145 30.39 28.40 -18.55
CA THR A 145 31.62 28.08 -17.79
C THR A 145 31.60 28.93 -16.54
N ASP A 146 30.67 29.88 -16.48
CA ASP A 146 30.59 30.84 -15.35
C ASP A 146 30.29 30.13 -14.04
N GLU A 147 30.35 30.88 -12.96
CA GLU A 147 29.86 30.39 -11.66
C GLU A 147 28.36 30.18 -11.74
N PRO A 148 27.84 29.07 -11.18
CA PRO A 148 26.41 28.78 -11.29
C PRO A 148 25.54 29.93 -10.78
N SER A 149 24.53 30.27 -11.57
CA SER A 149 23.67 31.42 -11.26
C SER A 149 22.31 31.19 -11.91
N GLU A 150 21.39 32.11 -11.64
CA GLU A 150 20.04 32.08 -12.21
C GLU A 150 20.08 32.26 -13.73
N LYS A 151 21.13 32.86 -14.25
CA LYS A 151 21.28 33.07 -15.70
C LYS A 151 21.52 31.75 -16.44
N ASP A 152 21.71 30.65 -15.73
CA ASP A 152 21.87 29.33 -16.37
C ASP A 152 20.53 28.65 -16.63
N ALA A 153 19.46 29.11 -15.98
CA ALA A 153 18.10 28.58 -16.21
C ALA A 153 17.42 29.31 -17.36
N LEU A 154 17.97 30.44 -17.82
CA LEU A 154 17.35 31.24 -18.90
C LEU A 154 17.70 30.68 -20.29
N GLN A 155 17.85 29.37 -20.40
CA GLN A 155 17.99 28.70 -21.70
C GLN A 155 16.62 28.54 -22.35
N PRO A 156 16.54 28.55 -23.69
CA PRO A 156 15.28 28.29 -24.36
C PRO A 156 14.88 26.81 -24.29
N GLY A 157 13.64 26.55 -24.64
CA GLY A 157 13.09 25.18 -24.53
C GLY A 157 13.75 24.20 -25.47
N ARG A 158 14.27 24.65 -26.60
CA ARG A 158 14.88 23.72 -27.58
C ARG A 158 16.18 23.13 -27.03
N ASN A 159 16.76 23.73 -26.00
CA ASN A 159 17.98 23.19 -25.35
C ASN A 159 17.64 22.09 -24.35
N LEU A 160 16.36 21.72 -24.21
CA LEU A 160 15.96 20.76 -23.17
C LEU A 160 16.62 19.40 -23.42
N VAL A 161 17.19 18.84 -22.37
CA VAL A 161 17.79 17.49 -22.42
C VAL A 161 16.70 16.44 -22.19
N ALA A 162 15.87 16.65 -21.19
CA ALA A 162 14.73 15.79 -20.89
C ALA A 162 13.69 16.61 -20.16
N ALA A 163 12.43 16.28 -20.39
CA ALA A 163 11.32 16.95 -19.71
C ALA A 163 10.21 15.94 -19.48
N GLY A 164 9.18 16.38 -18.77
CA GLY A 164 8.02 15.53 -18.53
C GLY A 164 7.23 15.99 -17.35
N TYR A 165 6.34 15.12 -16.90
CA TYR A 165 5.46 15.42 -15.76
C TYR A 165 5.06 14.14 -15.07
N ALA A 166 4.73 14.28 -13.79
CA ALA A 166 4.06 13.22 -13.02
C ALA A 166 2.63 13.70 -12.77
N LEU A 167 1.66 12.82 -13.01
CA LEU A 167 0.24 13.16 -12.84
C LEU A 167 -0.32 12.34 -11.69
N TYR A 168 -0.80 13.02 -10.66
CA TYR A 168 -1.50 12.37 -9.52
C TYR A 168 -3.00 12.53 -9.74
N GLY A 169 -3.54 11.72 -10.64
CA GLY A 169 -4.97 11.75 -10.94
C GLY A 169 -5.69 10.55 -10.36
N SER A 170 -6.53 9.90 -11.16
CA SER A 170 -7.19 8.66 -10.74
C SER A 170 -6.13 7.62 -10.39
N ALA A 171 -5.05 7.61 -11.16
CA ALA A 171 -3.81 6.87 -10.82
C ALA A 171 -2.64 7.82 -11.02
N THR A 172 -1.46 7.37 -10.62
CA THR A 172 -0.25 8.19 -10.77
C THR A 172 0.56 7.69 -11.96
N MET A 173 0.85 8.61 -12.89
CA MET A 173 1.65 8.29 -14.09
C MET A 173 2.77 9.31 -14.21
N LEU A 174 3.95 8.84 -14.56
CA LEU A 174 5.07 9.71 -14.93
C LEU A 174 5.29 9.60 -16.43
N VAL A 175 5.22 10.72 -17.11
CA VAL A 175 5.44 10.80 -18.58
C VAL A 175 6.80 11.42 -18.78
N LEU A 176 7.73 10.65 -19.33
CA LEU A 176 9.13 11.11 -19.57
C LEU A 176 9.31 11.34 -21.06
N ALA A 177 9.83 12.52 -21.40
CA ALA A 177 10.10 12.89 -22.80
C ALA A 177 11.59 13.14 -22.97
N MET A 178 12.20 12.43 -23.92
CA MET A 178 13.60 12.67 -24.29
C MET A 178 13.74 12.55 -25.81
N ASP A 179 14.96 12.70 -26.28
CA ASP A 179 15.27 12.60 -27.73
C ASP A 179 14.80 11.27 -28.31
N CYS A 180 14.78 10.22 -27.49
CA CYS A 180 14.32 8.89 -27.94
C CYS A 180 12.80 8.81 -28.03
N GLY A 181 12.07 9.81 -27.56
CA GLY A 181 10.61 9.87 -27.67
C GLY A 181 9.96 10.09 -26.33
N VAL A 182 8.66 9.86 -26.30
CA VAL A 182 7.84 10.04 -25.08
C VAL A 182 7.42 8.66 -24.58
N ASN A 183 7.57 8.43 -23.29
CA ASN A 183 7.22 7.13 -22.68
C ASN A 183 6.43 7.35 -21.41
N CYS A 184 5.42 6.52 -21.22
CA CYS A 184 4.45 6.69 -20.11
C CYS A 184 4.52 5.50 -19.17
N PHE A 185 4.77 5.77 -17.90
CA PHE A 185 4.94 4.72 -16.87
C PHE A 185 3.86 4.89 -15.82
N MET A 186 3.12 3.82 -15.55
CA MET A 186 2.11 3.82 -14.48
C MET A 186 2.77 3.45 -13.16
N LEU A 187 2.42 4.20 -12.11
CA LEU A 187 2.91 3.90 -10.77
C LEU A 187 2.05 2.78 -10.18
N ASP A 188 2.66 1.63 -9.97
CA ASP A 188 2.03 0.47 -9.29
C ASP A 188 2.25 0.65 -7.80
N PRO A 189 1.24 1.10 -7.03
CA PRO A 189 1.45 1.34 -5.62
C PRO A 189 1.70 0.07 -4.80
N ALA A 190 1.36 -1.10 -5.34
CA ALA A 190 1.54 -2.36 -4.60
C ALA A 190 3.01 -2.71 -4.44
N ILE A 191 3.87 -2.23 -5.33
CA ILE A 191 5.29 -2.64 -5.33
C ILE A 191 6.19 -1.41 -5.38
N GLY A 192 5.60 -0.23 -5.59
CA GLY A 192 6.38 1.01 -5.67
C GLY A 192 7.30 1.02 -6.87
N GLU A 193 6.75 0.71 -8.04
CA GLU A 193 7.54 0.70 -9.29
C GLU A 193 6.74 1.35 -10.39
N PHE A 194 7.43 2.08 -11.25
CA PHE A 194 6.82 2.68 -12.45
C PHE A 194 6.91 1.68 -13.59
N ILE A 195 5.76 1.11 -13.96
CA ILE A 195 5.69 0.13 -15.07
C ILE A 195 5.47 0.90 -16.37
N LEU A 196 6.31 0.63 -17.36
CA LEU A 196 6.14 1.21 -18.71
C LEU A 196 4.92 0.57 -19.37
N VAL A 197 3.96 1.40 -19.80
CA VAL A 197 2.66 0.91 -20.32
C VAL A 197 2.29 1.59 -21.64
N ASP A 198 3.14 2.46 -22.17
CA ASP A 198 2.87 3.24 -23.39
C ASP A 198 4.20 3.70 -23.97
N LYS A 199 4.75 2.85 -24.83
CA LYS A 199 6.07 3.10 -25.45
C LYS A 199 5.95 4.10 -26.60
N ASP A 200 6.99 4.90 -26.79
CA ASP A 200 7.11 5.96 -27.81
C ASP A 200 5.75 6.49 -28.25
N VAL A 201 5.04 7.12 -27.32
CA VAL A 201 3.69 7.65 -27.61
C VAL A 201 3.78 8.72 -28.70
N LYS A 202 2.76 8.78 -29.54
CA LYS A 202 2.58 9.88 -30.51
C LYS A 202 1.14 10.35 -30.46
N ILE A 203 0.95 11.65 -30.65
CA ILE A 203 -0.39 12.28 -30.50
C ILE A 203 -1.15 12.12 -31.81
N LYS A 204 -2.47 12.00 -31.68
CA LYS A 204 -3.35 11.90 -32.87
C LYS A 204 -3.23 13.15 -33.73
N LYS A 205 -3.51 12.99 -35.00
CA LYS A 205 -3.31 14.08 -35.98
C LYS A 205 -4.33 15.19 -35.75
N LYS A 206 -5.56 14.82 -35.39
CA LYS A 206 -6.63 15.80 -35.11
C LYS A 206 -7.51 15.25 -34.01
N GLY A 207 -7.96 16.12 -33.12
CA GLY A 207 -8.78 15.73 -31.98
C GLY A 207 -10.19 16.25 -32.05
N LYS A 208 -10.97 15.94 -31.01
CA LYS A 208 -12.38 16.37 -30.91
C LYS A 208 -12.65 17.03 -29.57
N ILE A 209 -11.62 17.49 -28.87
CA ILE A 209 -11.78 18.17 -27.56
C ILE A 209 -11.01 19.48 -27.60
N TYR A 210 -11.62 20.53 -27.06
CA TYR A 210 -10.96 21.83 -26.89
C TYR A 210 -10.97 22.20 -25.41
N SER A 211 -9.85 22.73 -24.93
CA SER A 211 -9.57 22.86 -23.49
C SER A 211 -9.13 24.27 -23.16
N LEU A 212 -9.99 25.03 -22.49
CA LEU A 212 -9.62 26.38 -22.02
C LEU A 212 -10.70 26.91 -21.09
N ASN A 213 -10.28 27.79 -20.20
CA ASN A 213 -11.20 28.54 -19.30
C ASN A 213 -11.95 29.57 -20.14
N GLU A 214 -13.22 29.30 -20.43
CA GLU A 214 -14.02 30.25 -21.21
C GLU A 214 -14.60 31.37 -20.34
N GLY A 215 -14.28 31.39 -19.04
CA GLY A 215 -14.70 32.49 -18.17
C GLY A 215 -14.01 33.80 -18.49
N TYR A 216 -13.09 33.77 -19.44
CA TYR A 216 -12.36 34.98 -19.85
C TYR A 216 -12.75 35.36 -21.29
N ALA A 217 -13.89 34.88 -21.78
CA ALA A 217 -14.34 35.15 -23.17
C ALA A 217 -14.40 36.65 -23.43
N ARG A 218 -14.73 37.46 -22.43
CA ARG A 218 -14.84 38.92 -22.57
C ARG A 218 -13.48 39.46 -23.01
N ASP A 219 -12.42 39.07 -22.31
CA ASP A 219 -11.08 39.66 -22.54
C ASP A 219 -10.24 38.76 -23.46
N PHE A 220 -10.88 37.92 -24.26
CA PHE A 220 -10.12 36.98 -25.12
C PHE A 220 -9.75 37.67 -26.43
N ASP A 221 -8.50 37.50 -26.85
CA ASP A 221 -8.03 38.04 -28.15
C ASP A 221 -9.01 37.60 -29.25
N PRO A 222 -9.31 38.48 -30.23
CA PRO A 222 -10.28 38.17 -31.27
C PRO A 222 -10.13 36.81 -31.97
N ALA A 223 -8.90 36.32 -32.18
CA ALA A 223 -8.66 35.06 -32.93
C ALA A 223 -9.08 33.85 -32.10
N VAL A 224 -8.85 33.88 -30.79
CA VAL A 224 -9.31 32.79 -29.88
C VAL A 224 -10.83 32.69 -30.00
N THR A 225 -11.52 33.84 -29.97
CA THR A 225 -13.00 33.89 -30.11
C THR A 225 -13.41 33.13 -31.37
N GLU A 226 -12.81 33.45 -32.52
CA GLU A 226 -13.15 32.83 -33.82
C GLU A 226 -12.91 31.32 -33.76
N TYR A 227 -11.80 30.87 -33.16
CA TYR A 227 -11.42 29.44 -33.11
C TYR A 227 -12.43 28.65 -32.26
N ILE A 228 -12.83 29.17 -31.11
CA ILE A 228 -13.73 28.43 -30.19
C ILE A 228 -15.14 28.42 -30.80
N GLN A 229 -15.44 29.40 -31.65
CA GLN A 229 -16.76 29.52 -32.30
C GLN A 229 -16.82 28.60 -33.53
N ARG A 230 -15.69 28.10 -34.00
CA ARG A 230 -15.63 27.13 -35.13
C ARG A 230 -15.63 25.72 -34.54
N LYS A 231 -15.44 25.61 -33.23
CA LYS A 231 -15.49 24.30 -32.53
C LYS A 231 -16.89 24.13 -31.99
N LYS A 232 -17.49 25.21 -31.49
CA LYS A 232 -18.87 25.16 -30.96
C LYS A 232 -19.84 25.12 -32.13
N PHE A 233 -19.67 26.01 -33.10
CA PHE A 233 -20.54 26.05 -34.30
C PHE A 233 -19.68 25.84 -35.55
N PRO A 234 -19.40 24.57 -35.94
CA PRO A 234 -18.66 24.28 -37.15
C PRO A 234 -19.56 24.40 -38.37
N PRO A 235 -19.22 25.26 -39.36
CA PRO A 235 -20.01 25.39 -40.57
C PRO A 235 -19.76 24.23 -41.56
N ASP A 236 -18.78 23.36 -41.31
CA ASP A 236 -18.37 22.30 -42.27
C ASP A 236 -19.22 21.03 -42.08
N ASN A 237 -20.52 21.14 -41.78
CA ASN A 237 -21.44 19.99 -41.57
C ASN A 237 -20.80 18.94 -40.66
N SER A 238 -19.80 19.31 -39.88
CA SER A 238 -19.02 18.33 -39.06
C SER A 238 -19.52 18.33 -37.63
N ALA A 239 -19.11 17.32 -36.88
CA ALA A 239 -19.48 17.23 -35.45
C ALA A 239 -18.73 18.32 -34.69
N PRO A 240 -19.42 19.13 -33.86
CA PRO A 240 -18.75 20.09 -32.99
C PRO A 240 -17.83 19.39 -31.98
N TYR A 241 -16.95 20.17 -31.40
CA TYR A 241 -15.97 19.64 -30.44
C TYR A 241 -16.60 19.55 -29.06
N GLY A 242 -16.06 18.65 -28.24
CA GLY A 242 -16.37 18.61 -26.81
C GLY A 242 -15.49 19.56 -26.03
N ALA A 243 -15.99 20.00 -24.88
CA ALA A 243 -15.26 20.93 -23.99
C ALA A 243 -14.84 20.22 -22.72
N ARG A 244 -13.57 20.35 -22.36
CA ARG A 244 -13.04 19.83 -21.08
C ARG A 244 -12.02 20.84 -20.55
N TYR A 245 -12.03 21.04 -19.24
CA TYR A 245 -11.03 21.90 -18.59
C TYR A 245 -11.00 21.54 -17.11
N VAL A 246 -9.99 20.76 -16.74
CA VAL A 246 -9.86 20.30 -15.33
C VAL A 246 -9.48 21.49 -14.44
N GLY A 247 -8.80 22.48 -15.00
CA GLY A 247 -8.28 23.58 -14.17
C GLY A 247 -6.91 23.30 -13.59
N SER A 248 -6.30 22.17 -13.95
CA SER A 248 -4.91 21.85 -13.61
C SER A 248 -4.20 21.46 -14.90
N MET A 249 -3.06 22.07 -15.16
CA MET A 249 -2.42 21.95 -16.49
C MET A 249 -2.05 20.48 -16.76
N VAL A 250 -1.50 19.79 -15.78
CA VAL A 250 -0.98 18.42 -15.99
C VAL A 250 -2.11 17.49 -16.46
N ALA A 251 -3.29 17.61 -15.86
CA ALA A 251 -4.42 16.74 -16.23
C ALA A 251 -4.94 17.14 -17.62
N ASP A 252 -5.05 18.43 -17.89
CA ASP A 252 -5.55 18.90 -19.20
C ASP A 252 -4.58 18.48 -20.32
N VAL A 253 -3.28 18.63 -20.08
CA VAL A 253 -2.28 18.28 -21.12
C VAL A 253 -2.27 16.77 -21.33
N HIS A 254 -2.33 16.01 -20.25
CA HIS A 254 -2.30 14.53 -20.37
C HIS A 254 -3.52 14.03 -21.14
N ARG A 255 -4.67 14.63 -20.91
CA ARG A 255 -5.87 14.26 -21.70
C ARG A 255 -5.66 14.64 -23.17
N THR A 256 -5.07 15.80 -23.41
CA THR A 256 -4.79 16.23 -24.80
C THR A 256 -3.81 15.26 -25.46
N LEU A 257 -2.86 14.73 -24.70
CA LEU A 257 -1.90 13.76 -25.28
C LEU A 257 -2.58 12.42 -25.51
N VAL A 258 -3.47 12.01 -24.62
CA VAL A 258 -4.03 10.64 -24.67
C VAL A 258 -5.15 10.57 -25.71
N TYR A 259 -6.01 11.59 -25.76
CA TYR A 259 -7.20 11.56 -26.62
C TYR A 259 -7.09 12.50 -27.81
N GLY A 260 -6.01 13.26 -27.91
CA GLY A 260 -5.91 14.28 -28.94
C GLY A 260 -6.78 15.48 -28.63
N GLY A 261 -6.54 16.56 -29.33
CA GLY A 261 -7.31 17.80 -29.14
C GLY A 261 -6.42 19.00 -28.98
N ILE A 262 -6.91 20.01 -28.28
CA ILE A 262 -6.15 21.29 -28.16
C ILE A 262 -6.30 21.85 -26.74
N PHE A 263 -5.19 22.26 -26.13
CA PHE A 263 -5.26 22.96 -24.82
C PHE A 263 -4.77 24.37 -25.03
N LEU A 264 -5.50 25.34 -24.46
CA LEU A 264 -5.18 26.75 -24.71
C LEU A 264 -5.21 27.54 -23.40
N TYR A 265 -4.10 28.15 -23.00
CA TYR A 265 -4.16 29.20 -21.95
C TYR A 265 -3.70 30.44 -22.67
N PRO A 266 -4.62 31.15 -23.32
CA PRO A 266 -4.25 32.29 -24.13
C PRO A 266 -4.15 33.57 -23.29
N ALA A 267 -3.59 34.62 -23.88
CA ALA A 267 -3.46 35.93 -23.22
C ALA A 267 -4.83 36.58 -23.00
N ASN A 268 -4.99 37.30 -21.89
CA ASN A 268 -6.25 38.04 -21.59
C ASN A 268 -5.88 39.33 -20.83
N LYS A 269 -6.85 40.16 -20.46
CA LYS A 269 -6.58 41.46 -19.79
C LYS A 269 -5.63 41.22 -18.62
N LYS A 270 -6.11 40.54 -17.58
CA LYS A 270 -5.21 40.14 -16.46
C LYS A 270 -4.33 39.03 -16.99
N SER A 271 -3.05 39.03 -16.64
CA SER A 271 -2.08 38.06 -17.21
C SER A 271 -2.10 38.14 -18.75
N PRO A 272 -1.53 39.23 -19.34
CA PRO A 272 -1.56 39.45 -20.79
C PRO A 272 -0.44 38.72 -21.54
N ASN A 273 0.44 38.06 -20.80
CA ASN A 273 1.49 37.22 -21.42
C ASN A 273 1.18 35.81 -20.96
N GLY A 274 -0.09 35.43 -20.88
CA GLY A 274 -0.49 34.14 -20.29
C GLY A 274 -0.37 34.17 -18.78
N LYS A 275 -0.88 33.16 -18.10
CA LYS A 275 -0.71 33.04 -16.63
C LYS A 275 0.30 31.93 -16.41
N LEU A 276 0.39 31.02 -17.37
CA LEU A 276 1.24 29.82 -17.21
C LEU A 276 2.70 30.21 -17.36
N ARG A 277 3.56 29.56 -16.59
CA ARG A 277 4.99 29.93 -16.52
C ARG A 277 5.78 29.21 -17.61
N LEU A 278 6.79 29.89 -18.13
CA LEU A 278 7.50 29.38 -19.31
C LEU A 278 8.45 28.25 -18.91
N LEU A 279 9.28 28.47 -17.89
CA LEU A 279 10.42 27.55 -17.67
C LEU A 279 9.95 26.19 -17.13
N TYR A 280 8.95 26.17 -16.24
CA TYR A 280 8.57 24.90 -15.59
C TYR A 280 7.13 24.48 -15.87
N GLU A 281 6.38 25.25 -16.66
CA GLU A 281 5.04 24.81 -17.09
C GLU A 281 4.97 24.72 -18.61
N CYS A 282 5.30 25.80 -19.32
CA CYS A 282 5.12 25.84 -20.78
C CYS A 282 6.17 24.97 -21.48
N ASN A 283 7.44 25.20 -21.17
CA ASN A 283 8.53 24.50 -21.90
C ASN A 283 8.47 22.98 -21.71
N PRO A 284 8.36 22.44 -20.47
CA PRO A 284 8.29 20.98 -20.35
C PRO A 284 7.11 20.37 -21.10
N MET A 285 5.96 21.03 -21.09
CA MET A 285 4.77 20.49 -21.79
C MET A 285 4.97 20.58 -23.31
N ALA A 286 5.57 21.66 -23.77
CA ALA A 286 5.83 21.83 -25.22
C ALA A 286 6.81 20.77 -25.71
N TYR A 287 7.80 20.44 -24.90
CA TYR A 287 8.80 19.42 -25.29
C TYR A 287 8.14 18.05 -25.41
N VAL A 288 7.23 17.74 -24.51
CA VAL A 288 6.50 16.44 -24.57
C VAL A 288 5.64 16.42 -25.85
N MET A 289 4.88 17.49 -26.08
CA MET A 289 4.01 17.55 -27.27
C MET A 289 4.85 17.45 -28.55
N GLU A 290 5.96 18.17 -28.62
CA GLU A 290 6.79 18.14 -29.84
C GLU A 290 7.46 16.79 -30.02
N LYS A 291 7.85 16.12 -28.95
CA LYS A 291 8.48 14.80 -29.07
C LYS A 291 7.46 13.73 -29.44
N ALA A 292 6.16 14.01 -29.28
CA ALA A 292 5.09 13.06 -29.62
C ALA A 292 4.38 13.49 -30.91
N GLY A 293 5.08 14.16 -31.82
CA GLY A 293 4.51 14.53 -33.10
C GLY A 293 3.43 15.59 -33.00
N GLY A 294 3.35 16.30 -31.87
CA GLY A 294 2.40 17.40 -31.70
C GLY A 294 3.08 18.74 -31.88
N MET A 295 2.43 19.78 -31.40
CA MET A 295 2.92 21.16 -31.61
C MET A 295 2.58 21.99 -30.40
N ALA A 296 3.26 23.11 -30.20
CA ALA A 296 2.99 24.04 -29.09
C ALA A 296 3.47 25.45 -29.46
N THR A 297 2.54 26.39 -29.60
CA THR A 297 2.85 27.80 -30.00
C THR A 297 2.40 28.81 -28.94
N THR A 298 2.97 30.01 -28.98
CA THR A 298 2.57 31.13 -28.10
C THR A 298 1.74 32.10 -28.91
N GLY A 299 1.40 31.72 -30.15
CA GLY A 299 0.69 32.61 -31.08
C GLY A 299 1.64 33.10 -32.14
N LYS A 300 2.72 33.78 -31.73
CA LYS A 300 3.70 34.33 -32.69
C LYS A 300 4.89 33.37 -32.87
N GLU A 301 5.17 32.50 -31.90
CA GLU A 301 6.38 31.65 -31.99
C GLU A 301 6.23 30.35 -31.20
N ALA A 302 7.02 29.34 -31.57
CA ALA A 302 7.06 28.03 -30.87
C ALA A 302 7.52 28.26 -29.43
N VAL A 303 6.85 27.63 -28.46
CA VAL A 303 7.16 27.87 -27.03
C VAL A 303 8.63 27.57 -26.80
N LEU A 304 9.14 26.52 -27.42
CA LEU A 304 10.53 26.11 -27.16
C LEU A 304 11.54 27.11 -27.71
N ASP A 305 11.12 27.97 -28.64
CA ASP A 305 12.04 28.94 -29.28
C ASP A 305 12.04 30.28 -28.56
N VAL A 306 11.18 30.46 -27.57
CA VAL A 306 11.16 31.71 -26.78
C VAL A 306 12.42 31.75 -25.92
N ILE A 307 13.22 32.80 -26.08
CA ILE A 307 14.41 33.04 -25.24
C ILE A 307 13.92 33.60 -23.91
N PRO A 308 14.10 32.89 -22.79
CA PRO A 308 13.65 33.41 -21.50
C PRO A 308 14.44 34.64 -21.06
N THR A 309 13.74 35.54 -20.39
CA THR A 309 14.34 36.72 -19.73
C THR A 309 14.29 36.61 -18.22
N ASP A 310 13.27 35.97 -17.67
CA ASP A 310 13.10 35.83 -16.21
C ASP A 310 12.63 34.41 -15.91
N ILE A 311 13.03 33.88 -14.78
CA ILE A 311 12.75 32.44 -14.50
C ILE A 311 11.27 32.23 -14.24
N HIS A 312 10.58 33.24 -13.70
CA HIS A 312 9.13 33.13 -13.45
C HIS A 312 8.32 33.77 -14.57
N GLN A 313 8.96 34.05 -15.69
CA GLN A 313 8.31 34.67 -16.86
C GLN A 313 7.06 33.89 -17.27
N ARG A 314 6.05 34.61 -17.68
CA ARG A 314 4.78 34.01 -18.14
C ARG A 314 4.77 33.97 -19.66
N ALA A 315 4.18 32.92 -20.21
CA ALA A 315 4.03 32.74 -21.66
C ALA A 315 2.63 32.24 -21.94
N PRO A 316 2.03 32.64 -23.07
CA PRO A 316 0.83 31.98 -23.55
C PRO A 316 1.17 30.58 -24.05
N VAL A 317 0.16 29.75 -24.19
CA VAL A 317 0.39 28.37 -24.67
C VAL A 317 -0.85 27.88 -25.41
N ILE A 318 -0.61 27.31 -26.59
CA ILE A 318 -1.63 26.59 -27.38
C ILE A 318 -0.94 25.35 -27.90
N LEU A 319 -1.36 24.19 -27.42
CA LEU A 319 -0.63 22.93 -27.69
C LEU A 319 -1.60 21.84 -28.05
N GLY A 320 -1.05 20.72 -28.51
CA GLY A 320 -1.86 19.55 -28.83
C GLY A 320 -1.66 19.02 -30.23
N SER A 321 -2.74 18.51 -30.81
CA SER A 321 -2.67 17.76 -32.07
C SER A 321 -2.23 18.70 -33.20
N PRO A 322 -1.39 18.22 -34.14
CA PRO A 322 -0.87 19.07 -35.21
C PRO A 322 -1.96 19.84 -35.98
N ASP A 323 -2.95 19.14 -36.50
CA ASP A 323 -4.00 19.81 -37.30
C ASP A 323 -4.79 20.81 -36.47
N ASP A 324 -4.99 20.54 -35.20
CA ASP A 324 -5.78 21.45 -34.34
C ASP A 324 -4.99 22.71 -34.02
N VAL A 325 -3.69 22.56 -33.79
CA VAL A 325 -2.84 23.74 -33.52
C VAL A 325 -2.64 24.52 -34.81
N LEU A 326 -2.50 23.82 -35.93
CA LEU A 326 -2.44 24.49 -37.24
C LEU A 326 -3.74 25.26 -37.50
N GLU A 327 -4.87 24.64 -37.22
CA GLU A 327 -6.18 25.30 -37.44
C GLU A 327 -6.25 26.62 -36.67
N PHE A 328 -5.84 26.62 -35.42
CA PHE A 328 -5.76 27.87 -34.65
C PHE A 328 -4.79 28.84 -35.31
N LEU A 329 -3.67 28.33 -35.79
CA LEU A 329 -2.59 29.21 -36.30
C LEU A 329 -3.03 29.97 -37.55
N LYS A 330 -3.91 29.37 -38.36
CA LYS A 330 -4.38 30.07 -39.57
C LYS A 330 -5.39 31.14 -39.20
N VAL A 331 -6.22 30.87 -38.21
CA VAL A 331 -7.10 31.92 -37.64
C VAL A 331 -6.24 33.01 -37.01
N TYR A 332 -5.10 32.65 -36.45
CA TYR A 332 -4.18 33.65 -35.88
C TYR A 332 -3.60 34.52 -37.00
N GLU A 333 -3.28 33.92 -38.13
CA GLU A 333 -2.72 34.69 -39.27
C GLU A 333 -3.78 35.64 -39.83
N LYS A 334 -5.06 35.33 -39.62
CA LYS A 334 -6.17 36.16 -40.10
C LYS A 334 -6.47 37.33 -39.16
N HIS A 335 -5.79 37.44 -38.02
CA HIS A 335 -6.09 38.48 -37.01
C HIS A 335 -4.85 39.28 -36.67
N SER A 336 -3.90 39.37 -37.59
CA SER A 336 -2.57 39.95 -37.28
C SER A 336 -2.06 40.72 -38.49
N ALA A 337 -0.95 41.41 -38.29
CA ALA A 337 -0.28 42.17 -39.36
C ALA A 337 1.19 41.73 -39.45
N THR B 9 -16.03 12.57 18.60
CA THR B 9 -14.84 11.83 19.09
C THR B 9 -13.55 12.46 18.57
N ASP B 10 -12.44 12.01 19.11
CA ASP B 10 -11.09 12.40 18.61
C ASP B 10 -10.89 11.82 17.21
N VAL B 11 -10.87 10.50 17.12
CA VAL B 11 -10.58 9.76 15.86
C VAL B 11 -11.86 9.12 15.37
N ASN B 12 -12.61 9.85 14.55
CA ASN B 12 -13.95 9.39 14.17
C ASN B 12 -13.82 8.79 12.78
N THR B 13 -13.96 7.48 12.68
CA THR B 13 -13.88 6.79 11.38
C THR B 13 -15.28 6.60 10.81
N LEU B 14 -15.34 6.15 9.57
CA LEU B 14 -16.66 5.85 8.96
C LEU B 14 -17.37 4.76 9.76
N THR B 15 -16.61 3.82 10.32
CA THR B 15 -17.21 2.70 11.06
C THR B 15 -17.84 3.19 12.35
N ARG B 16 -17.14 4.03 13.10
CA ARG B 16 -17.71 4.56 14.36
C ARG B 16 -18.87 5.50 14.06
N PHE B 17 -18.69 6.39 13.10
CA PHE B 17 -19.76 7.33 12.72
C PHE B 17 -21.05 6.59 12.36
N VAL B 18 -20.92 5.48 11.63
CA VAL B 18 -22.11 4.85 11.01
C VAL B 18 -22.81 3.95 12.03
N MET B 19 -22.14 3.61 13.13
CA MET B 19 -22.80 2.90 14.25
C MET B 19 -23.44 3.91 15.22
N GLU B 20 -22.81 5.06 15.43
CA GLU B 20 -23.35 6.07 16.35
C GLU B 20 -24.67 6.62 15.79
N GLU B 21 -24.59 7.36 14.70
CA GLU B 21 -25.80 7.55 13.86
C GLU B 21 -26.27 6.16 13.47
N GLY B 22 -27.40 5.74 14.01
CA GLY B 22 -27.84 4.34 13.89
C GLY B 22 -28.29 3.84 15.24
N ARG B 23 -27.37 3.81 16.20
CA ARG B 23 -27.76 3.77 17.61
C ARG B 23 -28.65 4.97 17.94
N LYS B 24 -28.26 6.14 17.46
CA LYS B 24 -29.07 7.37 17.61
C LYS B 24 -30.44 7.20 16.95
N ALA B 25 -30.56 6.30 15.98
CA ALA B 25 -31.81 6.12 15.23
C ALA B 25 -32.59 4.89 15.70
N ARG B 26 -32.08 4.15 16.68
CA ARG B 26 -32.81 2.99 17.27
C ARG B 26 -32.94 1.89 16.22
N GLY B 27 -31.89 1.70 15.44
CA GLY B 27 -31.95 0.83 14.26
C GLY B 27 -31.65 -0.62 14.56
N THR B 28 -32.06 -1.47 13.64
CA THR B 28 -31.82 -2.92 13.75
C THR B 28 -30.36 -3.25 13.42
N GLY B 29 -29.71 -2.43 12.59
CA GLY B 29 -28.29 -2.64 12.25
C GLY B 29 -28.07 -2.88 10.78
N GLU B 30 -29.13 -2.98 10.00
CA GLU B 30 -29.04 -3.29 8.56
C GLU B 30 -28.35 -2.17 7.78
N LEU B 31 -28.75 -0.92 7.96
CA LEU B 31 -28.16 0.19 7.17
C LEU B 31 -26.70 0.38 7.54
N THR B 32 -26.35 0.17 8.81
CA THR B 32 -24.94 0.29 9.27
C THR B 32 -24.10 -0.71 8.48
N GLN B 33 -24.56 -1.97 8.40
CA GLN B 33 -23.88 -3.03 7.62
C GLN B 33 -23.82 -2.69 6.14
N LEU B 34 -24.92 -2.21 5.57
CA LEU B 34 -25.00 -1.78 4.15
C LEU B 34 -23.89 -0.76 3.89
N LEU B 35 -23.73 0.22 4.77
CA LEU B 35 -22.81 1.35 4.52
C LEU B 35 -21.35 0.94 4.81
N ASN B 36 -21.14 -0.03 5.69
CA ASN B 36 -19.77 -0.56 5.95
C ASN B 36 -19.38 -1.49 4.80
N SER B 37 -20.35 -2.17 4.20
CA SER B 37 -20.11 -3.08 3.07
C SER B 37 -19.91 -2.25 1.81
N LEU B 38 -20.70 -1.20 1.63
CA LEU B 38 -20.50 -0.25 0.51
C LEU B 38 -19.12 0.38 0.71
N CYS B 39 -18.80 0.71 1.96
CA CYS B 39 -17.47 1.27 2.27
C CYS B 39 -16.36 0.31 1.83
N THR B 40 -16.50 -0.96 2.15
CA THR B 40 -15.46 -1.96 1.80
C THR B 40 -15.28 -2.01 0.28
N ALA B 41 -16.37 -2.06 -0.46
CA ALA B 41 -16.29 -2.08 -1.95
C ALA B 41 -15.63 -0.79 -2.45
N VAL B 42 -15.87 0.32 -1.77
CA VAL B 42 -15.25 1.61 -2.18
C VAL B 42 -13.74 1.52 -2.07
N LYS B 43 -13.24 0.89 -1.01
CA LYS B 43 -11.78 0.76 -0.83
C LYS B 43 -11.20 -0.14 -1.90
N ALA B 44 -11.90 -1.22 -2.26
CA ALA B 44 -11.39 -2.16 -3.29
C ALA B 44 -11.42 -1.50 -4.66
N ILE B 45 -12.43 -0.69 -4.93
CA ILE B 45 -12.45 0.08 -6.20
C ILE B 45 -11.27 1.05 -6.23
N SER B 46 -11.08 1.80 -5.14
CA SER B 46 -9.98 2.77 -5.04
C SER B 46 -8.66 2.10 -5.39
N SER B 47 -8.41 0.92 -4.83
CA SER B 47 -7.11 0.22 -5.02
C SER B 47 -6.91 -0.08 -6.50
N ALA B 48 -7.89 -0.72 -7.14
CA ALA B 48 -7.77 -1.11 -8.56
C ALA B 48 -7.66 0.15 -9.44
N VAL B 49 -8.39 1.20 -9.09
CA VAL B 49 -8.40 2.43 -9.91
C VAL B 49 -7.05 3.13 -9.82
N ARG B 50 -6.40 3.07 -8.66
CA ARG B 50 -5.02 3.58 -8.53
C ARG B 50 -4.02 2.63 -9.19
N LYS B 51 -4.50 1.54 -9.80
CA LYS B 51 -3.68 0.61 -10.61
C LYS B 51 -2.74 -0.20 -9.72
N ALA B 52 -3.29 -0.90 -8.74
CA ALA B 52 -2.49 -1.62 -7.74
C ALA B 52 -1.75 -2.79 -8.38
N GLY B 53 -2.46 -3.66 -9.10
CA GLY B 53 -1.80 -4.88 -9.60
C GLY B 53 -1.21 -4.72 -10.99
N ILE B 54 -1.02 -3.49 -11.48
CA ILE B 54 -0.82 -3.26 -12.93
C ILE B 54 0.43 -3.97 -13.44
N ALA B 55 1.43 -4.17 -12.58
CA ALA B 55 2.69 -4.80 -13.01
C ALA B 55 2.45 -6.22 -13.54
N HIS B 56 1.48 -6.93 -12.97
CA HIS B 56 1.23 -8.34 -13.32
C HIS B 56 0.53 -8.44 -14.69
N LEU B 57 -0.25 -7.43 -15.07
CA LEU B 57 -0.91 -7.39 -16.40
C LEU B 57 0.12 -7.08 -17.48
N TYR B 58 1.34 -6.70 -17.10
CA TYR B 58 2.39 -6.29 -18.07
C TYR B 58 3.61 -7.20 -17.97
N GLY B 59 3.45 -8.43 -17.47
CA GLY B 59 4.49 -9.49 -17.52
C GLY B 59 5.62 -9.37 -16.52
N ILE B 60 5.36 -8.93 -15.29
CA ILE B 60 6.42 -8.87 -14.23
C ILE B 60 6.84 -10.31 -13.89
N ALA B 61 5.92 -11.26 -14.01
CA ALA B 61 6.17 -12.67 -13.75
C ALA B 61 5.93 -13.42 -15.05
N GLY B 62 5.89 -12.70 -16.16
CA GLY B 62 5.50 -13.30 -17.46
C GLY B 62 4.01 -13.43 -17.57
N SER B 63 3.55 -14.12 -18.61
CA SER B 63 2.11 -14.41 -18.80
C SER B 63 1.26 -13.14 -18.61
N LYS B 73 -12.77 -2.80 -18.27
CA LYS B 73 -12.97 -3.86 -17.25
C LYS B 73 -13.06 -3.23 -15.86
N LEU B 74 -12.57 -2.01 -15.72
CA LEU B 74 -12.48 -1.37 -14.40
C LEU B 74 -13.87 -1.01 -13.88
N ASP B 75 -14.80 -0.68 -14.78
CA ASP B 75 -16.19 -0.39 -14.36
C ASP B 75 -16.98 -1.69 -14.16
N VAL B 76 -16.57 -2.77 -14.80
CA VAL B 76 -17.20 -4.09 -14.54
C VAL B 76 -16.77 -4.58 -13.15
N LEU B 77 -15.46 -4.55 -12.89
CA LEU B 77 -14.96 -4.92 -11.55
C LEU B 77 -15.58 -4.02 -10.48
N SER B 78 -15.68 -2.73 -10.75
CA SER B 78 -16.32 -1.78 -9.81
C SER B 78 -17.77 -2.20 -9.54
N ASN B 79 -18.44 -2.74 -10.55
CA ASN B 79 -19.84 -3.15 -10.39
C ASN B 79 -19.93 -4.47 -9.63
N ASP B 80 -19.05 -5.42 -9.95
CA ASP B 80 -19.04 -6.72 -9.22
C ASP B 80 -18.72 -6.49 -7.74
N LEU B 81 -17.88 -5.51 -7.44
CA LEU B 81 -17.54 -5.22 -6.03
C LEU B 81 -18.75 -4.65 -5.30
N VAL B 82 -19.33 -3.58 -5.82
CA VAL B 82 -20.49 -2.94 -5.16
C VAL B 82 -21.62 -3.96 -5.03
N MET B 83 -21.87 -4.73 -6.07
CA MET B 83 -22.99 -5.68 -6.06
C MET B 83 -22.78 -6.76 -4.99
N ASN B 84 -21.61 -7.40 -4.99
CA ASN B 84 -21.39 -8.55 -4.09
C ASN B 84 -21.28 -8.09 -2.64
N MET B 85 -20.85 -6.86 -2.40
CA MET B 85 -20.77 -6.34 -1.02
C MET B 85 -22.17 -6.02 -0.49
N LEU B 86 -22.98 -5.37 -1.30
CA LEU B 86 -24.37 -5.03 -0.90
C LEU B 86 -25.17 -6.31 -0.71
N LYS B 87 -25.02 -7.25 -1.63
CA LYS B 87 -25.73 -8.54 -1.53
C LYS B 87 -25.35 -9.24 -0.23
N SER B 88 -24.06 -9.32 0.05
CA SER B 88 -23.55 -10.02 1.25
C SER B 88 -23.96 -9.29 2.53
N SER B 89 -24.35 -8.02 2.44
CA SER B 89 -24.69 -7.24 3.65
C SER B 89 -26.00 -7.72 4.28
N PHE B 90 -26.80 -8.45 3.53
CA PHE B 90 -28.12 -8.98 3.97
C PHE B 90 -29.08 -7.83 4.29
N ALA B 91 -28.84 -6.67 3.70
CA ALA B 91 -29.67 -5.47 3.98
C ALA B 91 -30.35 -4.94 2.73
N THR B 92 -30.24 -5.63 1.60
CA THR B 92 -30.78 -5.11 0.32
C THR B 92 -31.74 -6.11 -0.31
N CYS B 93 -32.69 -5.59 -1.08
CA CYS B 93 -33.68 -6.41 -1.80
C CYS B 93 -33.75 -6.01 -3.27
N VAL B 94 -33.58 -4.72 -3.55
CA VAL B 94 -33.63 -4.20 -4.92
C VAL B 94 -32.36 -3.38 -5.17
N LEU B 95 -31.61 -3.75 -6.20
CA LEU B 95 -30.37 -3.04 -6.57
C LEU B 95 -30.49 -2.58 -8.02
N VAL B 96 -30.23 -1.29 -8.24
CA VAL B 96 -30.26 -0.70 -9.60
C VAL B 96 -28.88 -0.16 -9.90
N SER B 97 -28.29 -0.63 -10.99
CA SER B 97 -26.92 -0.24 -11.39
C SER B 97 -26.92 0.27 -12.82
N GLU B 98 -26.00 1.18 -13.11
CA GLU B 98 -25.80 1.68 -14.48
C GLU B 98 -25.40 0.55 -15.42
N GLU B 99 -24.83 -0.51 -14.89
CA GLU B 99 -24.26 -1.61 -15.69
C GLU B 99 -25.30 -2.63 -16.12
N ASP B 100 -26.40 -2.75 -15.39
CA ASP B 100 -27.44 -3.76 -15.65
C ASP B 100 -28.68 -3.05 -16.16
N LYS B 101 -29.26 -3.53 -17.24
CA LYS B 101 -30.44 -2.87 -17.82
C LYS B 101 -31.66 -3.06 -16.92
N HIS B 102 -31.71 -4.17 -16.19
CA HIS B 102 -32.89 -4.48 -15.33
C HIS B 102 -32.48 -4.47 -13.87
N ALA B 103 -33.47 -4.31 -13.01
CA ALA B 103 -33.24 -4.33 -11.56
C ALA B 103 -32.73 -5.72 -11.14
N ILE B 104 -31.75 -5.74 -10.25
CA ILE B 104 -31.35 -6.97 -9.54
C ILE B 104 -32.34 -7.19 -8.41
N ILE B 105 -33.14 -8.23 -8.47
CA ILE B 105 -33.94 -8.65 -7.30
C ILE B 105 -33.07 -9.57 -6.44
N VAL B 106 -32.75 -9.12 -5.25
CA VAL B 106 -31.78 -9.84 -4.39
C VAL B 106 -32.38 -11.19 -4.01
N GLU B 107 -31.63 -12.25 -4.26
CA GLU B 107 -31.99 -13.62 -3.85
C GLU B 107 -32.54 -13.63 -2.42
N PRO B 108 -33.63 -14.38 -2.18
CA PRO B 108 -34.44 -14.17 -0.99
C PRO B 108 -33.75 -14.47 0.35
N GLU B 109 -32.77 -15.36 0.35
CA GLU B 109 -32.05 -15.67 1.60
C GLU B 109 -31.00 -14.59 1.90
N LYS B 110 -30.92 -13.53 1.10
CA LYS B 110 -30.06 -12.38 1.40
C LYS B 110 -30.85 -11.08 1.43
N ARG B 111 -32.17 -11.15 1.50
CA ARG B 111 -32.98 -9.93 1.39
C ARG B 111 -32.97 -9.14 2.68
N GLY B 112 -32.68 -7.85 2.56
CA GLY B 112 -32.92 -6.88 3.63
C GLY B 112 -33.95 -5.88 3.17
N LYS B 113 -34.07 -4.76 3.89
CA LYS B 113 -35.23 -3.86 3.71
C LYS B 113 -34.87 -2.62 2.90
N TYR B 114 -33.74 -2.61 2.20
CA TYR B 114 -33.26 -1.37 1.55
C TYR B 114 -33.09 -1.56 0.06
N VAL B 115 -33.41 -0.48 -0.67
CA VAL B 115 -33.15 -0.37 -2.12
C VAL B 115 -31.90 0.49 -2.30
N VAL B 116 -31.01 0.06 -3.19
CA VAL B 116 -29.78 0.79 -3.49
C VAL B 116 -29.70 1.04 -4.98
N CYS B 117 -29.53 2.30 -5.36
CA CYS B 117 -29.28 2.70 -6.76
C CYS B 117 -27.90 3.35 -6.82
N PHE B 118 -27.07 2.88 -7.73
CA PHE B 118 -25.66 3.34 -7.74
C PHE B 118 -25.08 3.30 -9.15
N ASP B 119 -24.16 4.23 -9.39
CA ASP B 119 -23.29 4.21 -10.58
C ASP B 119 -21.90 3.83 -10.10
N PRO B 120 -21.40 2.63 -10.44
CA PRO B 120 -20.20 2.12 -9.79
C PRO B 120 -18.90 2.83 -10.19
N LEU B 121 -18.81 3.37 -11.40
CA LEU B 121 -17.63 4.16 -11.86
C LEU B 121 -18.07 5.24 -12.84
N ASP B 122 -18.43 6.41 -12.31
CA ASP B 122 -18.93 7.54 -13.13
C ASP B 122 -17.72 8.31 -13.66
N GLY B 123 -17.69 8.54 -14.98
CA GLY B 123 -16.60 9.31 -15.61
C GLY B 123 -15.61 8.41 -16.31
N SER B 124 -15.82 7.10 -16.31
CA SER B 124 -14.90 6.11 -16.89
C SER B 124 -14.86 6.27 -18.42
N SER B 125 -15.68 7.16 -18.96
CA SER B 125 -15.62 7.53 -20.39
C SER B 125 -14.21 8.04 -20.69
N ASN B 126 -13.62 8.76 -19.73
CA ASN B 126 -12.27 9.34 -19.89
C ASN B 126 -11.37 8.84 -18.75
N ILE B 127 -11.42 7.55 -18.42
CA ILE B 127 -10.54 6.98 -17.35
C ILE B 127 -9.17 6.68 -17.94
N ASP B 128 -9.03 6.70 -19.27
CA ASP B 128 -7.73 6.42 -19.95
C ASP B 128 -6.84 7.66 -19.92
N CYS B 129 -7.35 8.83 -19.55
CA CYS B 129 -6.57 10.07 -19.41
C CYS B 129 -6.31 10.33 -17.93
N LEU B 130 -6.57 9.32 -17.08
CA LEU B 130 -6.40 9.37 -15.61
C LEU B 130 -7.10 10.62 -15.04
N VAL B 131 -8.36 10.81 -15.41
CA VAL B 131 -9.15 11.91 -14.83
C VAL B 131 -9.92 11.34 -13.65
N SER B 132 -10.30 12.22 -12.73
CA SER B 132 -11.06 11.81 -11.52
C SER B 132 -12.30 11.01 -11.93
N VAL B 133 -12.58 9.97 -11.16
CA VAL B 133 -13.81 9.17 -11.32
C VAL B 133 -14.44 8.97 -9.95
N GLY B 134 -15.53 8.23 -9.90
CA GLY B 134 -16.21 8.06 -8.62
C GLY B 134 -17.31 7.03 -8.65
N THR B 135 -17.81 6.75 -7.46
CA THR B 135 -18.95 5.84 -7.23
C THR B 135 -20.06 6.65 -6.57
N ILE B 136 -21.23 6.66 -7.21
CA ILE B 136 -22.40 7.42 -6.71
C ILE B 136 -23.42 6.43 -6.18
N PHE B 137 -24.08 6.77 -5.08
CA PHE B 137 -25.06 5.85 -4.48
C PHE B 137 -26.19 6.63 -3.83
N GLY B 138 -27.37 6.01 -3.85
CA GLY B 138 -28.56 6.47 -3.13
C GLY B 138 -29.31 5.30 -2.53
N ILE B 139 -29.82 5.46 -1.32
CA ILE B 139 -30.42 4.33 -0.56
C ILE B 139 -31.84 4.69 -0.17
N TYR B 140 -32.77 3.78 -0.42
CA TYR B 140 -34.20 3.97 -0.09
C TYR B 140 -34.67 2.87 0.84
N ARG B 141 -35.71 3.18 1.60
CA ARG B 141 -36.52 2.14 2.27
C ARG B 141 -37.50 1.58 1.25
N LYS B 142 -37.50 0.26 1.10
CA LYS B 142 -38.49 -0.43 0.24
C LYS B 142 -39.89 0.05 0.63
N LYS B 143 -40.68 0.49 -0.35
CA LYS B 143 -42.04 1.04 -0.10
C LYS B 143 -43.00 -0.12 0.10
N SER B 144 -42.73 -1.25 -0.57
CA SER B 144 -43.63 -2.43 -0.56
C SER B 144 -43.52 -3.21 0.75
N THR B 145 -44.47 -4.11 0.98
CA THR B 145 -44.41 -5.05 2.13
C THR B 145 -44.77 -6.42 1.56
N ASP B 146 -44.49 -6.64 0.27
CA ASP B 146 -44.83 -7.91 -0.40
C ASP B 146 -43.60 -8.46 -1.09
N GLU B 147 -43.45 -8.20 -2.38
CA GLU B 147 -42.33 -8.75 -3.15
C GLU B 147 -41.55 -7.58 -3.70
N PRO B 148 -40.21 -7.58 -3.52
CA PRO B 148 -39.37 -6.52 -4.09
C PRO B 148 -39.52 -6.43 -5.60
N SER B 149 -39.64 -5.20 -6.09
CA SER B 149 -39.86 -4.92 -7.53
C SER B 149 -39.01 -3.73 -7.98
N GLU B 150 -39.06 -3.41 -9.26
CA GLU B 150 -38.40 -2.21 -9.81
C GLU B 150 -39.09 -0.98 -9.23
N LYS B 151 -40.33 -1.13 -8.79
CA LYS B 151 -41.14 -0.01 -8.28
C LYS B 151 -40.65 0.41 -6.91
N ASP B 152 -39.88 -0.44 -6.23
CA ASP B 152 -39.27 -0.04 -4.94
C ASP B 152 -38.15 0.97 -5.25
N ALA B 153 -37.60 0.92 -6.47
CA ALA B 153 -36.56 1.86 -6.93
C ALA B 153 -37.18 3.10 -7.55
N LEU B 154 -38.43 3.02 -8.00
CA LEU B 154 -39.09 4.15 -8.69
C LEU B 154 -39.72 5.10 -7.66
N GLN B 155 -38.91 5.63 -6.75
CA GLN B 155 -39.35 6.58 -5.70
C GLN B 155 -38.67 7.92 -5.94
N PRO B 156 -39.29 9.08 -5.60
CA PRO B 156 -38.61 10.37 -5.80
C PRO B 156 -37.41 10.50 -4.87
N GLY B 157 -36.60 11.51 -5.14
CA GLY B 157 -35.42 11.76 -4.29
C GLY B 157 -35.78 12.21 -2.90
N ARG B 158 -37.00 12.72 -2.70
CA ARG B 158 -37.45 13.14 -1.35
C ARG B 158 -37.29 11.98 -0.37
N ASN B 159 -37.58 10.77 -0.83
CA ASN B 159 -37.66 9.57 0.04
C ASN B 159 -36.29 9.01 0.37
N LEU B 160 -35.21 9.66 -0.06
CA LEU B 160 -33.85 9.12 0.16
C LEU B 160 -33.54 9.01 1.66
N VAL B 161 -33.12 7.83 2.07
CA VAL B 161 -32.64 7.63 3.46
C VAL B 161 -31.21 8.17 3.57
N ALA B 162 -30.40 7.89 2.56
CA ALA B 162 -28.97 8.29 2.56
C ALA B 162 -28.46 8.24 1.14
N ALA B 163 -27.54 9.14 0.82
CA ALA B 163 -26.95 9.20 -0.52
C ALA B 163 -25.62 9.92 -0.46
N GLY B 164 -24.76 9.60 -1.40
CA GLY B 164 -23.45 10.24 -1.48
C GLY B 164 -22.59 9.60 -2.53
N TYR B 165 -21.31 9.94 -2.51
CA TYR B 165 -20.38 9.49 -3.56
C TYR B 165 -19.02 9.24 -2.94
N ALA B 166 -18.24 8.44 -3.64
CA ALA B 166 -16.81 8.23 -3.35
C ALA B 166 -16.01 8.83 -4.51
N LEU B 167 -15.14 9.78 -4.19
CA LEU B 167 -14.32 10.45 -5.22
C LEU B 167 -12.93 9.81 -5.22
N TYR B 168 -12.51 9.32 -6.38
CA TYR B 168 -11.15 8.81 -6.57
C TYR B 168 -10.39 9.86 -7.37
N GLY B 169 -9.81 10.83 -6.65
CA GLY B 169 -9.03 11.89 -7.29
C GLY B 169 -7.61 11.94 -6.78
N SER B 170 -7.15 13.13 -6.43
CA SER B 170 -5.85 13.31 -5.74
C SER B 170 -5.80 12.38 -4.52
N ALA B 171 -6.92 12.27 -3.82
CA ALA B 171 -7.10 11.28 -2.75
C ALA B 171 -8.53 10.79 -2.80
N THR B 172 -8.77 9.67 -2.13
CA THR B 172 -10.10 9.02 -2.15
C THR B 172 -10.94 9.57 -1.00
N MET B 173 -12.13 10.07 -1.33
CA MET B 173 -13.03 10.67 -0.34
C MET B 173 -14.45 10.14 -0.53
N LEU B 174 -14.99 9.56 0.52
CA LEU B 174 -16.44 9.24 0.57
C LEU B 174 -17.19 10.38 1.24
N VAL B 175 -18.25 10.82 0.58
CA VAL B 175 -19.17 11.87 1.09
C VAL B 175 -20.50 11.21 1.36
N LEU B 176 -20.96 11.31 2.61
CA LEU B 176 -22.19 10.65 3.07
C LEU B 176 -23.16 11.71 3.56
N ALA B 177 -24.32 11.80 2.91
CA ALA B 177 -25.34 12.81 3.25
C ALA B 177 -26.55 12.13 3.87
N MET B 178 -27.05 12.73 4.95
CA MET B 178 -28.25 12.21 5.65
C MET B 178 -29.02 13.40 6.20
N ASP B 179 -30.08 13.12 6.94
CA ASP B 179 -30.81 14.19 7.67
C ASP B 179 -29.87 14.93 8.61
N CYS B 180 -28.94 14.20 9.22
CA CYS B 180 -27.97 14.82 10.15
C CYS B 180 -27.02 15.74 9.41
N GLY B 181 -26.82 15.54 8.10
CA GLY B 181 -26.02 16.47 7.29
C GLY B 181 -25.01 15.73 6.43
N VAL B 182 -24.12 16.51 5.83
CA VAL B 182 -23.10 16.00 4.88
C VAL B 182 -21.80 15.80 5.64
N ASN B 183 -21.17 14.65 5.44
CA ASN B 183 -19.95 14.29 6.21
C ASN B 183 -18.92 13.70 5.27
N CYS B 184 -17.75 14.31 5.22
CA CYS B 184 -16.68 13.94 4.28
C CYS B 184 -15.63 13.10 5.01
N PHE B 185 -15.38 11.90 4.48
CA PHE B 185 -14.38 10.98 5.05
C PHE B 185 -13.25 10.82 4.07
N MET B 186 -12.02 10.99 4.54
CA MET B 186 -10.82 10.78 3.70
C MET B 186 -10.29 9.37 3.93
N LEU B 187 -9.96 8.69 2.84
CA LEU B 187 -9.42 7.32 2.92
C LEU B 187 -7.91 7.39 3.16
N ASP B 188 -7.47 6.81 4.26
CA ASP B 188 -6.04 6.68 4.57
C ASP B 188 -5.59 5.34 4.03
N PRO B 189 -4.88 5.30 2.88
CA PRO B 189 -4.51 4.02 2.28
C PRO B 189 -3.56 3.19 3.15
N ALA B 190 -2.87 3.82 4.09
CA ALA B 190 -1.88 3.10 4.92
C ALA B 190 -2.59 2.06 5.80
N ILE B 191 -3.77 2.39 6.32
CA ILE B 191 -4.47 1.52 7.29
C ILE B 191 -5.87 1.17 6.80
N GLY B 192 -6.30 1.66 5.65
CA GLY B 192 -7.63 1.32 5.14
C GLY B 192 -8.76 1.83 6.00
N GLU B 193 -8.66 3.07 6.47
CA GLU B 193 -9.72 3.69 7.29
C GLU B 193 -10.21 4.95 6.60
N PHE B 194 -11.52 5.14 6.61
CA PHE B 194 -12.13 6.41 6.17
C PHE B 194 -12.18 7.34 7.37
N ILE B 195 -11.49 8.47 7.26
CA ILE B 195 -11.29 9.39 8.39
C ILE B 195 -12.21 10.59 8.22
N LEU B 196 -13.14 10.76 9.14
CA LEU B 196 -13.97 11.98 9.20
C LEU B 196 -13.07 13.21 9.25
N VAL B 197 -13.23 14.09 8.29
CA VAL B 197 -12.30 15.26 8.17
C VAL B 197 -13.11 16.53 7.94
N ASP B 198 -14.37 16.40 7.57
CA ASP B 198 -15.28 17.56 7.46
C ASP B 198 -16.65 17.16 7.97
N LYS B 199 -17.14 17.86 8.98
CA LYS B 199 -18.41 17.53 9.66
C LYS B 199 -19.50 18.52 9.26
N ASP B 200 -20.63 17.99 8.83
CA ASP B 200 -21.86 18.80 8.60
C ASP B 200 -21.55 19.92 7.62
N VAL B 201 -20.94 19.57 6.51
CA VAL B 201 -20.50 20.56 5.51
C VAL B 201 -21.71 21.26 4.91
N LYS B 202 -21.62 22.58 4.79
CA LYS B 202 -22.61 23.36 4.04
C LYS B 202 -21.91 24.11 2.91
N ILE B 203 -22.68 24.42 1.89
CA ILE B 203 -22.14 25.05 0.66
C ILE B 203 -22.06 26.55 0.87
N LYS B 204 -21.33 27.21 -0.01
CA LYS B 204 -21.34 28.69 -0.07
C LYS B 204 -22.65 29.14 -0.70
N LYS B 205 -23.19 30.23 -0.17
CA LYS B 205 -24.48 30.75 -0.64
C LYS B 205 -24.39 31.14 -2.11
N LYS B 206 -23.24 31.68 -2.52
CA LYS B 206 -22.97 32.02 -3.93
C LYS B 206 -21.51 31.73 -4.22
N GLY B 207 -21.23 31.28 -5.44
CA GLY B 207 -19.86 30.95 -5.84
C GLY B 207 -19.40 31.75 -7.04
N LYS B 208 -18.18 31.47 -7.46
CA LYS B 208 -17.56 32.14 -8.63
C LYS B 208 -17.14 31.15 -9.70
N ILE B 209 -17.79 29.99 -9.76
CA ILE B 209 -17.44 28.96 -10.75
C ILE B 209 -18.70 28.46 -11.43
N TYR B 210 -18.64 28.28 -12.74
CA TYR B 210 -19.73 27.66 -13.52
C TYR B 210 -19.17 26.46 -14.28
N SER B 211 -20.02 25.47 -14.50
CA SER B 211 -19.58 24.12 -14.92
C SER B 211 -20.58 23.52 -15.90
N LEU B 212 -20.18 23.41 -17.16
CA LEU B 212 -21.00 22.70 -18.18
C LEU B 212 -20.18 22.54 -19.45
N ASN B 213 -20.55 21.54 -20.23
CA ASN B 213 -19.92 21.25 -21.53
C ASN B 213 -20.39 22.28 -22.54
N GLU B 214 -19.56 23.27 -22.82
CA GLU B 214 -19.94 24.34 -23.76
C GLU B 214 -19.74 23.90 -25.21
N GLY B 215 -19.29 22.66 -25.44
CA GLY B 215 -19.27 22.08 -26.79
C GLY B 215 -20.64 21.78 -27.35
N TYR B 216 -21.69 21.97 -26.54
CA TYR B 216 -23.09 21.87 -26.99
C TYR B 216 -23.71 23.25 -27.14
N ALA B 217 -22.91 24.30 -27.16
CA ALA B 217 -23.44 25.69 -27.14
C ALA B 217 -24.42 25.92 -28.29
N ARG B 218 -24.25 25.20 -29.39
CA ARG B 218 -25.17 25.32 -30.53
C ARG B 218 -26.55 24.78 -30.17
N ASP B 219 -26.61 23.63 -29.48
CA ASP B 219 -27.87 22.92 -29.19
C ASP B 219 -28.54 23.47 -27.93
N PHE B 220 -28.06 24.55 -27.34
CA PHE B 220 -28.55 24.98 -26.01
C PHE B 220 -29.94 25.59 -26.04
N ASP B 221 -30.53 25.59 -24.86
CA ASP B 221 -31.78 26.29 -24.55
C ASP B 221 -31.48 27.79 -24.46
N PRO B 222 -32.39 28.66 -24.96
CA PRO B 222 -32.14 30.09 -24.91
C PRO B 222 -31.88 30.64 -23.50
N ALA B 223 -32.52 30.05 -22.48
CA ALA B 223 -32.27 30.46 -21.09
C ALA B 223 -30.88 30.05 -20.65
N VAL B 224 -30.40 28.89 -21.10
CA VAL B 224 -29.06 28.42 -20.71
C VAL B 224 -28.01 29.29 -21.37
N THR B 225 -28.21 29.65 -22.64
CA THR B 225 -27.30 30.58 -23.33
C THR B 225 -27.22 31.90 -22.56
N GLU B 226 -28.35 32.39 -22.07
CA GLU B 226 -28.37 33.70 -21.39
C GLU B 226 -27.65 33.61 -20.05
N TYR B 227 -27.88 32.55 -19.30
CA TYR B 227 -27.22 32.41 -17.98
C TYR B 227 -25.70 32.38 -18.15
N ILE B 228 -25.23 31.75 -19.21
CA ILE B 228 -23.76 31.59 -19.39
C ILE B 228 -23.13 32.93 -19.79
N GLN B 229 -23.73 33.64 -20.71
CA GLN B 229 -23.22 34.98 -21.07
C GLN B 229 -23.21 35.88 -19.84
N ARG B 230 -24.19 35.74 -18.97
CA ARG B 230 -24.21 36.51 -17.72
C ARG B 230 -22.96 36.21 -16.89
N LYS B 231 -22.45 34.98 -16.96
CA LYS B 231 -21.25 34.61 -16.18
C LYS B 231 -19.99 35.11 -16.87
N LYS B 232 -19.96 35.07 -18.20
CA LYS B 232 -18.79 35.58 -18.94
C LYS B 232 -18.86 37.10 -19.05
N PHE B 233 -20.05 37.64 -19.28
CA PHE B 233 -20.28 39.09 -19.42
C PHE B 233 -21.20 39.51 -18.30
N PRO B 234 -20.65 39.95 -17.15
CA PRO B 234 -21.48 40.22 -15.98
C PRO B 234 -22.33 41.46 -16.21
N PRO B 235 -23.59 41.45 -15.73
CA PRO B 235 -24.46 42.61 -15.89
C PRO B 235 -24.29 43.64 -14.76
N ASP B 236 -23.53 43.29 -13.73
CA ASP B 236 -23.39 44.13 -12.52
C ASP B 236 -21.98 44.73 -12.45
N ASN B 237 -21.28 44.77 -13.58
CA ASN B 237 -19.84 45.16 -13.65
C ASN B 237 -19.04 44.37 -12.61
N SER B 238 -19.50 43.18 -12.26
CA SER B 238 -18.81 42.32 -11.28
C SER B 238 -17.72 41.51 -11.99
N ALA B 239 -17.08 40.62 -11.24
CA ALA B 239 -16.04 39.76 -11.81
C ALA B 239 -16.69 38.62 -12.59
N PRO B 240 -16.20 38.30 -13.79
CA PRO B 240 -16.68 37.11 -14.49
C PRO B 240 -16.29 35.83 -13.74
N TYR B 241 -17.18 34.85 -13.78
CA TYR B 241 -16.94 33.56 -13.12
C TYR B 241 -15.83 32.80 -13.82
N GLY B 242 -15.21 31.88 -13.09
CA GLY B 242 -14.29 30.90 -13.68
C GLY B 242 -15.05 29.71 -14.23
N ALA B 243 -14.44 29.02 -15.17
CA ALA B 243 -15.04 27.84 -15.83
C ALA B 243 -14.25 26.59 -15.46
N ARG B 244 -14.96 25.55 -15.03
CA ARG B 244 -14.36 24.23 -14.76
C ARG B 244 -15.33 23.15 -15.20
N TYR B 245 -14.87 22.23 -16.01
CA TYR B 245 -15.69 21.07 -16.43
C TYR B 245 -14.76 19.87 -16.59
N VAL B 246 -14.69 19.03 -15.56
CA VAL B 246 -13.77 17.88 -15.54
C VAL B 246 -14.28 16.81 -16.51
N GLY B 247 -15.60 16.71 -16.68
CA GLY B 247 -16.18 15.60 -17.42
C GLY B 247 -16.50 14.40 -16.55
N SER B 248 -16.16 14.47 -15.27
CA SER B 248 -16.65 13.51 -14.25
C SER B 248 -17.61 14.27 -13.35
N MET B 249 -18.85 13.80 -13.26
CA MET B 249 -19.85 14.48 -12.41
C MET B 249 -19.35 14.55 -10.97
N VAL B 250 -18.84 13.44 -10.48
CA VAL B 250 -18.37 13.34 -9.06
C VAL B 250 -17.39 14.46 -8.77
N ALA B 251 -16.40 14.63 -9.64
CA ALA B 251 -15.34 15.63 -9.40
C ALA B 251 -15.90 17.05 -9.50
N ASP B 252 -16.84 17.28 -10.40
CA ASP B 252 -17.40 18.63 -10.58
C ASP B 252 -18.40 18.96 -9.48
N VAL B 253 -19.21 17.99 -9.10
CA VAL B 253 -20.16 18.21 -7.98
C VAL B 253 -19.39 18.39 -6.68
N HIS B 254 -18.34 17.60 -6.45
CA HIS B 254 -17.54 17.73 -5.22
C HIS B 254 -16.81 19.08 -5.21
N ARG B 255 -16.33 19.53 -6.36
CA ARG B 255 -15.74 20.89 -6.45
C ARG B 255 -16.82 21.93 -6.12
N THR B 256 -18.04 21.72 -6.60
CA THR B 256 -19.14 22.66 -6.33
C THR B 256 -19.47 22.66 -4.83
N LEU B 257 -19.43 21.50 -4.19
CA LEU B 257 -19.66 21.43 -2.74
C LEU B 257 -18.54 22.14 -1.97
N VAL B 258 -17.30 21.96 -2.41
CA VAL B 258 -16.14 22.41 -1.61
C VAL B 258 -15.87 23.89 -1.85
N TYR B 259 -15.99 24.35 -3.10
CA TYR B 259 -15.62 25.74 -3.46
C TYR B 259 -16.83 26.61 -3.77
N GLY B 260 -17.97 26.02 -4.08
CA GLY B 260 -19.16 26.81 -4.45
C GLY B 260 -19.27 27.00 -5.95
N GLY B 261 -20.45 27.44 -6.36
CA GLY B 261 -20.71 27.71 -7.78
C GLY B 261 -21.94 27.01 -8.30
N ILE B 262 -21.88 26.58 -9.55
CA ILE B 262 -23.07 25.98 -10.21
C ILE B 262 -22.61 24.96 -11.24
N PHE B 263 -23.30 23.84 -11.29
CA PHE B 263 -23.04 22.75 -12.25
C PHE B 263 -24.29 22.52 -13.07
N LEU B 264 -24.11 22.36 -14.37
CA LEU B 264 -25.25 22.27 -15.31
C LEU B 264 -24.96 21.16 -16.31
N TYR B 265 -25.85 20.18 -16.36
CA TYR B 265 -25.99 19.31 -17.55
C TYR B 265 -27.44 19.37 -17.96
N PRO B 266 -27.84 20.45 -18.67
CA PRO B 266 -29.25 20.69 -18.93
C PRO B 266 -29.75 19.98 -20.18
N ALA B 267 -31.06 20.04 -20.37
CA ALA B 267 -31.69 19.54 -21.59
C ALA B 267 -31.33 20.47 -22.75
N ASN B 268 -30.71 19.93 -23.78
CA ASN B 268 -30.39 20.73 -24.97
C ASN B 268 -31.53 20.61 -25.98
N LYS B 269 -31.28 19.93 -27.09
CA LYS B 269 -32.30 19.71 -28.14
C LYS B 269 -32.13 18.32 -28.74
N LYS B 270 -30.91 17.79 -28.74
CA LYS B 270 -30.64 16.40 -29.15
C LYS B 270 -30.61 15.47 -27.93
N SER B 271 -31.21 15.91 -26.83
CA SER B 271 -31.42 15.12 -25.60
C SER B 271 -32.38 15.91 -24.74
N PRO B 272 -33.70 15.76 -24.95
CA PRO B 272 -34.65 16.65 -24.29
C PRO B 272 -34.84 16.35 -22.80
N ASN B 273 -34.24 15.27 -22.31
CA ASN B 273 -34.27 14.94 -20.87
C ASN B 273 -32.86 14.99 -20.26
N GLY B 274 -31.88 15.47 -21.00
CA GLY B 274 -30.48 15.48 -20.53
C GLY B 274 -29.82 14.14 -20.67
N LYS B 275 -28.62 14.04 -20.11
CA LYS B 275 -27.79 12.81 -20.20
C LYS B 275 -27.82 12.05 -18.89
N LEU B 276 -27.63 12.74 -17.77
CA LEU B 276 -27.36 12.06 -16.49
C LEU B 276 -28.61 11.36 -15.98
N ARG B 277 -28.41 10.19 -15.40
CA ARG B 277 -29.53 9.34 -14.96
C ARG B 277 -30.11 9.88 -13.66
N LEU B 278 -31.42 9.73 -13.51
CA LEU B 278 -32.14 10.29 -12.34
C LEU B 278 -31.80 9.49 -11.08
N LEU B 279 -31.91 8.17 -11.14
CA LEU B 279 -31.89 7.36 -9.91
C LEU B 279 -30.51 7.35 -9.27
N TYR B 280 -29.46 7.20 -10.07
CA TYR B 280 -28.12 6.92 -9.52
C TYR B 280 -27.09 7.96 -9.95
N GLU B 281 -27.51 9.14 -10.38
CA GLU B 281 -26.58 10.25 -10.66
C GLU B 281 -27.18 11.57 -10.23
N CYS B 282 -28.38 11.87 -10.72
CA CYS B 282 -29.02 13.18 -10.45
C CYS B 282 -29.57 13.24 -9.03
N ASN B 283 -30.42 12.29 -8.66
CA ASN B 283 -31.00 12.26 -7.30
C ASN B 283 -29.92 12.22 -6.24
N PRO B 284 -28.94 11.29 -6.26
CA PRO B 284 -27.95 11.26 -5.18
C PRO B 284 -27.19 12.57 -5.01
N MET B 285 -26.83 13.24 -6.09
CA MET B 285 -26.16 14.55 -5.98
C MET B 285 -27.14 15.62 -5.50
N ALA B 286 -28.37 15.57 -5.98
CA ALA B 286 -29.41 16.53 -5.54
C ALA B 286 -29.57 16.44 -4.02
N TYR B 287 -29.55 15.23 -3.49
CA TYR B 287 -29.71 15.03 -2.03
C TYR B 287 -28.52 15.65 -1.29
N VAL B 288 -27.31 15.33 -1.73
CA VAL B 288 -26.09 15.90 -1.10
C VAL B 288 -26.15 17.42 -1.17
N MET B 289 -26.56 17.96 -2.31
CA MET B 289 -26.61 19.43 -2.47
C MET B 289 -27.64 20.03 -1.52
N GLU B 290 -28.81 19.42 -1.41
CA GLU B 290 -29.88 19.97 -0.55
C GLU B 290 -29.47 19.89 0.92
N LYS B 291 -28.92 18.76 1.34
CA LYS B 291 -28.47 18.63 2.75
C LYS B 291 -27.39 19.64 3.07
N ALA B 292 -26.60 20.03 2.07
CA ALA B 292 -25.53 21.03 2.25
C ALA B 292 -26.03 22.45 2.09
N GLY B 293 -27.34 22.64 2.02
CA GLY B 293 -27.93 23.98 1.83
C GLY B 293 -27.93 24.44 0.39
N GLY B 294 -27.64 23.55 -0.56
CA GLY B 294 -27.71 23.89 -1.99
C GLY B 294 -29.04 23.47 -2.59
N MET B 295 -29.11 23.58 -3.91
CA MET B 295 -30.37 23.32 -4.65
C MET B 295 -30.06 22.46 -5.87
N ALA B 296 -31.09 21.83 -6.40
CA ALA B 296 -30.94 20.95 -7.58
C ALA B 296 -32.27 20.89 -8.31
N THR B 297 -32.39 21.73 -9.32
CA THR B 297 -33.61 21.84 -10.15
C THR B 297 -33.42 21.09 -11.45
N THR B 298 -34.53 20.85 -12.14
CA THR B 298 -34.52 20.39 -13.53
C THR B 298 -34.79 21.55 -14.49
N GLY B 299 -35.13 22.71 -13.96
CA GLY B 299 -35.73 23.80 -14.75
C GLY B 299 -37.17 23.97 -14.33
N LYS B 300 -37.93 22.90 -14.35
CA LYS B 300 -39.37 22.92 -13.98
C LYS B 300 -39.54 22.70 -12.48
N GLU B 301 -38.98 21.62 -11.96
CA GLU B 301 -39.18 21.22 -10.55
C GLU B 301 -37.83 20.96 -9.89
N ALA B 302 -37.87 20.47 -8.66
CA ALA B 302 -36.64 20.00 -7.97
C ALA B 302 -36.40 18.54 -8.35
N VAL B 303 -35.14 18.21 -8.58
CA VAL B 303 -34.75 16.84 -8.99
C VAL B 303 -35.33 15.83 -7.99
N LEU B 304 -35.28 16.16 -6.71
CA LEU B 304 -35.79 15.23 -5.69
C LEU B 304 -37.31 15.05 -5.80
N ASP B 305 -38.00 16.01 -6.41
CA ASP B 305 -39.47 15.95 -6.54
C ASP B 305 -39.92 15.08 -7.70
N VAL B 306 -39.02 14.72 -8.61
CA VAL B 306 -39.41 14.03 -9.86
C VAL B 306 -39.82 12.59 -9.54
N ILE B 307 -40.95 12.18 -10.09
CA ILE B 307 -41.46 10.79 -9.91
C ILE B 307 -40.85 9.95 -11.02
N PRO B 308 -40.05 8.92 -10.69
CA PRO B 308 -39.48 8.07 -11.72
C PRO B 308 -40.54 7.23 -12.43
N THR B 309 -40.28 6.95 -13.70
CA THR B 309 -41.07 5.96 -14.47
C THR B 309 -40.20 4.91 -15.14
N ASP B 310 -38.89 5.14 -15.27
CA ASP B 310 -37.95 4.11 -15.73
C ASP B 310 -36.70 4.16 -14.86
N ILE B 311 -36.06 3.02 -14.66
CA ILE B 311 -34.90 2.98 -13.74
C ILE B 311 -33.69 3.64 -14.40
N HIS B 312 -33.60 3.61 -15.72
CA HIS B 312 -32.51 4.28 -16.44
C HIS B 312 -33.01 5.57 -17.08
N GLN B 313 -33.92 6.24 -16.41
CA GLN B 313 -34.50 7.49 -16.91
C GLN B 313 -33.41 8.56 -16.89
N ARG B 314 -33.49 9.48 -17.82
CA ARG B 314 -32.60 10.66 -17.74
C ARG B 314 -33.38 11.87 -17.26
N ALA B 315 -32.67 12.79 -16.65
CA ALA B 315 -33.22 14.05 -16.13
C ALA B 315 -32.19 15.15 -16.31
N PRO B 316 -32.62 16.37 -16.63
CA PRO B 316 -31.71 17.51 -16.61
C PRO B 316 -31.39 17.92 -15.17
N VAL B 317 -30.33 18.69 -15.02
CA VAL B 317 -29.86 19.00 -13.65
C VAL B 317 -29.04 20.29 -13.61
N ILE B 318 -29.44 21.20 -12.73
CA ILE B 318 -28.67 22.44 -12.48
C ILE B 318 -28.51 22.48 -10.97
N LEU B 319 -27.36 22.06 -10.46
CA LEU B 319 -27.15 21.96 -8.98
C LEU B 319 -26.11 22.96 -8.53
N GLY B 320 -26.00 23.17 -7.22
CA GLY B 320 -24.91 24.00 -6.69
C GLY B 320 -25.35 24.98 -5.62
N SER B 321 -24.60 26.07 -5.48
CA SER B 321 -24.86 27.12 -4.49
C SER B 321 -26.27 27.68 -4.69
N PRO B 322 -27.03 27.95 -3.61
CA PRO B 322 -28.42 28.39 -3.74
C PRO B 322 -28.66 29.66 -4.58
N ASP B 323 -27.90 30.73 -4.38
CA ASP B 323 -28.12 32.00 -5.11
C ASP B 323 -27.77 31.81 -6.59
N ASP B 324 -26.94 30.83 -6.92
CA ASP B 324 -26.65 30.55 -8.33
C ASP B 324 -27.83 29.85 -8.99
N VAL B 325 -28.36 28.81 -8.35
CA VAL B 325 -29.51 28.07 -8.91
C VAL B 325 -30.73 28.98 -8.99
N LEU B 326 -30.84 29.94 -8.06
CA LEU B 326 -31.92 30.95 -8.15
C LEU B 326 -31.71 31.83 -9.38
N GLU B 327 -30.50 32.36 -9.55
CA GLU B 327 -30.19 33.25 -10.70
C GLU B 327 -30.51 32.54 -12.01
N PHE B 328 -30.13 31.27 -12.14
CA PHE B 328 -30.52 30.48 -13.31
C PHE B 328 -32.03 30.44 -13.45
N LEU B 329 -32.74 30.16 -12.36
CA LEU B 329 -34.19 29.93 -12.44
C LEU B 329 -34.91 31.20 -12.89
N LYS B 330 -34.46 32.37 -12.44
CA LYS B 330 -35.02 33.64 -12.94
C LYS B 330 -34.97 33.67 -14.47
N VAL B 331 -33.80 33.43 -15.03
CA VAL B 331 -33.64 33.38 -16.50
C VAL B 331 -34.52 32.27 -17.09
N TYR B 332 -34.54 31.10 -16.49
CA TYR B 332 -35.30 29.97 -17.07
C TYR B 332 -36.77 30.34 -17.18
N GLU B 333 -37.27 31.18 -16.29
CA GLU B 333 -38.72 31.47 -16.24
C GLU B 333 -39.06 32.67 -17.13
N LYS B 334 -38.14 33.62 -17.27
CA LYS B 334 -38.31 34.69 -18.28
C LYS B 334 -38.49 34.10 -19.68
N HIS B 335 -37.85 32.96 -19.96
CA HIS B 335 -37.93 32.30 -21.28
C HIS B 335 -38.97 31.19 -21.30
N SER B 336 -39.83 31.09 -20.29
CA SER B 336 -40.81 29.98 -20.22
C SER B 336 -42.23 30.50 -20.47
N ALA B 337 -43.22 29.67 -20.17
N ASP C 10 23.51 10.78 3.49
CA ASP C 10 22.32 11.41 2.87
C ASP C 10 21.29 10.30 2.67
N VAL C 11 20.08 10.65 2.22
CA VAL C 11 19.07 9.60 1.95
C VAL C 11 19.63 8.67 0.88
N ASN C 12 19.94 7.45 1.27
CA ASN C 12 20.60 6.47 0.36
C ASN C 12 19.69 5.28 0.21
N THR C 13 19.25 5.03 -1.01
CA THR C 13 18.40 3.89 -1.37
C THR C 13 19.24 2.83 -2.06
N LEU C 14 18.70 1.62 -2.12
CA LEU C 14 19.41 0.51 -2.82
C LEU C 14 19.67 0.89 -4.26
N THR C 15 18.75 1.63 -4.88
CA THR C 15 18.92 2.01 -6.30
C THR C 15 20.04 3.05 -6.44
N ARG C 16 20.08 4.03 -5.54
CA ARG C 16 21.19 5.00 -5.53
C ARG C 16 22.51 4.28 -5.27
N PHE C 17 22.51 3.33 -4.34
CA PHE C 17 23.75 2.66 -3.91
C PHE C 17 24.38 1.89 -5.06
N VAL C 18 23.58 1.15 -5.80
CA VAL C 18 24.12 0.24 -6.85
C VAL C 18 24.57 1.04 -8.06
N MET C 19 23.93 2.17 -8.33
CA MET C 19 24.40 3.01 -9.44
C MET C 19 25.78 3.58 -9.08
N GLU C 20 25.96 4.10 -7.87
CA GLU C 20 27.20 4.80 -7.46
C GLU C 20 28.38 3.83 -7.44
N GLU C 21 28.17 2.59 -7.01
CA GLU C 21 29.27 1.62 -6.87
C GLU C 21 29.77 1.22 -8.25
N GLY C 22 28.88 1.12 -9.24
CA GLY C 22 29.25 0.78 -10.62
C GLY C 22 29.77 2.00 -11.37
N ARG C 23 29.39 3.19 -10.95
CA ARG C 23 29.95 4.42 -11.56
C ARG C 23 31.38 4.61 -11.03
N LYS C 24 31.63 4.26 -9.77
CA LYS C 24 32.99 4.34 -9.19
C LYS C 24 33.83 3.19 -9.73
N ALA C 25 33.19 2.08 -10.11
CA ALA C 25 33.91 0.95 -10.73
C ALA C 25 33.91 1.13 -12.25
N ARG C 26 33.32 2.22 -12.75
CA ARG C 26 33.26 2.54 -14.19
C ARG C 26 32.90 1.26 -14.95
N GLY C 27 31.77 0.66 -14.57
CA GLY C 27 31.33 -0.60 -15.19
C GLY C 27 30.41 -0.38 -16.37
N THR C 28 30.23 -1.44 -17.13
CA THR C 28 29.28 -1.45 -18.26
C THR C 28 27.91 -0.96 -17.79
N GLY C 29 27.46 -1.46 -16.64
CA GLY C 29 26.10 -1.19 -16.14
C GLY C 29 25.29 -2.45 -15.97
N GLU C 30 25.81 -3.61 -16.37
CA GLU C 30 25.06 -4.88 -16.30
C GLU C 30 24.74 -5.24 -14.85
N LEU C 31 25.76 -5.33 -14.02
CA LEU C 31 25.56 -5.71 -12.61
C LEU C 31 24.55 -4.77 -11.94
N THR C 32 24.63 -3.48 -12.24
CA THR C 32 23.67 -2.51 -11.67
C THR C 32 22.26 -2.82 -12.13
N GLN C 33 22.10 -3.16 -13.40
CA GLN C 33 20.76 -3.53 -13.92
C GLN C 33 20.28 -4.84 -13.29
N LEU C 34 21.18 -5.79 -13.09
CA LEU C 34 20.81 -7.09 -12.49
C LEU C 34 20.28 -6.88 -11.07
N LEU C 35 21.03 -6.20 -10.23
CA LEU C 35 20.61 -6.00 -8.82
C LEU C 35 19.35 -5.13 -8.77
N ASN C 36 19.24 -4.17 -9.67
CA ASN C 36 18.03 -3.33 -9.72
C ASN C 36 16.83 -4.14 -10.20
N SER C 37 17.06 -5.10 -11.09
CA SER C 37 15.99 -6.01 -11.53
C SER C 37 15.56 -6.91 -10.37
N LEU C 38 16.54 -7.43 -9.64
CA LEU C 38 16.26 -8.29 -8.47
C LEU C 38 15.53 -7.49 -7.38
N CYS C 39 15.90 -6.24 -7.22
CA CYS C 39 15.22 -5.34 -6.26
C CYS C 39 13.73 -5.22 -6.61
N THR C 40 13.41 -5.11 -7.88
CA THR C 40 12.00 -4.98 -8.32
C THR C 40 11.25 -6.29 -8.07
N ALA C 41 11.92 -7.42 -8.28
CA ALA C 41 11.29 -8.74 -8.03
C ALA C 41 11.03 -8.92 -6.54
N VAL C 42 11.99 -8.55 -5.71
CA VAL C 42 11.85 -8.73 -4.24
C VAL C 42 10.67 -7.92 -3.73
N LYS C 43 10.49 -6.71 -4.26
CA LYS C 43 9.34 -5.88 -3.86
C LYS C 43 8.03 -6.55 -4.28
N ALA C 44 8.04 -7.27 -5.39
CA ALA C 44 6.82 -7.97 -5.87
C ALA C 44 6.56 -9.19 -4.99
N ILE C 45 7.61 -9.93 -4.63
CA ILE C 45 7.43 -11.11 -3.75
C ILE C 45 6.92 -10.64 -2.39
N SER C 46 7.46 -9.54 -1.88
CA SER C 46 7.02 -8.99 -0.59
C SER C 46 5.52 -8.69 -0.63
N SER C 47 5.06 -8.07 -1.71
CA SER C 47 3.63 -7.73 -1.84
C SER C 47 2.79 -9.01 -1.83
N ALA C 48 3.23 -10.03 -2.54
CA ALA C 48 2.49 -11.30 -2.61
C ALA C 48 2.52 -12.00 -1.24
N VAL C 49 3.70 -12.07 -0.62
CA VAL C 49 3.85 -12.76 0.68
C VAL C 49 2.95 -12.08 1.72
N ARG C 50 2.87 -10.76 1.70
CA ARG C 50 2.07 -10.01 2.70
C ARG C 50 0.57 -10.11 2.39
N LYS C 51 0.20 -10.74 1.28
CA LYS C 51 -1.20 -11.07 0.91
C LYS C 51 -1.99 -9.86 0.43
N ALA C 52 -1.40 -9.06 -0.44
CA ALA C 52 -2.16 -8.03 -1.18
C ALA C 52 -3.12 -8.72 -2.15
N GLY C 53 -4.33 -8.18 -2.25
CA GLY C 53 -5.35 -8.74 -3.13
C GLY C 53 -5.90 -10.07 -2.65
N ILE C 54 -5.59 -10.48 -1.42
CA ILE C 54 -6.12 -11.75 -0.87
C ILE C 54 -7.65 -11.74 -0.88
N ALA C 55 -8.26 -10.57 -0.75
CA ALA C 55 -9.73 -10.45 -0.76
C ALA C 55 -10.30 -10.94 -2.08
N HIS C 56 -9.58 -10.76 -3.18
CA HIS C 56 -10.11 -11.15 -4.50
C HIS C 56 -10.14 -12.66 -4.63
N LEU C 57 -9.21 -13.36 -4.01
CA LEU C 57 -9.23 -14.84 -4.01
C LEU C 57 -10.36 -15.36 -3.13
N TYR C 58 -10.91 -14.54 -2.25
CA TYR C 58 -11.99 -14.97 -1.34
C TYR C 58 -13.33 -14.32 -1.69
N GLY C 59 -13.45 -13.79 -2.91
CA GLY C 59 -14.75 -13.45 -3.48
C GLY C 59 -15.24 -12.06 -3.14
N ILE C 60 -14.36 -11.08 -3.01
CA ILE C 60 -14.83 -9.70 -2.70
C ILE C 60 -15.60 -9.15 -3.91
N ALA C 61 -15.24 -9.56 -5.12
CA ALA C 61 -15.95 -9.12 -6.33
C ALA C 61 -16.80 -10.26 -6.91
N GLY C 62 -17.06 -11.30 -6.14
CA GLY C 62 -17.92 -12.42 -6.55
C GLY C 62 -17.17 -13.71 -6.83
N SER C 63 -15.90 -13.62 -7.25
CA SER C 63 -15.09 -14.81 -7.61
C SER C 63 -15.06 -15.81 -6.44
N LYS C 73 1.70 -21.82 -4.95
CA LYS C 73 1.70 -20.84 -6.06
C LYS C 73 2.48 -19.59 -5.66
N LEU C 74 2.78 -19.42 -4.38
CA LEU C 74 3.61 -18.26 -3.97
C LEU C 74 5.06 -18.48 -4.34
N ASP C 75 5.60 -19.67 -4.08
CA ASP C 75 7.01 -19.93 -4.46
C ASP C 75 7.11 -20.13 -5.97
N VAL C 76 6.03 -20.54 -6.62
CA VAL C 76 6.01 -20.59 -8.10
C VAL C 76 5.97 -19.15 -8.63
N LEU C 77 5.11 -18.31 -8.05
CA LEU C 77 5.08 -16.89 -8.43
C LEU C 77 6.42 -16.23 -8.13
N SER C 78 7.01 -16.53 -6.98
CA SER C 78 8.34 -15.99 -6.61
C SER C 78 9.37 -16.39 -7.66
N ASN C 79 9.37 -17.65 -8.05
CA ASN C 79 10.29 -18.14 -9.11
C ASN C 79 10.05 -17.36 -10.41
N ASP C 80 8.80 -17.28 -10.84
CA ASP C 80 8.46 -16.58 -12.11
C ASP C 80 8.94 -15.14 -12.05
N LEU C 81 8.73 -14.46 -10.92
CA LEU C 81 9.07 -13.04 -10.81
C LEU C 81 10.57 -12.83 -10.97
N VAL C 82 11.38 -13.56 -10.22
CA VAL C 82 12.85 -13.45 -10.34
C VAL C 82 13.28 -13.88 -11.75
N MET C 83 12.83 -15.05 -12.19
CA MET C 83 13.20 -15.60 -13.51
C MET C 83 12.98 -14.56 -14.61
N ASN C 84 11.82 -13.93 -14.62
CA ASN C 84 11.48 -13.03 -15.74
C ASN C 84 12.16 -11.67 -15.55
N MET C 85 12.26 -11.19 -14.32
CA MET C 85 12.99 -9.93 -14.08
C MET C 85 14.47 -10.09 -14.43
N LEU C 86 15.04 -11.27 -14.20
CA LEU C 86 16.47 -11.50 -14.50
C LEU C 86 16.70 -11.68 -16.00
N LYS C 87 15.85 -12.45 -16.66
CA LYS C 87 15.95 -12.61 -18.13
C LYS C 87 15.86 -11.24 -18.81
N SER C 88 14.87 -10.44 -18.43
CA SER C 88 14.63 -9.12 -19.05
C SER C 88 15.71 -8.11 -18.66
N SER C 89 16.65 -8.47 -17.78
CA SER C 89 17.67 -7.51 -17.31
C SER C 89 18.73 -7.25 -18.39
N PHE C 90 18.85 -8.14 -19.37
CA PHE C 90 19.96 -8.11 -20.36
C PHE C 90 21.30 -8.23 -19.64
N ALA C 91 21.36 -9.06 -18.61
CA ALA C 91 22.55 -9.12 -17.74
C ALA C 91 22.89 -10.53 -17.26
N THR C 92 22.10 -11.55 -17.58
CA THR C 92 22.37 -12.92 -17.12
C THR C 92 22.43 -13.88 -18.31
N CYS C 93 23.07 -15.01 -18.10
CA CYS C 93 23.15 -16.08 -19.12
C CYS C 93 22.81 -17.46 -18.57
N VAL C 94 22.97 -17.69 -17.26
CA VAL C 94 22.66 -18.99 -16.65
C VAL C 94 21.95 -18.73 -15.33
N LEU C 95 20.77 -19.32 -15.16
CA LEU C 95 19.94 -19.10 -13.96
C LEU C 95 19.60 -20.44 -13.33
N VAL C 96 20.04 -20.64 -12.09
CA VAL C 96 19.78 -21.88 -11.33
C VAL C 96 18.83 -21.55 -10.18
N SER C 97 17.73 -22.28 -10.11
CA SER C 97 16.65 -22.00 -9.14
C SER C 97 16.32 -23.27 -8.36
N GLU C 98 16.01 -23.12 -7.09
CA GLU C 98 15.54 -24.24 -6.25
C GLU C 98 14.34 -24.90 -6.90
N GLU C 99 13.57 -24.15 -7.67
CA GLU C 99 12.33 -24.67 -8.29
C GLU C 99 12.61 -25.44 -9.58
N ASP C 100 13.65 -25.06 -10.30
CA ASP C 100 13.90 -25.60 -11.65
C ASP C 100 14.98 -26.67 -11.57
N LYS C 101 14.63 -27.88 -11.95
CA LYS C 101 15.50 -29.06 -11.79
C LYS C 101 16.69 -28.99 -12.75
N HIS C 102 16.68 -28.07 -13.69
CA HIS C 102 17.83 -27.86 -14.60
C HIS C 102 18.02 -26.37 -14.82
N ALA C 103 19.28 -25.96 -14.99
CA ALA C 103 19.63 -24.53 -15.15
C ALA C 103 18.98 -23.98 -16.41
N ILE C 104 18.59 -22.71 -16.35
CA ILE C 104 17.93 -22.03 -17.49
C ILE C 104 19.01 -21.28 -18.26
N ILE C 105 19.14 -21.60 -19.54
CA ILE C 105 20.08 -20.86 -20.41
C ILE C 105 19.28 -19.71 -21.02
N VAL C 106 19.68 -18.49 -20.74
CA VAL C 106 18.88 -17.30 -21.18
C VAL C 106 18.96 -17.17 -22.70
N GLU C 107 17.88 -16.72 -23.33
CA GLU C 107 17.78 -16.57 -24.80
C GLU C 107 18.93 -15.69 -25.28
N PRO C 108 19.58 -16.04 -26.40
CA PRO C 108 20.73 -15.30 -26.91
C PRO C 108 20.56 -13.79 -27.04
N GLU C 109 19.39 -13.35 -27.49
CA GLU C 109 19.12 -11.95 -27.81
C GLU C 109 18.93 -11.11 -26.55
N LYS C 110 19.19 -11.68 -25.37
CA LYS C 110 19.13 -10.91 -24.11
C LYS C 110 20.16 -11.40 -23.11
N ARG C 111 21.11 -12.22 -23.54
CA ARG C 111 22.08 -12.82 -22.60
C ARG C 111 23.00 -11.75 -22.02
N GLY C 112 23.50 -12.03 -20.83
CA GLY C 112 24.45 -11.16 -20.15
C GLY C 112 25.64 -11.94 -19.68
N LYS C 113 26.41 -11.38 -18.77
CA LYS C 113 27.74 -11.95 -18.45
C LYS C 113 27.73 -12.61 -17.07
N TYR C 114 26.57 -12.64 -16.42
CA TYR C 114 26.49 -13.08 -15.02
C TYR C 114 25.65 -14.35 -14.91
N VAL C 115 26.01 -15.17 -13.94
CA VAL C 115 25.23 -16.38 -13.56
C VAL C 115 24.64 -16.13 -12.18
N VAL C 116 23.37 -16.45 -12.03
CA VAL C 116 22.63 -16.17 -10.78
C VAL C 116 22.04 -17.47 -10.25
N CYS C 117 22.43 -17.84 -9.05
CA CYS C 117 21.82 -18.95 -8.30
C CYS C 117 20.92 -18.37 -7.22
N PHE C 118 19.68 -18.83 -7.14
CA PHE C 118 18.76 -18.22 -6.16
C PHE C 118 17.71 -19.23 -5.69
N ASP C 119 17.31 -19.03 -4.43
CA ASP C 119 16.13 -19.69 -3.84
C ASP C 119 15.03 -18.64 -3.76
N PRO C 120 13.98 -18.72 -4.60
CA PRO C 120 13.06 -17.60 -4.71
C PRO C 120 12.22 -17.36 -3.47
N LEU C 121 11.82 -18.42 -2.77
CA LEU C 121 11.03 -18.28 -1.52
C LEU C 121 11.46 -19.38 -0.56
N ASP C 122 12.59 -19.14 0.09
CA ASP C 122 13.16 -20.12 1.04
C ASP C 122 12.27 -20.22 2.28
N GLY C 123 12.06 -21.45 2.73
CA GLY C 123 11.27 -21.70 3.94
C GLY C 123 9.77 -21.83 3.71
N SER C 124 9.30 -21.60 2.48
CA SER C 124 7.85 -21.55 2.18
C SER C 124 7.18 -22.90 2.44
N SER C 125 7.93 -23.90 2.88
CA SER C 125 7.32 -25.15 3.39
C SER C 125 6.40 -24.83 4.56
N ASN C 126 6.94 -24.13 5.56
CA ASN C 126 6.18 -23.74 6.76
C ASN C 126 5.58 -22.35 6.60
N ILE C 127 4.84 -22.12 5.53
CA ILE C 127 4.28 -20.76 5.28
C ILE C 127 2.81 -20.69 5.67
N ASP C 128 2.16 -21.80 5.96
CA ASP C 128 0.77 -21.78 6.45
C ASP C 128 0.68 -21.12 7.83
N CYS C 129 1.76 -21.15 8.60
CA CYS C 129 1.81 -20.50 9.92
C CYS C 129 2.32 -19.06 9.82
N LEU C 130 2.63 -18.60 8.61
CA LEU C 130 3.05 -17.20 8.35
C LEU C 130 4.40 -16.91 9.02
N VAL C 131 5.32 -17.85 8.92
CA VAL C 131 6.66 -17.64 9.52
C VAL C 131 7.47 -16.85 8.51
N SER C 132 8.53 -16.20 8.99
CA SER C 132 9.40 -15.39 8.10
C SER C 132 9.93 -16.29 6.98
N VAL C 133 9.82 -15.80 5.75
CA VAL C 133 10.38 -16.50 4.57
C VAL C 133 11.32 -15.54 3.86
N GLY C 134 12.01 -16.05 2.85
CA GLY C 134 13.04 -15.22 2.23
C GLY C 134 13.42 -15.62 0.83
N THR C 135 14.21 -14.75 0.21
CA THR C 135 14.80 -14.94 -1.12
C THR C 135 16.31 -14.85 -0.99
N ILE C 136 16.99 -15.91 -1.37
CA ILE C 136 18.48 -15.98 -1.31
C ILE C 136 19.01 -15.95 -2.73
N PHE C 137 20.19 -15.36 -2.91
CA PHE C 137 20.77 -15.24 -4.25
C PHE C 137 22.28 -15.12 -4.17
N GLY C 138 22.93 -15.42 -5.29
CA GLY C 138 24.36 -15.23 -5.48
C GLY C 138 24.68 -15.02 -6.95
N ILE C 139 25.59 -14.11 -7.25
CA ILE C 139 25.92 -13.72 -8.64
C ILE C 139 27.37 -14.10 -8.95
N TYR C 140 27.57 -14.67 -10.14
CA TYR C 140 28.90 -15.01 -10.64
C TYR C 140 29.13 -14.33 -11.98
N ARG C 141 30.40 -14.23 -12.36
CA ARG C 141 30.78 -13.88 -13.73
C ARG C 141 31.03 -15.18 -14.49
N LYS C 142 30.40 -15.33 -15.64
CA LYS C 142 30.73 -16.45 -16.55
C LYS C 142 32.21 -16.36 -16.88
N LYS C 143 33.00 -17.27 -16.31
CA LYS C 143 34.46 -17.25 -16.53
C LYS C 143 34.86 -18.09 -17.74
N SER C 144 33.99 -19.01 -18.17
CA SER C 144 34.29 -19.89 -19.31
C SER C 144 34.27 -19.10 -20.60
N THR C 145 34.78 -19.73 -21.65
CA THR C 145 34.72 -19.20 -23.03
C THR C 145 33.64 -19.93 -23.83
N ASP C 146 33.11 -21.01 -23.30
CA ASP C 146 32.15 -21.91 -23.97
C ASP C 146 30.80 -21.23 -24.20
N GLU C 147 29.85 -21.97 -24.77
CA GLU C 147 28.44 -21.59 -24.79
C GLU C 147 27.85 -21.80 -23.40
N PRO C 148 26.91 -20.94 -22.96
CA PRO C 148 26.39 -21.05 -21.60
C PRO C 148 25.83 -22.45 -21.28
N SER C 149 26.13 -22.92 -20.08
CA SER C 149 25.72 -24.26 -19.63
C SER C 149 25.77 -24.32 -18.11
N GLU C 150 25.29 -25.42 -17.56
CA GLU C 150 25.28 -25.64 -16.10
C GLU C 150 26.70 -25.49 -15.53
N LYS C 151 27.72 -25.83 -16.30
CA LYS C 151 29.11 -25.78 -15.82
C LYS C 151 29.47 -24.36 -15.40
N ASP C 152 28.84 -23.36 -16.00
CA ASP C 152 29.07 -21.95 -15.61
C ASP C 152 28.53 -21.64 -14.23
N ALA C 153 27.69 -22.51 -13.67
CA ALA C 153 27.12 -22.31 -12.33
C ALA C 153 27.77 -23.21 -11.28
N LEU C 154 28.58 -24.18 -11.70
CA LEU C 154 29.24 -25.09 -10.75
C LEU C 154 30.54 -24.47 -10.24
N GLN C 155 30.57 -23.15 -10.15
CA GLN C 155 31.75 -22.43 -9.62
C GLN C 155 31.69 -22.46 -8.10
N PRO C 156 32.84 -22.61 -7.41
CA PRO C 156 32.87 -22.47 -5.95
C PRO C 156 32.55 -21.04 -5.49
N GLY C 157 32.04 -20.88 -4.26
CA GLY C 157 31.55 -19.57 -3.76
C GLY C 157 32.61 -18.51 -3.54
N ARG C 158 33.88 -18.84 -3.67
CA ARG C 158 34.97 -17.83 -3.58
C ARG C 158 34.91 -16.92 -4.81
N ASN C 159 34.25 -17.36 -5.89
CA ASN C 159 34.19 -16.60 -7.16
C ASN C 159 32.97 -15.71 -7.21
N LEU C 160 32.24 -15.57 -6.10
CA LEU C 160 31.01 -14.73 -6.05
C LEU C 160 31.36 -13.26 -6.22
N VAL C 161 30.60 -12.52 -7.04
CA VAL C 161 30.76 -11.06 -7.21
C VAL C 161 29.86 -10.38 -6.18
N ALA C 162 28.68 -10.96 -5.96
CA ALA C 162 27.66 -10.43 -5.05
C ALA C 162 26.78 -11.56 -4.52
N ALA C 163 26.30 -11.46 -3.30
CA ALA C 163 25.41 -12.47 -2.70
C ALA C 163 24.53 -11.78 -1.66
N GLY C 164 23.51 -12.48 -1.17
CA GLY C 164 22.70 -11.90 -0.10
C GLY C 164 21.31 -12.47 -0.01
N TYR C 165 20.46 -11.80 0.76
CA TYR C 165 19.11 -12.34 1.05
C TYR C 165 18.06 -11.25 1.23
N ALA C 166 16.81 -11.63 1.01
CA ALA C 166 15.65 -10.76 1.27
C ALA C 166 14.78 -11.46 2.30
N LEU C 167 14.70 -10.90 3.50
CA LEU C 167 13.83 -11.46 4.56
C LEU C 167 12.49 -10.73 4.53
N TYR C 168 11.40 -11.47 4.49
CA TYR C 168 10.04 -10.91 4.59
C TYR C 168 9.55 -11.31 5.98
N GLY C 169 9.96 -10.58 7.01
CA GLY C 169 9.56 -10.89 8.39
C GLY C 169 8.58 -9.86 8.91
N SER C 170 8.91 -9.26 10.05
CA SER C 170 8.13 -8.14 10.59
C SER C 170 8.17 -7.00 9.58
N ALA C 171 9.32 -6.84 8.93
CA ALA C 171 9.46 -5.92 7.79
C ALA C 171 10.39 -6.59 6.78
N THR C 172 10.46 -6.05 5.57
CA THR C 172 11.27 -6.66 4.49
C THR C 172 12.63 -5.99 4.41
N MET C 173 13.70 -6.80 4.36
CA MET C 173 15.08 -6.27 4.26
C MET C 173 15.87 -7.03 3.18
N LEU C 174 16.48 -6.29 2.25
CA LEU C 174 17.44 -6.89 1.29
C LEU C 174 18.82 -6.66 1.89
N VAL C 175 19.55 -7.73 2.12
CA VAL C 175 20.95 -7.60 2.63
C VAL C 175 21.87 -7.92 1.47
N LEU C 176 22.68 -6.95 1.05
CA LEU C 176 23.58 -7.14 -0.11
C LEU C 176 25.01 -7.27 0.41
N ALA C 177 25.67 -8.36 0.06
CA ALA C 177 27.08 -8.56 0.42
C ALA C 177 27.93 -8.46 -0.84
N MET C 178 28.94 -7.62 -0.82
CA MET C 178 29.90 -7.51 -1.94
C MET C 178 31.30 -7.33 -1.35
N ASP C 179 32.29 -7.03 -2.18
CA ASP C 179 33.69 -6.88 -1.71
C ASP C 179 33.80 -5.58 -0.90
N CYS C 180 32.85 -4.65 -1.05
CA CYS C 180 32.79 -3.38 -0.30
C CYS C 180 32.32 -3.63 1.13
N GLY C 181 31.56 -4.71 1.34
CA GLY C 181 31.07 -5.06 2.67
C GLY C 181 29.62 -5.51 2.63
N VAL C 182 29.01 -5.66 3.80
CA VAL C 182 27.60 -6.13 3.90
C VAL C 182 26.74 -4.90 4.18
N ASN C 183 25.72 -4.70 3.36
CA ASN C 183 24.87 -3.49 3.48
C ASN C 183 23.41 -3.92 3.60
N CYS C 184 22.74 -3.48 4.65
CA CYS C 184 21.35 -3.87 4.97
C CYS C 184 20.39 -2.75 4.58
N PHE C 185 19.33 -3.07 3.84
CA PHE C 185 18.40 -2.05 3.29
C PHE C 185 16.96 -2.41 3.66
N MET C 186 16.19 -1.46 4.19
CA MET C 186 14.78 -1.72 4.62
C MET C 186 13.80 -1.24 3.57
N LEU C 187 12.82 -2.07 3.24
CA LEU C 187 11.75 -1.67 2.29
C LEU C 187 10.74 -0.75 2.97
N ASP C 188 10.53 0.43 2.39
CA ASP C 188 9.44 1.31 2.81
C ASP C 188 8.32 0.96 1.85
N PRO C 189 7.32 0.18 2.27
CA PRO C 189 6.28 -0.29 1.38
C PRO C 189 5.41 0.86 0.85
N ALA C 190 5.51 2.04 1.44
CA ALA C 190 4.70 3.21 1.05
C ALA C 190 5.20 3.76 -0.29
N ILE C 191 6.51 3.76 -0.51
CA ILE C 191 7.10 4.36 -1.74
C ILE C 191 7.76 3.29 -2.61
N GLY C 192 8.04 2.11 -2.08
CA GLY C 192 8.74 1.06 -2.84
C GLY C 192 10.21 1.39 -2.95
N GLU C 193 10.84 1.68 -1.82
CA GLU C 193 12.27 2.03 -1.80
C GLU C 193 12.98 1.28 -0.67
N PHE C 194 14.12 0.67 -0.97
CA PHE C 194 14.94 -0.02 0.04
C PHE C 194 15.93 0.99 0.63
N ILE C 195 15.71 1.42 1.87
CA ILE C 195 16.53 2.51 2.51
C ILE C 195 17.71 1.91 3.27
N LEU C 196 18.93 2.41 3.03
CA LEU C 196 20.11 1.96 3.80
C LEU C 196 19.88 2.30 5.28
N VAL C 197 19.80 1.28 6.12
CA VAL C 197 19.52 1.47 7.57
C VAL C 197 20.72 0.92 8.37
N ASP C 198 21.66 0.25 7.73
CA ASP C 198 22.87 -0.31 8.39
C ASP C 198 23.96 -0.48 7.35
N LYS C 199 25.10 0.20 7.52
CA LYS C 199 26.19 0.26 6.51
C LYS C 199 27.41 -0.51 7.01
N ASP C 200 28.15 -1.17 6.10
CA ASP C 200 29.36 -1.98 6.40
C ASP C 200 29.12 -2.75 7.71
N VAL C 201 28.24 -3.73 7.66
CA VAL C 201 27.81 -4.48 8.88
C VAL C 201 28.81 -5.59 9.17
N LYS C 202 29.11 -5.80 10.44
CA LYS C 202 30.05 -6.84 10.90
C LYS C 202 29.38 -7.66 11.99
N ILE C 203 29.85 -8.89 12.21
CA ILE C 203 29.25 -9.80 13.24
C ILE C 203 30.11 -9.78 14.50
N LYS C 204 29.51 -10.13 15.63
CA LYS C 204 30.21 -10.21 16.94
C LYS C 204 31.23 -11.34 16.85
N LYS C 205 32.35 -11.23 17.56
CA LYS C 205 33.33 -12.34 17.58
C LYS C 205 32.67 -13.55 18.26
N LYS C 206 31.95 -13.33 19.36
CA LYS C 206 31.24 -14.44 20.03
C LYS C 206 29.84 -13.95 20.41
N GLY C 207 28.83 -14.80 20.21
CA GLY C 207 27.46 -14.48 20.59
C GLY C 207 26.95 -15.46 21.62
N LYS C 208 25.65 -15.46 21.89
CA LYS C 208 25.09 -16.30 22.98
C LYS C 208 23.84 -17.02 22.48
N ILE C 209 23.72 -17.25 21.17
CA ILE C 209 22.53 -17.96 20.60
C ILE C 209 23.02 -19.12 19.73
N TYR C 210 22.44 -20.31 19.94
CA TYR C 210 22.71 -21.50 19.09
C TYR C 210 21.43 -21.86 18.35
N SER C 211 21.54 -22.31 17.10
CA SER C 211 20.34 -22.58 16.27
C SER C 211 20.51 -23.86 15.45
N LEU C 212 19.66 -24.86 15.70
CA LEU C 212 19.66 -26.15 14.95
C LEU C 212 18.40 -26.94 15.32
N ASN C 213 18.00 -27.90 14.46
CA ASN C 213 16.85 -28.77 14.77
C ASN C 213 17.37 -29.86 15.71
N GLU C 214 17.06 -29.75 17.00
CA GLU C 214 17.50 -30.75 18.01
C GLU C 214 16.59 -31.98 17.97
N GLY C 215 15.67 -32.06 17.01
CA GLY C 215 14.85 -33.27 16.82
C GLY C 215 15.66 -34.36 16.15
N TYR C 216 16.65 -33.98 15.37
CA TYR C 216 17.57 -34.95 14.72
C TYR C 216 18.69 -35.36 15.70
N ALA C 217 18.44 -35.38 17.00
CA ALA C 217 19.48 -35.64 18.00
C ALA C 217 19.95 -37.10 17.96
N ARG C 218 19.04 -38.04 17.73
CA ARG C 218 19.36 -39.48 17.63
C ARG C 218 20.26 -39.73 16.43
N ASP C 219 20.25 -38.80 15.49
CA ASP C 219 20.95 -39.02 14.20
C ASP C 219 22.23 -38.17 14.12
N PHE C 220 22.45 -37.26 15.06
CA PHE C 220 23.59 -36.28 15.01
C PHE C 220 24.96 -36.95 15.09
N ASP C 221 26.00 -36.21 14.72
CA ASP C 221 27.39 -36.71 14.85
C ASP C 221 27.89 -36.46 16.27
N PRO C 222 28.76 -37.35 16.82
CA PRO C 222 29.39 -37.13 18.11
C PRO C 222 29.87 -35.70 18.41
N ALA C 223 30.38 -35.01 17.40
CA ALA C 223 30.91 -33.64 17.54
C ALA C 223 29.79 -32.62 17.72
N VAL C 224 28.69 -32.77 16.98
CA VAL C 224 27.52 -31.87 17.16
C VAL C 224 27.01 -32.06 18.58
N THR C 225 26.70 -33.30 18.96
CA THR C 225 26.15 -33.56 20.31
C THR C 225 27.04 -32.88 21.35
N GLU C 226 28.37 -32.96 21.20
CA GLU C 226 29.28 -32.40 22.23
C GLU C 226 29.12 -30.88 22.24
N TYR C 227 29.35 -30.21 21.10
CA TYR C 227 29.30 -28.73 21.04
C TYR C 227 27.95 -28.25 21.59
N ILE C 228 26.87 -28.90 21.19
CA ILE C 228 25.51 -28.51 21.64
C ILE C 228 25.45 -28.60 23.17
N GLN C 229 25.91 -29.71 23.76
CA GLN C 229 25.86 -29.90 25.23
C GLN C 229 26.81 -28.92 25.93
N ARG C 230 27.84 -28.43 25.25
CA ARG C 230 28.77 -27.44 25.83
C ARG C 230 28.13 -26.05 25.87
N LYS C 231 26.99 -25.86 25.22
CA LYS C 231 26.29 -24.55 25.17
C LYS C 231 25.15 -24.58 26.18
N LYS C 232 24.41 -25.69 26.25
CA LYS C 232 23.31 -25.83 27.24
C LYS C 232 23.90 -26.15 28.61
N PHE C 233 24.88 -27.06 28.68
CA PHE C 233 25.59 -27.36 29.96
C PHE C 233 27.01 -26.85 29.83
N PRO C 234 27.27 -25.55 30.09
CA PRO C 234 28.57 -24.95 29.80
C PRO C 234 29.76 -25.49 30.63
N PRO C 235 30.98 -25.51 30.07
CA PRO C 235 32.18 -25.90 30.80
C PRO C 235 32.79 -24.76 31.65
N ASP C 236 32.87 -23.55 31.08
CA ASP C 236 33.52 -22.36 31.69
C ASP C 236 32.72 -21.83 32.88
N ASN C 237 31.61 -22.46 33.23
CA ASN C 237 30.68 -21.94 34.27
C ASN C 237 30.22 -20.55 33.79
N SER C 238 29.99 -20.43 32.50
CA SER C 238 29.50 -19.18 31.87
C SER C 238 27.98 -19.29 31.79
N ALA C 239 27.33 -18.29 31.20
CA ALA C 239 25.87 -18.39 30.99
C ALA C 239 25.61 -19.45 29.94
N PRO C 240 24.63 -20.34 30.17
CA PRO C 240 24.24 -21.27 29.14
C PRO C 240 23.72 -20.45 27.95
N TYR C 241 24.07 -20.84 26.73
CA TYR C 241 23.59 -20.15 25.51
C TYR C 241 22.09 -20.32 25.36
N GLY C 242 21.44 -19.37 24.69
CA GLY C 242 20.00 -19.45 24.39
C GLY C 242 19.77 -20.07 23.03
N ALA C 243 18.65 -20.74 22.85
CA ALA C 243 18.31 -21.39 21.57
C ALA C 243 17.24 -20.60 20.84
N ARG C 244 17.36 -20.46 19.52
CA ARG C 244 16.30 -19.90 18.66
C ARG C 244 16.36 -20.66 17.33
N TYR C 245 15.28 -21.31 16.89
CA TYR C 245 15.23 -22.01 15.58
C TYR C 245 13.88 -21.79 14.89
N VAL C 246 13.83 -20.85 13.96
CA VAL C 246 12.58 -20.45 13.24
C VAL C 246 12.24 -21.53 12.20
N GLY C 247 13.24 -22.25 11.69
CA GLY C 247 13.01 -23.24 10.62
C GLY C 247 13.08 -22.61 9.25
N SER C 248 13.35 -21.31 9.17
CA SER C 248 13.59 -20.62 7.89
C SER C 248 15.00 -20.04 7.97
N MET C 249 15.85 -20.35 7.00
CA MET C 249 17.29 -20.01 7.05
C MET C 249 17.49 -18.50 7.00
N VAL C 250 16.73 -17.81 6.18
CA VAL C 250 16.92 -16.34 6.00
C VAL C 250 16.77 -15.67 7.36
N ALA C 251 15.82 -16.12 8.17
CA ALA C 251 15.51 -15.50 9.48
C ALA C 251 16.53 -15.92 10.54
N ASP C 252 16.91 -17.20 10.51
CA ASP C 252 17.88 -17.76 11.48
C ASP C 252 19.26 -17.15 11.21
N VAL C 253 19.64 -16.94 9.94
CA VAL C 253 20.95 -16.34 9.56
C VAL C 253 20.90 -14.82 9.77
N HIS C 254 19.74 -14.17 9.63
CA HIS C 254 19.62 -12.72 9.92
C HIS C 254 19.80 -12.48 11.42
N ARG C 255 19.21 -13.32 12.25
CA ARG C 255 19.41 -13.21 13.71
C ARG C 255 20.88 -13.46 14.02
N THR C 256 21.51 -14.40 13.31
CA THR C 256 22.95 -14.69 13.53
C THR C 256 23.79 -13.44 13.15
N LEU C 257 23.46 -12.72 12.09
CA LEU C 257 24.20 -11.51 11.65
C LEU C 257 23.95 -10.35 12.62
N VAL C 258 22.73 -10.22 13.15
CA VAL C 258 22.36 -9.03 13.96
C VAL C 258 22.77 -9.27 15.42
N TYR C 259 22.32 -10.35 16.03
CA TYR C 259 22.54 -10.56 17.47
C TYR C 259 23.81 -11.38 17.69
N GLY C 260 24.25 -12.10 16.66
CA GLY C 260 25.43 -12.96 16.79
C GLY C 260 25.06 -14.36 17.20
N GLY C 261 26.04 -15.26 17.17
CA GLY C 261 25.81 -16.64 17.61
C GLY C 261 26.18 -17.65 16.54
N ILE C 262 25.48 -18.77 16.51
CA ILE C 262 25.89 -19.88 15.62
C ILE C 262 24.65 -20.54 15.03
N PHE C 263 24.64 -20.73 13.70
CA PHE C 263 23.56 -21.51 13.05
C PHE C 263 24.20 -22.81 12.57
N LEU C 264 23.47 -23.90 12.73
CA LEU C 264 24.00 -25.23 12.35
C LEU C 264 22.93 -26.00 11.58
N TYR C 265 23.20 -26.41 10.35
CA TYR C 265 22.38 -27.46 9.71
C TYR C 265 23.36 -28.55 9.35
N PRO C 266 23.65 -29.45 10.30
CA PRO C 266 24.70 -30.44 10.09
C PRO C 266 24.33 -31.83 9.55
N ALA C 267 25.35 -32.65 9.37
CA ALA C 267 25.19 -34.04 8.95
C ALA C 267 24.40 -34.80 10.02
N ASN C 268 23.38 -35.54 9.63
CA ASN C 268 22.64 -36.38 10.61
C ASN C 268 22.69 -37.83 10.10
N LYS C 269 21.61 -38.31 9.49
CA LYS C 269 21.54 -39.69 8.96
C LYS C 269 20.61 -39.67 7.77
N LYS C 270 19.42 -39.12 7.94
CA LYS C 270 18.46 -38.90 6.82
C LYS C 270 19.11 -37.93 5.85
N SER C 271 20.09 -37.15 6.34
CA SER C 271 20.88 -36.23 5.50
C SER C 271 22.36 -36.43 5.80
N PRO C 272 23.06 -37.34 5.08
CA PRO C 272 24.51 -37.52 5.24
C PRO C 272 25.33 -36.31 4.79
N ASN C 273 24.89 -35.61 3.73
CA ASN C 273 25.58 -34.40 3.22
C ASN C 273 24.72 -33.17 3.51
N GLY C 274 23.97 -33.19 4.61
CA GLY C 274 23.12 -32.04 4.98
C GLY C 274 21.88 -31.91 4.10
N LYS C 275 21.15 -30.81 4.27
CA LYS C 275 19.88 -30.60 3.54
C LYS C 275 19.98 -29.35 2.69
N LEU C 276 20.52 -28.30 3.28
CA LEU C 276 20.57 -26.99 2.62
C LEU C 276 21.50 -27.09 1.41
N ARG C 277 21.09 -26.50 0.29
CA ARG C 277 21.82 -26.69 -0.98
C ARG C 277 22.88 -25.60 -1.15
N LEU C 278 24.09 -26.01 -1.53
CA LEU C 278 25.27 -25.13 -1.61
C LEU C 278 25.06 -23.95 -2.54
N LEU C 279 24.50 -24.16 -3.73
CA LEU C 279 24.52 -23.10 -4.76
C LEU C 279 23.60 -21.92 -4.43
N TYR C 280 22.45 -22.13 -3.80
CA TYR C 280 21.45 -21.06 -3.63
C TYR C 280 21.00 -20.93 -2.17
N GLU C 281 21.67 -21.60 -1.24
CA GLU C 281 21.34 -21.48 0.20
C GLU C 281 22.64 -21.35 1.01
N CYS C 282 23.53 -22.33 0.92
CA CYS C 282 24.75 -22.38 1.75
C CYS C 282 25.80 -21.33 1.30
N ASN C 283 26.20 -21.34 0.02
CA ASN C 283 27.27 -20.43 -0.47
C ASN C 283 26.83 -18.97 -0.34
N PRO C 284 25.64 -18.55 -0.78
CA PRO C 284 25.19 -17.17 -0.54
C PRO C 284 25.32 -16.67 0.91
N MET C 285 24.93 -17.49 1.87
CA MET C 285 24.96 -17.10 3.31
C MET C 285 26.39 -17.15 3.84
N ALA C 286 27.22 -18.00 3.27
CA ALA C 286 28.64 -18.08 3.64
C ALA C 286 29.38 -16.83 3.18
N TYR C 287 29.03 -16.25 2.04
CA TYR C 287 29.67 -15.01 1.55
C TYR C 287 29.28 -13.86 2.48
N VAL C 288 27.99 -13.74 2.81
CA VAL C 288 27.49 -12.65 3.68
C VAL C 288 28.24 -12.71 5.00
N MET C 289 28.36 -13.90 5.58
CA MET C 289 29.01 -14.09 6.90
C MET C 289 30.47 -13.67 6.82
N GLU C 290 31.18 -14.10 5.78
CA GLU C 290 32.64 -13.84 5.66
C GLU C 290 32.89 -12.35 5.46
N LYS C 291 32.03 -11.69 4.69
CA LYS C 291 32.17 -10.24 4.41
C LYS C 291 31.76 -9.45 5.65
N ALA C 292 31.18 -10.11 6.65
CA ALA C 292 30.78 -9.48 7.91
C ALA C 292 31.71 -9.93 9.04
N GLY C 293 32.84 -10.55 8.69
CA GLY C 293 33.87 -10.92 9.69
C GLY C 293 33.52 -12.21 10.39
N GLY C 294 32.68 -13.04 9.77
CA GLY C 294 32.22 -14.29 10.38
C GLY C 294 32.74 -15.48 9.63
N MET C 295 32.23 -16.65 9.96
CA MET C 295 32.80 -17.88 9.37
C MET C 295 31.68 -18.81 8.91
N ALA C 296 31.97 -19.74 8.00
CA ALA C 296 30.98 -20.70 7.46
C ALA C 296 31.68 -21.97 6.97
N THR C 297 31.53 -23.07 7.71
CA THR C 297 32.25 -24.34 7.40
C THR C 297 31.28 -25.51 7.20
N THR C 298 31.76 -26.55 6.54
CA THR C 298 30.99 -27.80 6.36
C THR C 298 31.44 -28.80 7.43
N GLY C 299 32.42 -28.41 8.24
CA GLY C 299 33.08 -29.34 9.17
C GLY C 299 34.43 -29.69 8.60
N LYS C 300 34.49 -29.96 7.30
CA LYS C 300 35.74 -30.38 6.62
C LYS C 300 36.43 -29.19 5.97
N GLU C 301 35.66 -28.33 5.32
CA GLU C 301 36.21 -27.18 4.54
C GLU C 301 35.26 -26.00 4.64
N ALA C 302 35.75 -24.81 4.29
CA ALA C 302 34.93 -23.59 4.21
C ALA C 302 33.92 -23.76 3.08
N VAL C 303 32.71 -23.27 3.26
CA VAL C 303 31.62 -23.51 2.28
C VAL C 303 32.06 -22.92 0.93
N LEU C 304 32.80 -21.82 0.96
CA LEU C 304 33.15 -21.11 -0.29
C LEU C 304 34.27 -21.84 -1.05
N ASP C 305 34.89 -22.86 -0.45
CA ASP C 305 36.03 -23.56 -1.09
C ASP C 305 35.62 -24.99 -1.45
N VAL C 306 34.32 -25.28 -1.55
CA VAL C 306 33.83 -26.62 -1.97
C VAL C 306 33.51 -26.55 -3.45
N ILE C 307 34.23 -27.30 -4.28
CA ILE C 307 33.98 -27.31 -5.74
C ILE C 307 32.75 -28.18 -5.99
N PRO C 308 31.65 -27.60 -6.51
CA PRO C 308 30.40 -28.33 -6.69
C PRO C 308 30.30 -29.07 -8.03
N THR C 309 29.66 -30.23 -7.99
CA THR C 309 29.46 -31.06 -9.19
C THR C 309 28.01 -31.07 -9.63
N ASP C 310 27.11 -30.51 -8.82
CA ASP C 310 25.66 -30.60 -9.08
C ASP C 310 25.02 -29.31 -8.61
N ILE C 311 24.13 -28.76 -9.43
CA ILE C 311 23.46 -27.47 -9.10
C ILE C 311 22.60 -27.64 -7.86
N HIS C 312 21.96 -28.79 -7.71
CA HIS C 312 21.11 -29.09 -6.54
C HIS C 312 21.84 -29.98 -5.55
N GLN C 313 23.13 -29.73 -5.38
CA GLN C 313 23.97 -30.49 -4.44
C GLN C 313 23.71 -30.01 -3.02
N ARG C 314 23.74 -30.93 -2.07
CA ARG C 314 23.51 -30.60 -0.65
C ARG C 314 24.85 -30.48 0.07
N ALA C 315 24.84 -29.71 1.16
CA ALA C 315 26.07 -29.45 1.93
C ALA C 315 25.72 -29.06 3.35
N PRO C 316 26.40 -29.62 4.36
CA PRO C 316 26.23 -29.14 5.72
C PRO C 316 26.77 -27.72 5.83
N VAL C 317 26.22 -26.97 6.79
CA VAL C 317 26.71 -25.59 7.01
C VAL C 317 26.71 -25.32 8.51
N ILE C 318 27.88 -24.93 9.02
CA ILE C 318 28.00 -24.31 10.35
C ILE C 318 28.52 -22.90 10.12
N LEU C 319 27.70 -21.91 10.47
CA LEU C 319 28.07 -20.51 10.27
C LEU C 319 27.85 -19.71 11.54
N GLY C 320 28.35 -18.48 11.53
CA GLY C 320 28.04 -17.53 12.60
C GLY C 320 29.22 -16.71 13.07
N SER C 321 29.21 -16.41 14.35
CA SER C 321 30.27 -15.58 14.96
C SER C 321 31.59 -16.35 14.92
N PRO C 322 32.70 -15.71 14.53
CA PRO C 322 33.95 -16.45 14.29
C PRO C 322 34.40 -17.32 15.46
N ASP C 323 34.50 -16.74 16.65
CA ASP C 323 34.96 -17.51 17.84
C ASP C 323 34.04 -18.69 18.09
N ASP C 324 32.76 -18.58 17.73
CA ASP C 324 31.81 -19.68 17.97
C ASP C 324 31.99 -20.80 16.96
N VAL C 325 32.20 -20.47 15.70
CA VAL C 325 32.42 -21.51 14.68
C VAL C 325 33.76 -22.19 14.92
N LEU C 326 34.76 -21.43 15.36
CA LEU C 326 36.06 -22.03 15.72
C LEU C 326 35.90 -23.00 16.89
N GLU C 327 35.13 -22.62 17.91
CA GLU C 327 34.88 -23.53 19.04
C GLU C 327 34.27 -24.84 18.53
N PHE C 328 33.35 -24.75 17.59
CA PHE C 328 32.75 -25.98 17.00
C PHE C 328 33.85 -26.79 16.31
N LEU C 329 34.63 -26.14 15.45
CA LEU C 329 35.64 -26.85 14.64
C LEU C 329 36.60 -27.62 15.56
N LYS C 330 37.04 -26.98 16.64
CA LYS C 330 37.94 -27.65 17.61
C LYS C 330 37.33 -28.95 18.11
N VAL C 331 36.01 -28.98 18.25
CA VAL C 331 35.33 -30.21 18.70
C VAL C 331 35.27 -31.22 17.55
N TYR C 332 34.96 -30.75 16.34
CA TYR C 332 34.95 -31.64 15.17
C TYR C 332 36.33 -32.26 14.97
N GLU C 333 37.38 -31.49 15.17
CA GLU C 333 38.76 -32.01 15.04
C GLU C 333 39.07 -32.96 16.19
N LYS C 334 38.40 -32.83 17.32
CA LYS C 334 38.57 -33.79 18.44
C LYS C 334 38.14 -35.18 18.00
N HIS C 335 37.01 -35.29 17.31
CA HIS C 335 36.47 -36.59 16.85
C HIS C 335 37.05 -36.99 15.50
N SER C 336 38.34 -36.75 15.28
CA SER C 336 38.99 -37.07 13.99
C SER C 336 40.28 -37.86 14.23
N ALA C 337 40.47 -38.94 13.48
N THR D 9 -19.28 -19.96 1.38
CA THR D 9 -20.33 -19.10 0.76
C THR D 9 -19.75 -17.72 0.45
N ASP D 10 -20.41 -16.67 0.91
CA ASP D 10 -19.99 -15.30 0.61
C ASP D 10 -18.72 -14.95 1.36
N VAL D 11 -18.00 -13.98 0.83
CA VAL D 11 -16.86 -13.36 1.53
C VAL D 11 -17.37 -12.71 2.82
N ASN D 12 -16.52 -12.67 3.82
CA ASN D 12 -16.84 -11.94 5.08
C ASN D 12 -15.62 -11.15 5.52
N THR D 13 -15.85 -10.06 6.26
CA THR D 13 -14.81 -9.18 6.81
C THR D 13 -14.96 -9.20 8.33
N LEU D 14 -13.93 -8.80 9.07
CA LEU D 14 -14.00 -8.77 10.55
C LEU D 14 -15.05 -7.77 10.99
N THR D 15 -15.07 -6.61 10.36
CA THR D 15 -16.00 -5.53 10.71
C THR D 15 -17.45 -6.04 10.55
N ARG D 16 -17.76 -6.69 9.43
CA ARG D 16 -19.09 -7.29 9.22
C ARG D 16 -19.35 -8.41 10.23
N PHE D 17 -18.40 -9.31 10.44
CA PHE D 17 -18.57 -10.47 11.35
C PHE D 17 -18.91 -9.98 12.76
N VAL D 18 -18.09 -9.08 13.29
CA VAL D 18 -18.22 -8.60 14.69
C VAL D 18 -19.52 -7.81 14.86
N MET D 19 -19.98 -7.15 13.81
CA MET D 19 -21.27 -6.41 13.87
C MET D 19 -22.45 -7.39 13.83
N GLU D 20 -22.43 -8.37 12.94
CA GLU D 20 -23.52 -9.37 12.82
C GLU D 20 -23.60 -10.24 14.08
N GLU D 21 -22.46 -10.62 14.63
CA GLU D 21 -22.40 -11.43 15.87
C GLU D 21 -23.04 -10.64 17.02
N GLY D 22 -22.81 -9.34 17.09
CA GLY D 22 -23.42 -8.46 18.10
C GLY D 22 -24.89 -8.24 17.86
N ARG D 23 -25.33 -8.26 16.61
CA ARG D 23 -26.77 -8.10 16.26
C ARG D 23 -27.51 -9.38 16.63
N LYS D 24 -26.91 -10.53 16.32
CA LYS D 24 -27.52 -11.84 16.66
C LYS D 24 -27.68 -11.97 18.18
N ALA D 25 -26.79 -11.35 18.96
CA ALA D 25 -26.83 -11.40 20.44
C ALA D 25 -27.72 -10.30 21.01
N ARG D 26 -28.25 -9.43 20.14
CA ARG D 26 -29.12 -8.29 20.55
C ARG D 26 -28.37 -7.50 21.63
N GLY D 27 -27.16 -7.05 21.31
CA GLY D 27 -26.30 -6.37 22.29
C GLY D 27 -26.30 -4.87 22.13
N THR D 28 -25.53 -4.21 22.96
CA THR D 28 -25.47 -2.72 23.02
C THR D 28 -24.57 -2.24 21.89
N GLY D 29 -23.43 -2.90 21.70
CA GLY D 29 -22.47 -2.51 20.67
C GLY D 29 -21.09 -2.41 21.24
N GLU D 30 -20.96 -2.44 22.56
CA GLU D 30 -19.66 -2.22 23.23
C GLU D 30 -18.60 -3.21 22.74
N LEU D 31 -18.90 -4.50 22.67
CA LEU D 31 -17.93 -5.53 22.22
C LEU D 31 -17.63 -5.31 20.74
N THR D 32 -18.65 -5.04 19.94
CA THR D 32 -18.47 -4.74 18.49
C THR D 32 -17.55 -3.52 18.34
N GLN D 33 -17.83 -2.46 19.07
CA GLN D 33 -17.09 -1.18 18.95
C GLN D 33 -15.68 -1.35 19.51
N LEU D 34 -15.50 -2.13 20.57
CA LEU D 34 -14.17 -2.43 21.15
C LEU D 34 -13.38 -3.24 20.14
N LEU D 35 -13.93 -4.36 19.67
CA LEU D 35 -13.25 -5.28 18.73
C LEU D 35 -13.00 -4.57 17.40
N ASN D 36 -13.86 -3.63 17.02
CA ASN D 36 -13.58 -2.84 15.80
C ASN D 36 -12.46 -1.84 16.08
N SER D 37 -12.50 -1.18 17.24
CA SER D 37 -11.45 -0.20 17.61
C SER D 37 -10.12 -0.91 17.83
N LEU D 38 -10.15 -2.15 18.30
CA LEU D 38 -8.90 -2.92 18.49
C LEU D 38 -8.38 -3.39 17.14
N CYS D 39 -9.27 -3.65 16.19
CA CYS D 39 -8.87 -3.99 14.82
C CYS D 39 -8.16 -2.80 14.16
N THR D 40 -8.75 -1.62 14.28
CA THR D 40 -8.17 -0.41 13.65
C THR D 40 -6.77 -0.17 14.20
N ALA D 41 -6.58 -0.35 15.50
CA ALA D 41 -5.22 -0.26 16.09
C ALA D 41 -4.29 -1.28 15.44
N VAL D 42 -4.77 -2.50 15.26
CA VAL D 42 -3.92 -3.60 14.73
C VAL D 42 -3.45 -3.24 13.32
N LYS D 43 -4.31 -2.69 12.49
CA LYS D 43 -3.91 -2.31 11.13
C LYS D 43 -2.86 -1.21 11.16
N ALA D 44 -2.91 -0.33 12.17
CA ALA D 44 -1.94 0.77 12.29
C ALA D 44 -0.60 0.24 12.80
N ILE D 45 -0.63 -0.68 13.76
CA ILE D 45 0.61 -1.34 14.22
C ILE D 45 1.31 -1.99 13.03
N SER D 46 0.54 -2.74 12.24
CA SER D 46 1.09 -3.51 11.10
C SER D 46 1.78 -2.56 10.12
N SER D 47 1.14 -1.44 9.79
CA SER D 47 1.71 -0.48 8.83
C SER D 47 3.04 0.05 9.36
N ALA D 48 3.14 0.29 10.66
CA ALA D 48 4.39 0.82 11.24
C ALA D 48 5.40 -0.31 11.42
N VAL D 49 4.95 -1.50 11.78
CA VAL D 49 5.87 -2.65 11.97
C VAL D 49 6.55 -2.98 10.63
N ARG D 50 5.80 -2.89 9.55
CA ARG D 50 6.36 -3.14 8.19
C ARG D 50 7.14 -1.94 7.68
N LYS D 51 7.39 -0.94 8.53
CA LYS D 51 8.34 0.16 8.24
C LYS D 51 7.87 1.04 7.10
N ALA D 52 6.59 1.40 7.10
CA ALA D 52 6.02 2.35 6.13
C ALA D 52 6.28 3.76 6.62
N GLY D 53 7.07 4.52 5.86
CA GLY D 53 7.47 5.87 6.26
C GLY D 53 8.89 5.93 6.81
N ILE D 54 9.59 4.81 6.87
CA ILE D 54 11.00 4.79 7.34
C ILE D 54 11.84 5.73 6.49
N ALA D 55 11.43 5.99 5.26
CA ALA D 55 12.19 6.88 4.36
C ALA D 55 12.20 8.32 4.89
N HIS D 56 11.17 8.73 5.60
CA HIS D 56 11.16 10.08 6.20
C HIS D 56 12.06 10.18 7.42
N LEU D 57 12.39 9.07 8.06
CA LEU D 57 13.35 9.11 9.19
C LEU D 57 14.79 9.17 8.68
N TYR D 58 15.02 9.09 7.37
CA TYR D 58 16.38 9.09 6.82
C TYR D 58 16.54 10.17 5.77
N GLY D 59 15.75 11.24 5.88
CA GLY D 59 16.01 12.48 5.14
C GLY D 59 15.47 12.48 3.72
N ILE D 60 14.45 11.69 3.41
CA ILE D 60 13.83 11.75 2.06
C ILE D 60 13.39 13.18 1.78
N ALA D 61 12.97 13.90 2.82
CA ALA D 61 12.49 15.29 2.69
C ALA D 61 13.34 16.25 3.50
N GLY D 62 14.53 15.83 3.92
CA GLY D 62 15.45 16.72 4.66
C GLY D 62 15.37 16.54 6.16
N SER D 63 14.18 16.54 6.73
CA SER D 63 13.98 16.39 8.18
C SER D 63 12.50 16.14 8.48
N LYS D 73 10.84 2.40 20.03
CA LYS D 73 9.47 3.00 20.00
C LYS D 73 8.41 2.02 19.54
N LEU D 74 8.78 1.06 18.70
CA LEU D 74 7.75 0.31 17.95
C LEU D 74 6.85 -0.49 18.89
N ASP D 75 7.33 -0.85 20.06
CA ASP D 75 6.44 -1.45 21.09
C ASP D 75 5.77 -0.36 21.93
N VAL D 76 6.43 0.78 22.12
CA VAL D 76 5.79 1.92 22.80
C VAL D 76 4.72 2.51 21.90
N LEU D 77 4.99 2.60 20.60
CA LEU D 77 4.01 3.14 19.63
C LEU D 77 2.77 2.25 19.59
N SER D 78 2.96 0.93 19.57
CA SER D 78 1.84 -0.03 19.56
C SER D 78 0.95 0.20 20.79
N ASN D 79 1.57 0.28 21.96
CA ASN D 79 0.83 0.49 23.22
C ASN D 79 0.04 1.79 23.15
N ASP D 80 0.67 2.85 22.67
CA ASP D 80 -0.04 4.15 22.51
C ASP D 80 -1.25 3.98 21.60
N LEU D 81 -1.09 3.26 20.50
CA LEU D 81 -2.20 3.05 19.54
C LEU D 81 -3.34 2.28 20.23
N VAL D 82 -3.03 1.14 20.81
CA VAL D 82 -4.06 0.27 21.43
C VAL D 82 -4.77 1.04 22.55
N MET D 83 -4.01 1.74 23.37
CA MET D 83 -4.59 2.47 24.51
C MET D 83 -5.61 3.51 24.01
N ASN D 84 -5.17 4.39 23.13
CA ASN D 84 -6.03 5.52 22.69
C ASN D 84 -7.21 4.99 21.86
N MET D 85 -6.99 3.97 21.05
CA MET D 85 -8.09 3.39 20.26
C MET D 85 -9.11 2.71 21.17
N LEU D 86 -8.65 1.97 22.16
CA LEU D 86 -9.58 1.30 23.11
C LEU D 86 -10.29 2.34 23.98
N LYS D 87 -9.57 3.36 24.43
CA LYS D 87 -10.21 4.42 25.24
C LYS D 87 -11.31 5.11 24.45
N SER D 88 -11.04 5.42 23.19
CA SER D 88 -12.02 6.10 22.30
C SER D 88 -13.17 5.17 21.93
N SER D 89 -13.14 3.90 22.32
CA SER D 89 -14.22 2.96 21.97
C SER D 89 -15.45 3.18 22.85
N PHE D 90 -15.28 3.79 24.02
CA PHE D 90 -16.34 3.95 25.04
C PHE D 90 -16.79 2.60 25.59
N ALA D 91 -15.97 1.56 25.44
CA ALA D 91 -16.35 0.19 25.81
C ALA D 91 -15.43 -0.39 26.88
N THR D 92 -14.53 0.42 27.43
CA THR D 92 -13.48 -0.07 28.35
C THR D 92 -13.50 0.73 29.64
N CYS D 93 -13.16 0.06 30.73
CA CYS D 93 -13.01 0.72 32.05
C CYS D 93 -11.62 0.50 32.64
N VAL D 94 -11.08 -0.71 32.52
CA VAL D 94 -9.76 -1.05 33.11
C VAL D 94 -8.88 -1.61 32.00
N LEU D 95 -7.71 -1.02 31.83
CA LEU D 95 -6.76 -1.42 30.76
C LEU D 95 -5.45 -1.83 31.39
N VAL D 96 -5.09 -3.09 31.20
CA VAL D 96 -3.82 -3.65 31.71
C VAL D 96 -2.93 -3.97 30.52
N SER D 97 -1.71 -3.46 30.55
CA SER D 97 -0.72 -3.69 29.48
C SER D 97 0.53 -4.33 30.06
N GLU D 98 1.50 -4.55 29.20
CA GLU D 98 2.86 -4.92 29.62
C GLU D 98 3.74 -3.68 29.79
N GLU D 99 3.46 -2.63 29.02
CA GLU D 99 4.23 -1.37 29.07
C GLU D 99 3.90 -0.52 30.30
N ASP D 100 2.80 -0.81 31.00
CA ASP D 100 2.35 0.04 32.12
C ASP D 100 2.39 -0.77 33.39
N LYS D 101 3.18 -0.31 34.35
CA LYS D 101 3.36 -1.06 35.62
C LYS D 101 2.03 -1.20 36.34
N HIS D 102 1.20 -0.16 36.30
CA HIS D 102 -0.12 -0.19 36.94
C HIS D 102 -1.21 -0.23 35.88
N ALA D 103 -2.41 -0.60 36.30
CA ALA D 103 -3.57 -0.60 35.40
C ALA D 103 -3.94 0.84 35.04
N ILE D 104 -4.69 0.98 33.95
CA ILE D 104 -5.20 2.28 33.49
C ILE D 104 -6.70 2.30 33.74
N ILE D 105 -7.13 3.20 34.59
CA ILE D 105 -8.59 3.47 34.79
C ILE D 105 -9.00 4.51 33.77
N VAL D 106 -10.03 4.18 33.00
CA VAL D 106 -10.46 5.06 31.88
C VAL D 106 -11.22 6.24 32.47
N GLU D 107 -10.98 7.42 31.90
CA GLU D 107 -11.67 8.65 32.33
C GLU D 107 -13.18 8.42 32.24
N PRO D 108 -13.96 8.90 33.24
CA PRO D 108 -15.36 8.53 33.34
C PRO D 108 -16.19 8.77 32.06
N GLU D 109 -15.96 9.89 31.40
CA GLU D 109 -16.78 10.28 30.23
C GLU D 109 -16.52 9.36 29.04
N LYS D 110 -15.48 8.54 29.07
CA LYS D 110 -15.20 7.57 27.98
C LYS D 110 -15.19 6.14 28.53
N ARG D 111 -15.97 5.88 29.56
CA ARG D 111 -15.90 4.59 30.29
C ARG D 111 -16.94 3.62 29.75
N GLY D 112 -16.56 2.35 29.71
CA GLY D 112 -17.42 1.25 29.28
C GLY D 112 -17.48 0.16 30.34
N LYS D 113 -17.75 -1.06 29.89
CA LYS D 113 -17.99 -2.18 30.83
C LYS D 113 -16.99 -3.32 30.68
N TYR D 114 -16.05 -3.26 29.75
CA TYR D 114 -15.11 -4.38 29.55
C TYR D 114 -13.74 -4.05 30.11
N VAL D 115 -13.02 -5.11 30.42
CA VAL D 115 -11.62 -5.04 30.91
C VAL D 115 -10.74 -5.77 29.90
N VAL D 116 -9.75 -5.08 29.38
CA VAL D 116 -8.83 -5.64 28.35
C VAL D 116 -7.45 -5.77 28.94
N CYS D 117 -6.86 -6.95 28.79
CA CYS D 117 -5.43 -7.19 29.09
C CYS D 117 -4.73 -7.51 27.79
N PHE D 118 -3.73 -6.71 27.43
CA PHE D 118 -3.08 -6.90 26.12
C PHE D 118 -1.57 -6.74 26.24
N ASP D 119 -0.87 -7.50 25.40
CA ASP D 119 0.58 -7.33 25.14
C ASP D 119 0.71 -6.69 23.77
N PRO D 120 1.03 -5.38 23.69
CA PRO D 120 0.88 -4.66 22.43
C PRO D 120 1.88 -5.00 21.33
N LEU D 121 3.06 -5.51 21.66
CA LEU D 121 3.99 -5.98 20.61
C LEU D 121 4.91 -7.06 21.16
N ASP D 122 4.35 -8.24 21.39
CA ASP D 122 5.09 -9.37 22.00
C ASP D 122 6.17 -9.86 21.03
N GLY D 123 7.42 -9.86 21.50
CA GLY D 123 8.58 -10.24 20.68
C GLY D 123 9.47 -9.07 20.33
N SER D 124 9.12 -7.85 20.73
CA SER D 124 9.85 -6.63 20.32
C SER D 124 11.28 -6.62 20.83
N SER D 125 11.62 -7.47 21.80
CA SER D 125 13.00 -7.49 22.36
C SER D 125 14.01 -7.91 21.28
N ASN D 126 13.55 -8.58 20.24
CA ASN D 126 14.44 -9.02 19.14
C ASN D 126 13.92 -8.51 17.80
N ILE D 127 13.18 -7.40 17.83
CA ILE D 127 12.63 -6.78 16.60
C ILE D 127 13.74 -6.27 15.69
N ASP D 128 14.99 -6.25 16.15
CA ASP D 128 16.12 -5.83 15.30
C ASP D 128 16.49 -6.92 14.29
N CYS D 129 16.12 -8.16 14.53
CA CYS D 129 16.32 -9.25 13.55
C CYS D 129 15.04 -9.53 12.77
N LEU D 130 14.04 -8.67 12.91
CA LEU D 130 12.76 -8.73 12.14
C LEU D 130 12.02 -10.03 12.44
N VAL D 131 12.16 -10.52 13.66
CA VAL D 131 11.39 -11.68 14.13
C VAL D 131 9.89 -11.36 14.05
N SER D 132 9.07 -12.39 13.87
CA SER D 132 7.61 -12.23 13.94
C SER D 132 7.23 -11.66 15.31
N VAL D 133 6.30 -10.71 15.30
CA VAL D 133 5.77 -10.09 16.54
C VAL D 133 4.26 -10.05 16.45
N GLY D 134 3.64 -9.71 17.56
CA GLY D 134 2.17 -9.74 17.61
C GLY D 134 1.59 -8.95 18.74
N THR D 135 0.29 -8.75 18.65
CA THR D 135 -0.52 -8.09 19.70
C THR D 135 -1.45 -9.14 20.29
N ILE D 136 -1.22 -9.50 21.54
CA ILE D 136 -2.10 -10.45 22.26
C ILE D 136 -3.08 -9.64 23.07
N PHE D 137 -4.33 -10.08 23.12
CA PHE D 137 -5.37 -9.37 23.89
C PHE D 137 -6.35 -10.37 24.48
N GLY D 138 -6.92 -9.98 25.61
CA GLY D 138 -8.03 -10.71 26.24
C GLY D 138 -9.03 -9.76 26.84
N ILE D 139 -10.30 -10.06 26.69
CA ILE D 139 -11.39 -9.11 27.09
C ILE D 139 -12.27 -9.79 28.13
N TYR D 140 -12.36 -9.17 29.30
CA TYR D 140 -13.23 -9.63 30.40
C TYR D 140 -14.37 -8.63 30.63
N ARG D 141 -15.41 -9.12 31.28
CA ARG D 141 -16.53 -8.28 31.77
C ARG D 141 -16.19 -7.72 33.15
N LYS D 142 -16.51 -6.46 33.36
CA LYS D 142 -16.49 -5.88 34.71
C LYS D 142 -17.63 -6.50 35.51
N LYS D 143 -17.31 -7.36 36.46
CA LYS D 143 -18.35 -8.06 37.24
C LYS D 143 -18.65 -7.24 38.49
N SER D 144 -17.67 -6.46 38.94
CA SER D 144 -17.86 -5.56 40.08
C SER D 144 -18.85 -4.46 39.71
N THR D 145 -19.69 -4.04 40.64
CA THR D 145 -20.56 -2.86 40.44
C THR D 145 -19.92 -1.70 41.22
N ASP D 146 -18.62 -1.83 41.53
CA ASP D 146 -17.86 -0.81 42.30
C ASP D 146 -17.12 0.16 41.39
N GLU D 147 -16.17 0.88 41.96
CA GLU D 147 -15.30 1.82 41.20
C GLU D 147 -14.29 1.00 40.42
N PRO D 148 -13.94 1.39 39.18
CA PRO D 148 -13.01 0.59 38.39
C PRO D 148 -11.62 0.61 39.03
N SER D 149 -11.07 -0.57 39.26
CA SER D 149 -9.73 -0.73 39.89
C SER D 149 -8.99 -1.91 39.27
N GLU D 150 -7.70 -2.03 39.57
CA GLU D 150 -6.88 -3.17 39.11
C GLU D 150 -7.53 -4.47 39.55
N LYS D 151 -8.27 -4.43 40.65
CA LYS D 151 -8.93 -5.66 41.15
C LYS D 151 -9.77 -6.30 40.04
N ASP D 152 -10.33 -5.48 39.16
CA ASP D 152 -11.22 -6.00 38.10
C ASP D 152 -10.44 -6.82 37.08
N ALA D 153 -9.18 -6.48 36.84
CA ALA D 153 -8.33 -7.25 35.91
C ALA D 153 -7.92 -8.59 36.52
N LEU D 154 -8.00 -8.73 37.84
CA LEU D 154 -7.54 -9.97 38.51
C LEU D 154 -8.65 -11.00 38.44
N GLN D 155 -9.15 -11.25 37.23
CA GLN D 155 -10.21 -12.26 36.99
C GLN D 155 -9.55 -13.48 36.37
N PRO D 156 -10.02 -14.70 36.68
CA PRO D 156 -9.52 -15.91 36.02
C PRO D 156 -9.85 -15.95 34.52
N GLY D 157 -9.12 -16.75 33.75
CA GLY D 157 -9.29 -16.80 32.29
C GLY D 157 -10.52 -17.54 31.82
N ARG D 158 -11.24 -18.23 32.70
CA ARG D 158 -12.49 -18.88 32.28
C ARG D 158 -13.53 -17.78 32.10
N ASN D 159 -13.32 -16.64 32.78
CA ASN D 159 -14.27 -15.51 32.78
C ASN D 159 -14.05 -14.63 31.53
N LEU D 160 -13.21 -15.07 30.60
CA LEU D 160 -12.93 -14.32 29.34
C LEU D 160 -14.16 -14.29 28.44
N VAL D 161 -14.38 -13.18 27.74
CA VAL D 161 -15.53 -13.02 26.79
C VAL D 161 -14.97 -13.20 25.39
N ALA D 162 -13.88 -12.52 25.09
CA ALA D 162 -13.19 -12.69 23.80
C ALA D 162 -11.69 -12.58 24.05
N ALA D 163 -10.93 -13.43 23.37
CA ALA D 163 -9.46 -13.40 23.46
C ALA D 163 -8.89 -13.71 22.10
N GLY D 164 -7.73 -13.15 21.81
CA GLY D 164 -7.11 -13.40 20.50
C GLY D 164 -5.79 -12.70 20.36
N TYR D 165 -5.33 -12.64 19.13
CA TYR D 165 -4.01 -12.07 18.82
C TYR D 165 -3.96 -11.69 17.35
N ALA D 166 -3.03 -10.81 17.04
CA ALA D 166 -2.68 -10.43 15.66
C ALA D 166 -1.21 -10.76 15.46
N LEU D 167 -0.92 -11.60 14.47
CA LEU D 167 0.48 -11.93 14.12
C LEU D 167 0.94 -10.99 13.01
N TYR D 168 2.14 -10.43 13.17
CA TYR D 168 2.80 -9.63 12.13
C TYR D 168 4.01 -10.41 11.66
N GLY D 169 3.78 -11.37 10.77
CA GLY D 169 4.86 -12.19 10.23
C GLY D 169 4.96 -12.08 8.73
N SER D 170 5.09 -13.24 8.07
CA SER D 170 4.99 -13.38 6.60
C SER D 170 3.87 -12.46 6.10
N ALA D 171 2.68 -12.68 6.63
CA ALA D 171 1.53 -11.78 6.45
C ALA D 171 1.05 -11.33 7.83
N THR D 172 -0.01 -10.54 7.85
CA THR D 172 -0.63 -10.09 9.11
C THR D 172 -1.98 -10.78 9.23
N MET D 173 -2.18 -11.52 10.31
CA MET D 173 -3.44 -12.26 10.53
C MET D 173 -3.93 -12.02 11.95
N LEU D 174 -5.21 -11.69 12.06
CA LEU D 174 -5.90 -11.64 13.36
C LEU D 174 -6.54 -13.00 13.64
N VAL D 175 -6.43 -13.43 14.88
CA VAL D 175 -7.14 -14.63 15.38
C VAL D 175 -8.03 -14.19 16.53
N LEU D 176 -9.32 -14.47 16.40
CA LEU D 176 -10.34 -13.96 17.34
C LEU D 176 -11.14 -15.14 17.87
N ALA D 177 -10.84 -15.55 19.09
CA ALA D 177 -11.54 -16.66 19.74
C ALA D 177 -12.69 -16.11 20.57
N MET D 178 -13.89 -16.63 20.34
CA MET D 178 -15.06 -16.35 21.19
C MET D 178 -15.77 -17.66 21.46
N ASP D 179 -16.94 -17.63 22.09
CA ASP D 179 -17.67 -18.89 22.35
C ASP D 179 -18.14 -19.54 21.06
N CYS D 180 -18.38 -18.74 20.02
CA CYS D 180 -18.70 -19.28 18.68
C CYS D 180 -17.51 -20.04 18.08
N GLY D 181 -16.32 -19.85 18.64
CA GLY D 181 -15.12 -20.59 18.22
C GLY D 181 -14.01 -19.66 17.81
N VAL D 182 -13.00 -20.24 17.17
CA VAL D 182 -11.80 -19.49 16.73
C VAL D 182 -11.94 -19.20 15.24
N ASN D 183 -11.71 -17.95 14.87
CA ASN D 183 -11.78 -17.54 13.44
C ASN D 183 -10.52 -16.74 13.10
N CYS D 184 -9.94 -17.05 11.95
CA CYS D 184 -8.67 -16.44 11.50
C CYS D 184 -8.95 -15.50 10.34
N PHE D 185 -8.58 -14.24 10.49
CA PHE D 185 -8.78 -13.19 9.48
C PHE D 185 -7.42 -12.71 8.98
N MET D 186 -7.31 -12.53 7.67
CA MET D 186 -6.05 -12.11 7.03
C MET D 186 -6.15 -10.66 6.59
N LEU D 187 -5.18 -9.85 6.99
CA LEU D 187 -5.12 -8.44 6.57
C LEU D 187 -4.77 -8.36 5.10
N ASP D 188 -5.67 -7.77 4.31
CA ASP D 188 -5.35 -7.40 2.92
C ASP D 188 -4.79 -5.99 2.95
N PRO D 189 -3.47 -5.80 2.87
CA PRO D 189 -2.91 -4.46 2.93
C PRO D 189 -3.25 -3.59 1.71
N ALA D 190 -3.87 -4.18 0.70
CA ALA D 190 -4.33 -3.40 -0.48
C ALA D 190 -5.60 -2.61 -0.15
N ILE D 191 -6.44 -3.14 0.73
CA ILE D 191 -7.71 -2.47 1.09
C ILE D 191 -7.81 -2.19 2.58
N GLY D 192 -6.89 -2.71 3.40
CA GLY D 192 -7.02 -2.52 4.85
C GLY D 192 -8.24 -3.21 5.41
N GLU D 193 -8.52 -4.41 4.93
CA GLU D 193 -9.66 -5.22 5.44
C GLU D 193 -9.13 -6.57 5.89
N PHE D 194 -9.73 -7.08 6.97
CA PHE D 194 -9.41 -8.41 7.48
C PHE D 194 -10.38 -9.41 6.86
N ILE D 195 -9.85 -10.33 6.05
CA ILE D 195 -10.69 -11.28 5.29
C ILE D 195 -10.74 -12.59 6.05
N LEU D 196 -11.97 -13.02 6.35
CA LEU D 196 -12.20 -14.32 7.01
C LEU D 196 -11.70 -15.46 6.11
N VAL D 197 -10.63 -16.11 6.51
CA VAL D 197 -9.99 -17.13 5.66
C VAL D 197 -10.06 -18.53 6.29
N ASP D 198 -10.11 -18.64 7.60
CA ASP D 198 -10.27 -19.94 8.30
C ASP D 198 -11.40 -19.81 9.31
N LYS D 199 -12.37 -20.70 9.21
CA LYS D 199 -13.58 -20.62 10.06
C LYS D 199 -13.61 -21.74 11.09
N ASP D 200 -14.12 -21.42 12.27
CA ASP D 200 -14.28 -22.34 13.41
C ASP D 200 -13.09 -23.29 13.48
N VAL D 201 -11.91 -22.72 13.63
CA VAL D 201 -10.65 -23.48 13.53
C VAL D 201 -10.56 -24.50 14.67
N LYS D 202 -9.98 -25.64 14.37
CA LYS D 202 -9.68 -26.68 15.37
C LYS D 202 -8.20 -27.05 15.28
N ILE D 203 -7.64 -27.44 16.41
CA ILE D 203 -6.23 -27.90 16.45
C ILE D 203 -6.22 -29.40 16.22
N LYS D 204 -5.15 -29.89 15.62
CA LYS D 204 -4.99 -31.35 15.40
C LYS D 204 -4.99 -32.06 16.74
N LYS D 205 -5.46 -33.30 16.75
CA LYS D 205 -5.43 -34.12 17.97
C LYS D 205 -3.98 -34.32 18.43
N LYS D 206 -3.08 -34.58 17.50
CA LYS D 206 -1.65 -34.79 17.82
C LYS D 206 -0.80 -34.16 16.74
N GLY D 207 0.38 -33.70 17.14
CA GLY D 207 1.30 -33.02 16.21
C GLY D 207 2.67 -33.66 16.13
N LYS D 208 3.59 -33.00 15.43
CA LYS D 208 4.94 -33.52 15.16
C LYS D 208 6.00 -32.48 15.52
N ILE D 209 5.66 -31.50 16.35
CA ILE D 209 6.55 -30.35 16.61
C ILE D 209 6.57 -30.07 18.10
N TYR D 210 7.77 -29.88 18.66
CA TYR D 210 7.93 -29.42 20.05
C TYR D 210 8.69 -28.10 20.05
N SER D 211 8.33 -27.21 20.97
CA SER D 211 8.78 -25.80 20.94
C SER D 211 9.07 -25.32 22.36
N LEU D 212 10.36 -25.24 22.69
CA LEU D 212 10.81 -24.54 23.91
C LEU D 212 12.26 -24.17 23.75
N ASN D 213 12.69 -23.22 24.57
CA ASN D 213 14.11 -22.80 24.60
C ASN D 213 14.87 -23.86 25.40
N GLU D 214 15.65 -24.68 24.71
CA GLU D 214 16.41 -25.75 25.38
C GLU D 214 17.74 -25.25 25.92
N GLY D 215 18.05 -23.96 25.78
CA GLY D 215 19.20 -23.37 26.47
C GLY D 215 19.04 -23.41 27.98
N TYR D 216 17.80 -23.55 28.45
CA TYR D 216 17.50 -23.69 29.88
C TYR D 216 17.55 -25.15 30.31
N ALA D 217 18.19 -26.03 29.53
CA ALA D 217 18.21 -27.47 29.82
C ALA D 217 18.80 -27.73 31.21
N ARG D 218 19.90 -27.05 31.51
CA ARG D 218 20.54 -27.10 32.85
C ARG D 218 19.50 -26.98 33.95
N ASP D 219 18.45 -26.19 33.72
CA ASP D 219 17.51 -25.78 34.79
C ASP D 219 16.16 -26.50 34.74
N PHE D 220 15.91 -27.37 33.78
CA PHE D 220 14.57 -27.97 33.70
C PHE D 220 14.31 -28.92 34.86
N ASP D 221 13.08 -28.88 35.35
CA ASP D 221 12.61 -29.90 36.30
C ASP D 221 12.45 -31.22 35.55
N PRO D 222 12.61 -32.36 36.25
CA PRO D 222 12.67 -33.65 35.56
C PRO D 222 11.48 -33.97 34.64
N ALA D 223 10.33 -33.33 34.85
CA ALA D 223 9.16 -33.56 33.98
C ALA D 223 9.45 -33.11 32.55
N VAL D 224 10.05 -31.94 32.40
CA VAL D 224 10.40 -31.43 31.05
C VAL D 224 11.51 -32.30 30.46
N THR D 225 12.42 -32.79 31.30
CA THR D 225 13.58 -33.54 30.79
C THR D 225 13.15 -34.87 30.17
N GLU D 226 12.25 -35.61 30.82
CA GLU D 226 11.73 -36.85 30.20
C GLU D 226 11.01 -36.51 28.89
N TYR D 227 10.00 -35.64 28.95
CA TYR D 227 9.12 -35.40 27.79
C TYR D 227 9.94 -35.05 26.55
N ILE D 228 10.88 -34.14 26.69
CA ILE D 228 11.75 -33.73 25.55
C ILE D 228 12.45 -34.97 24.98
N GLN D 229 13.05 -35.78 25.85
CA GLN D 229 13.77 -36.98 25.39
C GLN D 229 12.82 -37.98 24.75
N ARG D 230 11.54 -37.94 25.09
CA ARG D 230 10.55 -38.83 24.43
C ARG D 230 10.23 -38.31 23.02
N LYS D 231 10.68 -37.11 22.68
CA LYS D 231 10.37 -36.50 21.37
C LYS D 231 11.59 -36.57 20.46
N LYS D 232 12.78 -36.62 21.05
CA LYS D 232 14.02 -36.76 20.26
C LYS D 232 14.39 -38.24 20.23
N PHE D 233 13.96 -38.99 21.24
CA PHE D 233 14.20 -40.45 21.33
C PHE D 233 12.86 -41.12 21.59
N PRO D 234 11.96 -41.19 20.58
CA PRO D 234 10.64 -41.77 20.75
C PRO D 234 10.70 -43.23 21.19
N PRO D 235 10.05 -43.59 22.31
CA PRO D 235 9.97 -45.00 22.70
C PRO D 235 9.01 -45.77 21.81
N ASP D 236 8.09 -45.07 21.15
CA ASP D 236 7.03 -45.72 20.35
C ASP D 236 7.58 -46.18 19.00
N ASN D 237 8.91 -46.18 18.84
CA ASN D 237 9.58 -46.57 17.57
C ASN D 237 9.21 -45.53 16.50
N SER D 238 8.37 -44.54 16.83
CA SER D 238 7.88 -43.55 15.85
C SER D 238 8.99 -42.59 15.42
N ALA D 239 8.67 -41.69 14.50
CA ALA D 239 9.62 -40.66 14.05
C ALA D 239 9.79 -39.63 15.16
N PRO D 240 11.00 -39.06 15.33
CA PRO D 240 11.20 -37.96 16.28
C PRO D 240 10.48 -36.68 15.88
N TYR D 241 10.05 -35.90 16.86
CA TYR D 241 9.39 -34.59 16.60
C TYR D 241 10.41 -33.60 16.07
N GLY D 242 9.96 -32.75 15.15
CA GLY D 242 10.77 -31.61 14.70
C GLY D 242 10.76 -30.50 15.72
N ALA D 243 11.89 -29.83 15.87
CA ALA D 243 12.03 -28.73 16.84
C ALA D 243 11.88 -27.39 16.12
N ARG D 244 11.11 -26.49 16.72
CA ARG D 244 10.93 -25.13 16.21
C ARG D 244 10.81 -24.21 17.42
N TYR D 245 11.54 -23.10 17.41
CA TYR D 245 11.40 -22.10 18.48
C TYR D 245 11.75 -20.74 17.90
N VAL D 246 10.73 -19.95 17.61
CA VAL D 246 10.94 -18.61 17.02
C VAL D 246 11.47 -17.67 18.09
N GLY D 247 11.08 -17.86 19.35
CA GLY D 247 11.41 -16.90 20.40
C GLY D 247 10.43 -15.74 20.44
N SER D 248 9.28 -15.90 19.80
CA SER D 248 8.18 -14.91 19.86
C SER D 248 6.90 -15.71 20.04
N MET D 249 6.21 -15.49 21.14
CA MET D 249 5.11 -16.40 21.56
C MET D 249 4.03 -16.45 20.47
N VAL D 250 3.66 -15.31 19.92
CA VAL D 250 2.54 -15.26 18.94
C VAL D 250 2.89 -16.14 17.74
N ALA D 251 4.15 -16.17 17.35
CA ALA D 251 4.58 -16.99 16.19
C ALA D 251 4.57 -18.48 16.57
N ASP D 252 5.11 -18.81 17.72
CA ASP D 252 5.19 -20.23 18.15
C ASP D 252 3.80 -20.79 18.47
N VAL D 253 2.93 -19.97 19.02
CA VAL D 253 1.57 -20.44 19.38
C VAL D 253 0.74 -20.62 18.10
N HIS D 254 0.86 -19.70 17.16
CA HIS D 254 0.07 -19.79 15.91
C HIS D 254 0.50 -21.00 15.09
N ARG D 255 1.80 -21.21 14.95
CA ARG D 255 2.31 -22.43 14.30
C ARG D 255 1.73 -23.67 14.98
N THR D 256 1.70 -23.68 16.31
CA THR D 256 1.13 -24.79 17.07
C THR D 256 -0.37 -24.90 16.81
N LEU D 257 -1.03 -23.80 16.50
CA LEU D 257 -2.48 -23.87 16.17
C LEU D 257 -2.68 -24.37 14.75
N VAL D 258 -1.79 -24.04 13.83
CA VAL D 258 -1.97 -24.43 12.41
C VAL D 258 -1.45 -25.85 12.19
N TYR D 259 -0.26 -26.16 12.70
CA TYR D 259 0.39 -27.45 12.43
C TYR D 259 0.20 -28.44 13.59
N GLY D 260 -0.31 -27.99 14.73
CA GLY D 260 -0.42 -28.88 15.89
C GLY D 260 0.90 -29.04 16.59
N GLY D 261 0.86 -29.77 17.70
CA GLY D 261 2.07 -29.97 18.51
C GLY D 261 1.97 -29.26 19.83
N ILE D 262 3.11 -28.88 20.40
CA ILE D 262 3.15 -28.42 21.80
C ILE D 262 4.18 -27.31 21.93
N PHE D 263 3.79 -26.26 22.65
CA PHE D 263 4.68 -25.12 22.96
C PHE D 263 4.87 -25.11 24.47
N LEU D 264 6.11 -24.93 24.92
CA LEU D 264 6.38 -25.02 26.37
C LEU D 264 7.26 -23.85 26.84
N TYR D 265 6.81 -23.12 27.84
CA TYR D 265 7.70 -22.19 28.59
C TYR D 265 7.48 -22.61 30.04
N PRO D 266 8.23 -23.62 30.51
CA PRO D 266 7.96 -24.19 31.83
C PRO D 266 8.69 -23.55 33.01
N ALA D 267 8.44 -24.07 34.19
CA ALA D 267 9.08 -23.58 35.42
C ALA D 267 10.55 -24.03 35.44
N ASN D 268 11.48 -23.07 35.49
CA ASN D 268 12.94 -23.38 35.55
C ASN D 268 13.51 -22.73 36.83
N LYS D 269 14.79 -22.34 36.85
CA LYS D 269 15.35 -21.65 38.03
C LYS D 269 15.15 -20.14 37.87
N LYS D 270 15.93 -19.52 36.99
CA LYS D 270 15.67 -18.13 36.61
C LYS D 270 14.28 -18.05 35.99
N SER D 271 13.43 -17.20 36.55
CA SER D 271 11.98 -17.19 36.28
C SER D 271 11.40 -18.52 36.79
N PRO D 272 11.14 -18.64 38.11
CA PRO D 272 10.84 -19.94 38.69
C PRO D 272 9.39 -20.41 38.55
N ASN D 273 8.44 -19.48 38.47
CA ASN D 273 7.05 -19.87 38.14
C ASN D 273 6.74 -19.36 36.73
N GLY D 274 7.63 -19.65 35.79
CA GLY D 274 7.47 -19.24 34.40
C GLY D 274 7.93 -17.83 34.14
N LYS D 275 8.07 -17.51 32.86
CA LYS D 275 8.40 -16.14 32.41
C LYS D 275 7.16 -15.45 31.85
N LEU D 276 6.43 -16.13 30.99
CA LEU D 276 5.27 -15.51 30.31
C LEU D 276 4.22 -15.10 31.32
N ARG D 277 3.59 -13.96 31.08
CA ARG D 277 2.59 -13.41 32.01
C ARG D 277 1.22 -14.07 31.82
N LEU D 278 0.51 -14.22 32.92
CA LEU D 278 -0.81 -14.89 32.93
C LEU D 278 -1.84 -14.04 32.21
N LEU D 279 -2.01 -12.78 32.61
CA LEU D 279 -3.21 -12.02 32.20
C LEU D 279 -3.18 -11.65 30.72
N TYR D 280 -2.03 -11.36 30.15
CA TYR D 280 -1.99 -10.85 28.76
C TYR D 280 -1.13 -11.71 27.83
N GLU D 281 -0.71 -12.89 28.25
CA GLU D 281 0.00 -13.80 27.33
C GLU D 281 -0.55 -15.21 27.46
N CYS D 282 -0.58 -15.75 28.67
CA CYS D 282 -1.01 -17.14 28.89
C CYS D 282 -2.52 -17.27 28.69
N ASN D 283 -3.30 -16.54 29.47
CA ASN D 283 -4.77 -16.62 29.42
C ASN D 283 -5.32 -16.43 28.01
N PRO D 284 -4.90 -15.41 27.22
CA PRO D 284 -5.43 -15.30 25.86
C PRO D 284 -5.09 -16.46 24.93
N MET D 285 -3.88 -17.00 25.02
CA MET D 285 -3.52 -18.16 24.17
C MET D 285 -4.17 -19.43 24.72
N ALA D 286 -4.44 -19.48 26.03
CA ALA D 286 -5.12 -20.64 26.62
C ALA D 286 -6.58 -20.66 26.18
N TYR D 287 -7.19 -19.50 26.00
CA TYR D 287 -8.58 -19.42 25.53
C TYR D 287 -8.64 -19.78 24.05
N VAL D 288 -7.70 -19.29 23.27
CA VAL D 288 -7.63 -19.66 21.83
C VAL D 288 -7.41 -21.17 21.70
N MET D 289 -6.52 -21.71 22.53
CA MET D 289 -6.21 -23.15 22.46
C MET D 289 -7.44 -23.97 22.83
N GLU D 290 -8.05 -23.68 23.96
CA GLU D 290 -9.18 -24.52 24.44
C GLU D 290 -10.38 -24.38 23.52
N LYS D 291 -10.61 -23.20 22.97
CA LYS D 291 -11.73 -23.03 22.02
C LYS D 291 -11.44 -23.70 20.68
N ALA D 292 -10.21 -24.11 20.43
CA ALA D 292 -9.83 -24.81 19.19
C ALA D 292 -9.62 -26.30 19.45
N GLY D 293 -10.08 -26.82 20.57
CA GLY D 293 -9.97 -28.25 20.88
C GLY D 293 -8.66 -28.65 21.52
N GLY D 294 -7.87 -27.68 21.99
CA GLY D 294 -6.57 -27.95 22.60
C GLY D 294 -6.55 -27.67 24.08
N MET D 295 -5.39 -27.88 24.67
CA MET D 295 -5.23 -27.75 26.14
C MET D 295 -4.08 -26.81 26.45
N ALA D 296 -4.18 -26.18 27.61
CA ALA D 296 -3.12 -25.30 28.15
C ALA D 296 -3.09 -25.48 29.67
N THR D 297 -1.91 -25.72 30.21
CA THR D 297 -1.77 -26.02 31.64
C THR D 297 -0.53 -25.33 32.19
N THR D 298 -0.49 -25.25 33.51
CA THR D 298 0.73 -24.89 34.25
C THR D 298 1.48 -26.14 34.70
N GLY D 299 0.98 -27.32 34.36
CA GLY D 299 1.44 -28.58 34.96
C GLY D 299 0.56 -28.95 36.13
N LYS D 300 0.30 -28.00 37.01
CA LYS D 300 -0.53 -28.20 38.22
C LYS D 300 -2.01 -28.05 37.89
N GLU D 301 -2.34 -26.99 37.15
CA GLU D 301 -3.75 -26.59 36.92
C GLU D 301 -3.87 -26.09 35.49
N ALA D 302 -5.12 -25.93 35.04
CA ALA D 302 -5.37 -25.29 33.74
C ALA D 302 -5.07 -23.80 33.86
N VAL D 303 -4.51 -23.22 32.81
CA VAL D 303 -4.10 -21.80 32.84
C VAL D 303 -5.33 -20.93 33.13
N LEU D 304 -6.45 -21.23 32.51
CA LEU D 304 -7.69 -20.44 32.71
C LEU D 304 -8.17 -20.54 34.15
N ASP D 305 -7.68 -21.52 34.89
CA ASP D 305 -8.12 -21.79 36.28
C ASP D 305 -7.37 -20.97 37.32
N VAL D 306 -6.26 -20.35 36.96
CA VAL D 306 -5.46 -19.63 37.95
C VAL D 306 -6.19 -18.34 38.32
N ILE D 307 -6.48 -18.18 39.60
CA ILE D 307 -6.94 -16.89 40.16
C ILE D 307 -5.72 -16.00 40.21
N PRO D 308 -5.70 -14.83 39.55
CA PRO D 308 -4.57 -13.93 39.67
C PRO D 308 -4.57 -13.16 41.00
N THR D 309 -3.37 -12.76 41.40
CA THR D 309 -3.18 -11.85 42.55
C THR D 309 -2.47 -10.56 42.14
N ASP D 310 -1.71 -10.58 41.05
CA ASP D 310 -1.03 -9.39 40.51
C ASP D 310 -1.30 -9.33 39.02
N ILE D 311 -1.29 -8.14 38.45
CA ILE D 311 -1.61 -8.00 37.01
C ILE D 311 -0.39 -8.34 36.14
N HIS D 312 0.81 -8.33 36.70
CA HIS D 312 2.02 -8.75 35.97
C HIS D 312 2.51 -10.11 36.46
N GLN D 313 1.65 -10.86 37.12
CA GLN D 313 1.98 -12.23 37.60
C GLN D 313 2.44 -13.10 36.42
N ARG D 314 3.44 -13.93 36.68
CA ARG D 314 3.95 -14.87 35.67
C ARG D 314 3.38 -16.26 35.92
N ALA D 315 3.44 -17.11 34.90
CA ALA D 315 2.88 -18.46 35.02
C ALA D 315 3.60 -19.43 34.08
N PRO D 316 3.80 -20.68 34.50
CA PRO D 316 4.28 -21.71 33.58
C PRO D 316 3.18 -21.98 32.57
N VAL D 317 3.57 -22.34 31.36
CA VAL D 317 2.57 -22.59 30.29
C VAL D 317 3.06 -23.74 29.41
N ILE D 318 2.15 -24.67 29.17
CA ILE D 318 2.32 -25.78 28.20
C ILE D 318 1.00 -25.92 27.47
N LEU D 319 1.02 -25.78 26.16
CA LEU D 319 -0.25 -25.75 25.38
C LEU D 319 -0.11 -26.50 24.08
N GLY D 320 -1.24 -26.70 23.43
CA GLY D 320 -1.26 -27.24 22.06
C GLY D 320 -2.20 -28.39 21.84
N SER D 321 -1.75 -29.37 21.06
CA SER D 321 -2.58 -30.52 20.70
C SER D 321 -2.93 -31.31 21.96
N PRO D 322 -4.18 -31.77 22.11
CA PRO D 322 -4.60 -32.39 23.37
C PRO D 322 -3.84 -33.68 23.70
N ASP D 323 -3.66 -34.55 22.72
CA ASP D 323 -2.87 -35.79 22.95
C ASP D 323 -1.46 -35.43 23.44
N ASP D 324 -0.88 -34.37 22.90
CA ASP D 324 0.49 -33.99 23.28
C ASP D 324 0.53 -33.40 24.69
N VAL D 325 -0.41 -32.53 25.01
CA VAL D 325 -0.43 -31.89 26.35
C VAL D 325 -0.70 -32.96 27.41
N LEU D 326 -1.57 -33.92 27.09
CA LEU D 326 -1.87 -34.99 28.06
C LEU D 326 -0.66 -35.90 28.24
N GLU D 327 0.07 -36.16 27.15
CA GLU D 327 1.28 -37.00 27.21
C GLU D 327 2.30 -36.37 28.18
N PHE D 328 2.44 -35.05 28.12
CA PHE D 328 3.27 -34.33 29.10
C PHE D 328 2.67 -34.44 30.50
N LEU D 329 1.36 -34.27 30.60
CA LEU D 329 0.70 -34.23 31.93
C LEU D 329 0.75 -35.59 32.62
N LYS D 330 0.88 -36.69 31.89
CA LYS D 330 1.13 -37.98 32.55
C LYS D 330 2.59 -38.06 32.99
N VAL D 331 3.49 -37.38 32.29
CA VAL D 331 4.92 -37.37 32.68
C VAL D 331 5.11 -36.47 33.90
N TYR D 332 4.44 -35.32 33.93
CA TYR D 332 4.52 -34.41 35.09
C TYR D 332 4.00 -35.11 36.35
N GLU D 333 2.95 -35.92 36.22
CA GLU D 333 2.30 -36.55 37.38
C GLU D 333 3.16 -37.69 37.94
N LYS D 334 4.27 -38.03 37.32
CA LYS D 334 5.25 -38.97 37.94
C LYS D 334 6.17 -38.21 38.89
N HIS D 335 6.42 -36.94 38.63
CA HIS D 335 7.38 -36.14 39.42
C HIS D 335 6.65 -35.01 40.14
N SER D 336 5.66 -35.35 40.95
CA SER D 336 4.82 -34.35 41.64
C SER D 336 5.00 -34.44 43.15
N ALA D 337 3.94 -34.13 43.88
CA ALA D 337 3.95 -34.18 45.34
C ALA D 337 2.50 -34.31 45.85
P1 FBP E . -1.35 26.47 -9.36
O1P FBP E . -1.18 27.94 -9.08
O2P FBP E . -2.70 26.06 -8.93
O3P FBP E . -0.34 25.65 -8.59
O1 FBP E . -1.17 26.18 -10.97
C1 FBP E . -1.59 27.15 -11.89
C2 FBP E . -2.90 26.74 -12.51
O2 FBP E . -3.80 26.30 -11.59
C3 FBP E . -2.67 25.62 -13.71
O3 FBP E . -2.44 24.30 -13.13
C4 FBP E . -3.74 25.65 -14.36
O4 FBP E . -3.55 25.20 -15.77
C5 FBP E . -4.11 27.18 -14.37
O5 FBP E . -3.39 27.76 -13.14
C6 FBP E . -5.47 27.34 -14.28
O6 FBP E . -5.71 28.74 -14.30
P2 FBP E . -7.24 29.29 -14.13
O4P FBP E . -8.11 28.60 -15.13
O5P FBP E . -7.70 29.03 -12.70
O6P FBP E . -7.26 30.75 -14.39
C10 0GI F . 24.52 10.83 -20.65
C13 0GI F . 19.75 10.09 -23.65
C15 0GI F . 19.18 12.52 -23.67
C1 0GI F . 20.23 9.81 -22.24
C2 0GI F . 19.44 9.19 -21.30
C3 0GI F . 19.93 8.95 -20.03
C4 0GI F . 21.25 9.33 -19.73
C5 0GI F . 22.03 9.93 -20.67
C6 0GI F . 21.52 10.15 -21.93
C7 0GI F . 23.17 9.73 -18.79
C8 0GI F . 23.27 10.18 -20.07
C9 0GI F . 24.30 9.78 -17.78
C11 0GI F . 24.30 12.29 -21.04
C12 0GI F . 24.13 12.44 -22.55
C14 0GI F . 18.65 11.11 -23.77
C16 0GI F . 17.98 10.87 -25.11
N1 0GI F . 21.97 9.23 -18.61
N2 0GI F . 19.06 8.33 -19.06
O1 0GI F . 25.10 8.82 -17.73
O2 0GI F . 24.44 10.77 -17.03
O3 0GI F . 23.17 13.10 -23.03
O4 0GI F . 24.93 11.89 -23.35
O5 0GI F . 19.49 8.08 -17.76
O6 0GI F . 17.76 7.96 -19.40
P1 FBP G . -19.97 8.03 -17.88
O1P FBP G . -18.62 8.59 -18.16
O2P FBP G . -20.02 7.59 -16.43
O3P FBP G . -20.18 6.86 -18.81
O1 FBP G . -21.13 9.17 -18.15
C1 FBP G . -21.33 10.16 -17.19
C2 FBP G . -20.60 11.42 -17.54
O2 FBP G . -19.29 11.20 -17.86
C3 FBP G . -20.70 12.49 -16.29
O3 FBP G . -19.75 12.07 -15.27
C4 FBP G . -20.39 13.58 -16.80
O4 FBP G . -20.96 14.71 -16.02
C5 FBP G . -21.02 13.51 -18.23
O5 FBP G . -21.19 12.02 -18.51
C6 FBP G . -20.21 14.06 -19.19
O6 FBP G . -20.94 13.95 -20.39
P2 FBP G . -20.41 14.64 -21.76
O4P FBP G . -19.11 13.98 -22.20
O5P FBP G . -20.14 16.09 -21.52
O6P FBP G . -21.48 14.45 -22.81
C10 0GI H . -31.94 3.05 11.40
C13 0GI H . -30.20 8.17 9.95
C15 0GI H . -29.85 10.60 10.01
C1 0GI H . -29.61 6.78 10.16
C2 0GI H . -28.26 6.54 9.97
C3 0GI H . -27.75 5.28 10.14
C4 0GI H . -28.59 4.24 10.52
C5 0GI H . -29.92 4.48 10.71
C6 0GI H . -30.44 5.75 10.53
C7 0GI H . -29.46 2.33 11.07
C8 0GI H . -30.49 3.25 11.08
C9 0GI H . -29.48 0.86 11.40
C11 0GI H . -32.70 2.40 10.26
C12 0GI H . -33.52 3.41 9.47
C14 0GI H . -29.41 9.29 10.63
C16 0GI H . -29.63 9.33 12.14
N1 0GI H . -28.36 2.95 10.75
N2 0GI H . -26.34 5.03 9.91
O1 0GI H . -30.27 0.06 10.85
O2 0GI H . -28.66 0.46 12.25
O3 0GI H . -34.68 3.73 9.89
O4 0GI H . -33.06 3.92 8.43
O5 0GI H . -25.92 3.76 9.52
O6 0GI H . -25.40 6.05 10.05
P1 FBP I . 12.12 -25.25 2.01
O1P FBP I . 12.41 -24.03 1.18
O2P FBP I . 11.19 -24.84 3.09
O3P FBP I . 11.44 -26.34 1.20
O1 FBP I . 13.48 -25.88 2.70
C1 FBP I . 14.43 -25.03 3.29
C2 FBP I . 14.28 -24.98 4.79
O2 FBP I . 13.01 -24.64 5.17
C3 FBP I . 15.36 -23.88 5.37
O3 FBP I . 14.83 -22.54 5.23
C4 FBP I . 15.50 -24.20 6.58
O4 FBP I . 16.84 -23.77 7.07
C5 FBP I . 15.37 -25.77 6.59
O5 FBP I . 14.60 -26.11 5.31
C6 FBP I . 14.69 -26.21 7.69
O6 FBP I . 14.91 -27.61 7.79
P2 FBP I . 14.11 -28.52 8.91
O4P FBP I . 14.48 -29.94 8.72
O5P FBP I . 12.64 -28.35 8.64
O6P FBP I . 14.46 -28.10 10.31
C10 0GI J . 31.29 -2.94 -12.33
C13 0GI J . 31.76 -3.31 -6.82
C15 0GI J . 31.77 -5.78 -6.33
C1 0GI J . 30.65 -3.09 -7.82
C2 0GI J . 29.33 -2.88 -7.42
C3 0GI J . 28.34 -2.66 -8.37
C4 0GI J . 28.69 -2.64 -9.73
C5 0GI J . 30.00 -2.84 -10.10
C6 0GI J . 30.98 -3.06 -9.15
C7 0GI J . 28.73 -2.54 -11.89
C8 0GI J . 30.04 -2.78 -11.48
C9 0GI J . 28.21 -2.35 -13.29
C11 0GI J . 31.25 -4.19 -13.23
C12 0GI J . 32.26 -5.26 -12.88
C14 0GI J . 31.45 -4.39 -5.80
C16 0GI J . 32.27 -4.07 -4.55
N1 0GI J . 27.97 -2.45 -10.83
N2 0GI J . 26.96 -2.45 -7.93
O1 0GI J . 28.14 -3.28 -14.13
O2 0GI J . 27.85 -1.20 -13.59
O3 0GI J . 32.08 -5.99 -11.86
O4 0GI J . 33.25 -5.42 -13.61
O5 0GI J . 25.86 -2.64 -8.79
O6 0GI J . 26.70 -2.10 -6.61
P1 FBP K . 9.16 -9.80 24.74
O1P FBP K . 10.16 -10.03 23.67
O2P FBP K . 8.33 -8.57 24.38
O3P FBP K . 9.86 -9.58 26.05
O1 FBP K . 8.18 -11.12 24.82
C1 FBP K . 8.56 -12.20 25.64
C2 FBP K . 9.22 -13.29 24.85
O2 FBP K . 9.95 -12.82 23.78
C3 FBP K . 8.09 -14.41 24.35
O3 FBP K . 7.41 -13.88 23.18
C4 FBP K . 8.78 -15.42 24.08
O4 FBP K . 7.95 -16.67 24.22
C5 FBP K . 9.86 -15.42 25.22
O5 FBP K . 10.01 -13.95 25.62
C6 FBP K . 11.07 -15.91 24.80
O6 FBP K . 11.88 -15.93 25.94
P2 FBP K . 13.31 -16.72 25.94
O4P FBP K . 14.38 -15.78 25.42
O5P FBP K . 13.23 -17.97 25.12
O6P FBP K . 13.66 -17.08 27.34
C10 0GI L . -23.32 -8.83 22.75
C13 0GI L . -20.94 -13.50 20.59
C15 0GI L . -19.17 -13.70 22.44
C1 0GI L . -20.82 -11.99 20.47
C2 0GI L . -19.92 -11.42 19.58
C3 0GI L . -19.84 -10.05 19.45
C4 0GI L . -20.66 -9.24 20.22
C5 0GI L . -21.56 -9.81 21.09
C6 0GI L . -21.64 -11.18 21.21
C7 0GI L . -21.70 -7.59 21.17
C8 0GI L . -22.24 -8.74 21.70
C9 0GI L . -22.12 -6.20 21.50
C11 0GI L . -22.67 -8.88 24.12
C12 0GI L . -23.66 -9.01 25.28
C14 0GI L . -19.71 -14.23 21.11
C16 0GI L . -20.13 -15.70 21.27
N1 0GI L . -20.79 -7.92 20.29
N2 0GI L . -18.88 -9.51 18.53
O1 0GI L . -22.80 -5.62 20.64
O2 0GI L . -21.82 -5.63 22.57
O3 0GI L . -23.30 -8.70 26.44
O4 0GI L . -24.85 -9.43 25.10
O5 0GI L . -18.46 -8.17 18.61
O6 0GI L . -18.32 -10.31 17.55
#